data_8F7T
#
_entry.id   8F7T
#
_cell.length_a   1.00
_cell.length_b   1.00
_cell.length_c   1.00
_cell.angle_alpha   90.00
_cell.angle_beta   90.00
_cell.angle_gamma   90.00
#
_symmetry.space_group_name_H-M   'P 1'
#
loop_
_entity.id
_entity.type
_entity.pdbx_description
1 polymer 'HIV-1 Env gp41'
2 polymer 'HIV-1 Env gp120'
3 branched 2-acetamido-2-deoxy-beta-D-glucopyranose-(1-6)-2-acetamido-2-deoxy-beta-D-glucopyranose
4 non-polymer 2-acetamido-2-deoxy-beta-D-glucopyranose
#
loop_
_entity_poly.entity_id
_entity_poly.type
_entity_poly.pdbx_seq_one_letter_code
_entity_poly.pdbx_strand_id
1 'polypeptide(L)'
;AVGLGAVFLGFLGAAGSTMGAASNTLTVQARQLLSGIVQQQSNLLRAPEAQQHMLQLGVWGFKQLQARVLAIERYLEVQQ
LLGIWGCSGKLICCTAVPWNSTWSNKTQEDIWDNMTWMQWDREISNYTDTIYRLLEESQFQQEINEKDNLTLPNST
;
A,B,D
2 'polypeptide(L)'
;NSTAENLWVTVYYGVPVWKEAKTTLFCASDAKAYEKEVHNVWATHACVPTDPNPQEMVLENVTENFNMWKNDMVDQMHED
IISLWDQSLKPCVKLTPLCVTLNCTNVNVTNTNNNNMKEEMKNCSFNTTTEIRDKKQKEYALFYRLDIVPLNENSSEYRL
INCNTSTCTQICPKVSFDPIPIHYCAPAGYAILKCNNKTFNGTGPCNNVSTVQCTHGIKPVVSTQLLLNGSLAEEEIIIR
SENLTDNAKTIIVHLNESVEINCTRPNNMTRKSIRIGPGQTFYALGDIIGDIRQPHCNISEAKWNKTLQRVKKKLKEHFP
NKTIKFAPSSGGDLEITTHSFNCRGEFFYCNTSKLFNSTYNNTTSNSTITLPCRIKQIINMWQEVGRCMYAPPIAGNITC
KSNITGLLLTRDGGNNNNNTETFRPGGGDMRDNWRSELYKYKVVEIKPLGIAPTKCNRTVVENSTHKNLTHHMRRRRRR
;
C,E,G
#
loop_
_chem_comp.id
_chem_comp.type
_chem_comp.name
_chem_comp.formula
NAG D-saccharide, beta linking 2-acetamido-2-deoxy-beta-D-glucopyranose 'C8 H15 N O6'
#
# COMPACT_ATOMS: atom_id res chain seq x y z
N PHE A 11 26.78 10.09 -15.30
CA PHE A 11 27.39 8.92 -14.69
C PHE A 11 27.78 7.88 -15.73
N LEU A 12 28.78 7.05 -15.38
CA LEU A 12 29.44 6.14 -16.32
C LEU A 12 29.92 6.90 -17.56
N GLY A 13 30.90 7.76 -17.31
CA GLY A 13 31.44 8.67 -18.30
C GLY A 13 32.71 8.10 -18.90
N ALA A 14 33.85 8.51 -18.39
CA ALA A 14 35.13 8.08 -18.94
C ALA A 14 35.42 6.61 -18.70
N ALA A 15 34.42 5.83 -18.29
CA ALA A 15 34.55 4.39 -18.06
C ALA A 15 35.44 3.71 -19.08
N GLY A 16 35.37 4.15 -20.33
CA GLY A 16 36.25 3.62 -21.36
C GLY A 16 37.66 4.16 -21.31
N SER A 17 37.87 5.30 -20.65
CA SER A 17 39.20 5.88 -20.60
C SER A 17 40.04 5.19 -19.53
N THR A 18 41.28 5.64 -19.38
CA THR A 18 42.20 5.01 -18.46
C THR A 18 41.84 5.36 -17.01
N MET A 19 42.52 4.69 -16.08
CA MET A 19 42.29 4.94 -14.66
C MET A 19 42.59 6.38 -14.31
N GLY A 20 43.72 6.91 -14.79
CA GLY A 20 44.05 8.29 -14.53
C GLY A 20 43.07 9.26 -15.15
N ALA A 21 42.65 9.00 -16.39
CA ALA A 21 41.66 9.85 -17.03
C ALA A 21 40.33 9.80 -16.28
N ALA A 22 39.92 8.61 -15.84
CA ALA A 22 38.69 8.48 -15.07
C ALA A 22 38.79 9.19 -13.73
N SER A 23 40.00 9.27 -13.17
CA SER A 23 40.18 9.93 -11.88
C SER A 23 39.91 11.43 -11.94
N ASN A 24 39.80 12.01 -13.14
CA ASN A 24 39.57 13.44 -13.29
C ASN A 24 38.12 13.80 -13.56
N THR A 25 37.31 12.85 -14.01
CA THR A 25 35.93 13.13 -14.42
C THR A 25 34.92 12.35 -13.55
N LEU A 26 35.23 12.18 -12.28
CA LEU A 26 34.35 11.45 -11.37
C LEU A 26 33.27 12.32 -10.75
N THR A 27 33.20 13.60 -11.11
CA THR A 27 32.23 14.49 -10.48
C THR A 27 30.80 14.16 -10.89
N VAL A 28 30.59 13.68 -12.12
CA VAL A 28 29.24 13.47 -12.62
C VAL A 28 28.57 12.30 -11.92
N GLN A 29 29.32 11.23 -11.65
CA GLN A 29 28.76 10.10 -10.92
C GLN A 29 28.36 10.50 -9.51
N ALA A 30 29.19 11.31 -8.86
CA ALA A 30 28.86 11.80 -7.52
C ALA A 30 27.64 12.71 -7.55
N ARG A 31 27.52 13.53 -8.59
CA ARG A 31 26.41 14.48 -8.68
C ARG A 31 25.09 13.76 -8.93
N GLN A 32 25.01 13.01 -10.04
CA GLN A 32 23.76 12.36 -10.44
C GLN A 32 23.62 11.03 -9.70
N LEU A 33 23.36 11.14 -8.39
CA LEU A 33 23.06 9.98 -7.58
C LEU A 33 21.75 10.09 -6.81
N LEU A 34 21.23 11.31 -6.62
CA LEU A 34 19.94 11.51 -5.98
C LEU A 34 18.84 11.89 -6.96
N SER A 35 19.17 12.02 -8.25
CA SER A 35 18.17 12.25 -9.30
C SER A 35 18.57 11.49 -10.55
N GLY A 36 17.89 11.76 -11.67
CA GLY A 36 18.13 11.07 -12.92
C GLY A 36 19.16 11.77 -13.79
N ILE A 37 19.08 11.52 -15.10
CA ILE A 37 19.96 12.16 -16.07
C ILE A 37 19.30 13.50 -16.44
N VAL A 38 19.66 14.54 -15.70
CA VAL A 38 19.15 15.87 -15.99
C VAL A 38 20.30 16.88 -15.93
N LEU A 57 -3.92 2.13 -5.02
CA LEU A 57 -3.06 2.95 -5.88
C LEU A 57 -1.91 2.11 -6.43
N GLY A 58 -2.16 0.81 -6.56
CA GLY A 58 -1.12 -0.12 -6.94
C GLY A 58 -0.83 -0.17 -8.42
N VAL A 59 -1.36 0.80 -9.19
CA VAL A 59 -1.11 0.84 -10.62
C VAL A 59 0.38 1.10 -10.88
N TRP A 60 0.84 2.30 -10.52
CA TRP A 60 2.24 2.68 -10.61
C TRP A 60 2.77 3.38 -9.38
N GLY A 61 1.92 3.84 -8.46
CA GLY A 61 2.41 4.64 -7.35
C GLY A 61 3.36 3.87 -6.46
N PHE A 62 3.01 2.62 -6.14
CA PHE A 62 3.86 1.81 -5.28
C PHE A 62 5.17 1.51 -5.97
N LYS A 63 5.17 1.40 -7.29
CA LYS A 63 6.39 1.14 -8.04
C LYS A 63 7.39 2.27 -7.88
N GLN A 64 6.96 3.50 -8.14
CA GLN A 64 7.88 4.63 -7.99
C GLN A 64 8.21 4.91 -6.52
N LEU A 65 7.29 4.62 -5.60
CA LEU A 65 7.60 4.79 -4.19
C LEU A 65 8.71 3.83 -3.75
N GLN A 66 8.60 2.56 -4.16
CA GLN A 66 9.64 1.61 -3.83
C GLN A 66 10.95 1.98 -4.51
N ALA A 67 10.87 2.49 -5.75
CA ALA A 67 12.08 2.92 -6.44
C ALA A 67 12.77 4.05 -5.70
N ARG A 68 12.02 5.05 -5.26
CA ARG A 68 12.63 6.19 -4.62
C ARG A 68 12.99 5.93 -3.16
N VAL A 69 12.48 4.85 -2.57
CA VAL A 69 13.04 4.40 -1.30
C VAL A 69 14.37 3.68 -1.53
N LEU A 70 14.44 2.86 -2.58
CA LEU A 70 15.69 2.18 -2.89
C LEU A 70 16.80 3.16 -3.23
N ALA A 71 16.46 4.23 -3.96
CA ALA A 71 17.46 5.24 -4.30
C ALA A 71 18.09 5.85 -3.06
N ILE A 72 17.25 6.29 -2.12
CA ILE A 72 17.82 6.93 -0.93
C ILE A 72 18.54 5.91 -0.06
N GLU A 73 18.08 4.66 -0.02
CA GLU A 73 18.82 3.67 0.76
C GLU A 73 20.21 3.43 0.17
N ARG A 74 20.30 3.38 -1.16
CA ARG A 74 21.62 3.23 -1.77
C ARG A 74 22.52 4.42 -1.47
N TYR A 75 21.97 5.63 -1.60
CA TYR A 75 22.78 6.81 -1.32
C TYR A 75 23.25 6.82 0.13
N LEU A 76 22.37 6.45 1.06
CA LEU A 76 22.75 6.44 2.47
C LEU A 76 23.76 5.35 2.78
N GLU A 77 23.69 4.20 2.10
CA GLU A 77 24.70 3.17 2.32
C GLU A 77 26.06 3.66 1.86
N VAL A 78 26.11 4.36 0.73
CA VAL A 78 27.38 4.92 0.29
C VAL A 78 27.89 5.94 1.31
N GLN A 79 26.99 6.79 1.82
CA GLN A 79 27.39 7.79 2.80
C GLN A 79 27.93 7.13 4.06
N GLN A 80 27.28 6.06 4.51
CA GLN A 80 27.77 5.34 5.70
C GLN A 80 29.15 4.76 5.46
N LEU A 81 29.35 4.11 4.32
CA LEU A 81 30.66 3.52 4.04
C LEU A 81 31.74 4.59 3.96
N LEU A 82 31.41 5.76 3.41
CA LEU A 82 32.39 6.83 3.39
C LEU A 82 32.63 7.40 4.79
N GLY A 83 31.59 7.46 5.61
CA GLY A 83 31.75 8.06 6.93
C GLY A 83 32.59 7.21 7.86
N ILE A 84 32.35 5.89 7.87
CA ILE A 84 33.11 5.05 8.78
C ILE A 84 34.56 4.91 8.35
N TRP A 85 34.92 5.46 7.19
CA TRP A 85 36.32 5.61 6.82
C TRP A 85 36.70 7.07 6.99
N GLY A 86 37.96 7.38 6.73
CA GLY A 86 38.43 8.75 6.86
C GLY A 86 38.13 9.60 5.63
N CYS A 87 36.97 9.38 5.01
CA CYS A 87 36.61 10.06 3.77
C CYS A 87 35.19 10.61 3.80
N SER A 88 34.69 10.98 4.96
CA SER A 88 33.32 11.47 5.07
C SER A 88 33.22 12.85 4.42
N GLY A 89 32.57 12.91 3.25
CA GLY A 89 32.37 14.17 2.57
C GLY A 89 33.46 14.59 1.61
N LYS A 90 34.29 13.66 1.16
CA LYS A 90 35.37 13.98 0.23
C LYS A 90 35.27 13.11 -1.00
N LEU A 91 35.37 13.72 -2.19
CA LEU A 91 35.42 12.93 -3.41
C LEU A 91 36.76 12.22 -3.56
N ILE A 92 37.85 12.93 -3.27
CA ILE A 92 39.17 12.34 -3.24
C ILE A 92 39.53 12.03 -1.79
N CYS A 93 40.21 10.91 -1.58
CA CYS A 93 40.58 10.51 -0.23
C CYS A 93 41.91 9.79 -0.25
N CYS A 94 42.65 9.90 0.84
CA CYS A 94 43.87 9.15 1.07
C CYS A 94 43.77 8.43 2.41
N THR A 95 44.49 7.33 2.54
CA THR A 95 44.46 6.52 3.74
C THR A 95 45.88 6.21 4.17
N ALA A 96 46.02 5.75 5.42
CA ALA A 96 47.33 5.50 5.99
C ALA A 96 47.82 4.08 5.68
N VAL A 97 46.89 3.18 5.37
CA VAL A 97 47.23 1.78 5.16
C VAL A 97 47.84 1.57 3.77
N PRO A 98 49.05 1.03 3.70
CA PRO A 98 49.57 0.55 2.41
C PRO A 98 49.23 -0.92 2.22
N TRP A 99 48.78 -1.31 1.03
CA TRP A 99 48.33 -2.68 0.85
C TRP A 99 49.50 -3.62 0.56
N ASN A 100 49.24 -4.91 0.72
CA ASN A 100 50.22 -5.95 0.42
C ASN A 100 50.35 -6.12 -1.10
N SER A 101 51.50 -6.66 -1.52
CA SER A 101 51.79 -6.87 -2.93
C SER A 101 50.95 -7.97 -3.54
N THR A 102 50.51 -8.92 -2.71
CA THR A 102 49.84 -10.13 -3.20
C THR A 102 48.61 -9.80 -4.04
N TRP A 103 47.90 -8.74 -3.67
CA TRP A 103 46.71 -8.36 -4.41
C TRP A 103 47.04 -7.93 -5.83
N SER A 104 48.11 -7.16 -5.99
CA SER A 104 48.54 -6.72 -7.31
C SER A 104 49.98 -6.25 -7.24
N ASN A 105 50.76 -6.65 -8.23
CA ASN A 105 52.15 -6.22 -8.36
C ASN A 105 52.37 -5.39 -9.62
N LYS A 106 51.30 -4.89 -10.22
CA LYS A 106 51.41 -4.11 -11.45
C LYS A 106 52.05 -2.75 -11.16
N THR A 107 52.76 -2.23 -12.16
CA THR A 107 53.42 -0.94 -12.01
C THR A 107 52.41 0.19 -12.05
N GLN A 108 52.76 1.30 -11.41
CA GLN A 108 51.83 2.41 -11.25
C GLN A 108 51.45 3.03 -12.59
N GLU A 109 52.45 3.33 -13.43
CA GLU A 109 52.19 3.97 -14.70
C GLU A 109 51.36 3.08 -15.62
N ASP A 110 51.63 1.79 -15.62
CA ASP A 110 50.78 0.86 -16.36
C ASP A 110 49.36 0.85 -15.79
N ILE A 111 49.24 0.83 -14.47
CA ILE A 111 47.92 0.73 -13.83
C ILE A 111 47.06 1.91 -14.21
N TRP A 112 47.62 3.12 -14.12
CA TRP A 112 46.82 4.33 -14.26
C TRP A 112 46.74 4.85 -15.70
N ASP A 113 47.31 4.13 -16.67
CA ASP A 113 47.30 4.61 -18.04
C ASP A 113 47.03 3.52 -19.08
N ASN A 114 46.66 2.32 -18.67
CA ASN A 114 46.49 1.25 -19.66
C ASN A 114 45.13 0.56 -19.60
N MET A 115 44.61 0.34 -18.40
CA MET A 115 43.34 -0.37 -18.24
C MET A 115 42.27 0.55 -17.66
N THR A 116 41.09 -0.01 -17.45
CA THR A 116 39.93 0.70 -16.95
C THR A 116 39.61 0.25 -15.52
N TRP A 117 38.63 0.91 -14.92
CA TRP A 117 38.30 0.64 -13.53
C TRP A 117 37.69 -0.75 -13.35
N MET A 118 36.93 -1.23 -14.34
CA MET A 118 36.22 -2.50 -14.19
C MET A 118 37.16 -3.69 -14.12
N GLN A 119 38.10 -3.78 -15.06
CA GLN A 119 39.04 -4.89 -15.01
C GLN A 119 39.92 -4.80 -13.78
N TRP A 120 40.20 -3.59 -13.31
CA TRP A 120 40.90 -3.43 -12.05
C TRP A 120 40.10 -4.02 -10.90
N ASP A 121 38.79 -3.73 -10.87
CA ASP A 121 37.94 -4.32 -9.84
C ASP A 121 37.92 -5.84 -9.95
N ARG A 122 37.79 -6.36 -11.17
CA ARG A 122 37.75 -7.80 -11.38
C ARG A 122 39.03 -8.45 -10.88
N GLU A 123 40.17 -7.77 -11.08
CA GLU A 123 41.42 -8.25 -10.49
C GLU A 123 41.37 -8.19 -8.97
N ILE A 124 40.77 -7.14 -8.41
CA ILE A 124 40.75 -6.96 -6.96
C ILE A 124 39.52 -7.57 -6.30
N SER A 125 38.43 -7.79 -7.03
CA SER A 125 37.14 -8.22 -6.49
C SER A 125 37.25 -9.34 -5.47
N ASN A 126 38.24 -10.22 -5.63
CA ASN A 126 38.45 -11.28 -4.65
C ASN A 126 38.97 -10.74 -3.32
N TYR A 127 39.39 -9.48 -3.27
CA TYR A 127 39.98 -8.90 -2.07
C TYR A 127 39.23 -7.69 -1.53
N THR A 128 38.10 -7.31 -2.14
CA THR A 128 37.43 -6.07 -1.73
C THR A 128 36.97 -6.13 -0.28
N ASP A 129 36.45 -7.28 0.15
CA ASP A 129 35.96 -7.40 1.52
C ASP A 129 37.09 -7.22 2.52
N THR A 130 38.25 -7.81 2.23
CA THR A 130 39.37 -7.76 3.18
C THR A 130 39.84 -6.33 3.40
N ILE A 131 39.92 -5.53 2.32
CA ILE A 131 40.42 -4.18 2.45
C ILE A 131 39.44 -3.31 3.22
N TYR A 132 38.14 -3.51 3.02
CA TYR A 132 37.15 -2.74 3.76
C TYR A 132 37.30 -2.98 5.26
N ARG A 133 37.47 -4.24 5.65
CA ARG A 133 37.77 -4.54 7.05
C ARG A 133 39.08 -3.90 7.47
N LEU A 134 40.09 -3.96 6.59
CA LEU A 134 41.35 -3.28 6.88
C LEU A 134 41.15 -1.77 6.93
N LEU A 135 40.28 -1.24 6.08
CA LEU A 135 40.00 0.20 6.10
C LEU A 135 39.38 0.62 7.42
N GLU A 136 38.36 -0.11 7.88
CA GLU A 136 37.63 0.33 9.05
C GLU A 136 38.46 0.19 10.32
N GLU A 137 39.24 -0.88 10.45
CA GLU A 137 40.05 -1.05 11.64
C GLU A 137 41.22 -0.06 11.64
N SER A 138 41.77 0.25 10.46
CA SER A 138 42.76 1.30 10.37
C SER A 138 42.18 2.64 10.78
N GLN A 139 40.91 2.86 10.45
CA GLN A 139 40.26 4.11 10.83
C GLN A 139 40.14 4.18 12.35
N PHE A 140 39.75 3.08 12.99
CA PHE A 140 39.59 3.06 14.44
C PHE A 140 40.92 3.34 15.14
N GLN A 141 42.01 2.78 14.62
CA GLN A 141 43.33 3.02 15.20
C GLN A 141 43.71 4.50 15.11
N GLN A 142 43.39 5.13 13.98
CA GLN A 142 43.72 6.54 13.82
C GLN A 142 42.93 7.42 14.76
N GLU A 143 41.64 7.12 14.97
CA GLU A 143 40.86 7.88 15.94
C GLU A 143 41.43 7.75 17.34
N ILE A 144 41.66 6.51 17.79
CA ILE A 144 42.14 6.31 19.15
C ILE A 144 43.52 6.93 19.34
N ASN A 145 44.30 7.02 18.26
CA ASN A 145 45.56 7.75 18.31
C ASN A 145 45.30 9.24 18.44
N GLU A 146 44.31 9.75 17.72
CA GLU A 146 43.91 11.16 17.80
C GLU A 146 42.98 11.44 18.97
N LYS A 147 42.50 10.39 19.64
CA LYS A 147 41.59 10.52 20.78
C LYS A 147 42.36 10.66 22.10
N ASP A 148 43.69 10.68 22.04
CA ASP A 148 44.49 10.76 23.25
C ASP A 148 44.23 12.06 24.03
N ASN A 149 43.73 13.08 23.36
CA ASN A 149 43.43 14.34 24.02
C ASN A 149 42.25 14.20 24.98
N PHE B 11 26.44 -3.99 18.22
CA PHE B 11 25.92 -3.02 19.17
C PHE B 11 25.60 -3.65 20.51
N LEU B 12 25.42 -2.80 21.52
CA LEU B 12 25.21 -3.21 22.90
C LEU B 12 26.28 -4.22 23.32
N GLY B 13 27.51 -3.73 23.37
CA GLY B 13 28.70 -4.52 23.58
C GLY B 13 29.14 -4.41 25.03
N ALA B 14 30.08 -3.54 25.31
CA ALA B 14 30.63 -3.37 26.65
C ALA B 14 29.62 -2.79 27.62
N ALA B 15 28.34 -2.72 27.26
CA ALA B 15 27.27 -2.24 28.11
C ALA B 15 27.45 -2.68 29.56
N GLY B 16 27.97 -3.88 29.77
CA GLY B 16 28.28 -4.33 31.11
C GLY B 16 29.56 -3.76 31.69
N SER B 17 30.45 -3.26 30.84
CA SER B 17 31.72 -2.73 31.32
C SER B 17 31.52 -1.32 31.85
N THR B 18 32.62 -0.72 32.31
CA THR B 18 32.54 0.59 32.93
C THR B 18 32.34 1.68 31.89
N MET B 19 32.14 2.91 32.38
CA MET B 19 31.95 4.05 31.50
C MET B 19 33.17 4.26 30.61
N GLY B 20 34.37 4.23 31.21
CA GLY B 20 35.58 4.39 30.44
C GLY B 20 35.82 3.25 29.47
N ALA B 21 35.55 2.02 29.90
CA ALA B 21 35.70 0.87 29.01
C ALA B 21 34.72 0.96 27.85
N ALA B 22 33.48 1.38 28.12
CA ALA B 22 32.51 1.57 27.05
C ALA B 22 32.92 2.69 26.11
N SER B 23 33.64 3.69 26.62
CA SER B 23 34.06 4.82 25.79
C SER B 23 35.05 4.41 24.70
N ASN B 24 35.62 3.20 24.78
CA ASN B 24 36.60 2.74 23.81
C ASN B 24 36.02 1.83 22.74
N THR B 25 34.85 1.23 22.98
CA THR B 25 34.28 0.25 22.08
C THR B 25 32.94 0.70 21.49
N LEU B 26 32.82 2.00 21.24
CA LEU B 26 31.58 2.56 20.71
C LEU B 26 31.49 2.50 19.20
N THR B 27 32.48 1.92 18.52
CA THR B 27 32.48 1.90 17.07
C THR B 27 31.40 1.00 16.50
N VAL B 28 31.09 -0.10 17.18
CA VAL B 28 30.17 -1.09 16.63
C VAL B 28 28.74 -0.55 16.61
N GLN B 29 28.34 0.18 17.65
CA GLN B 29 27.01 0.79 17.64
C GLN B 29 26.87 1.82 16.53
N ALA B 30 27.93 2.61 16.31
CA ALA B 30 27.91 3.57 15.21
C ALA B 30 27.85 2.88 13.86
N ARG B 31 28.54 1.74 13.72
CA ARG B 31 28.57 1.04 12.45
C ARG B 31 27.24 0.37 12.14
N GLN B 32 26.79 -0.53 13.02
CA GLN B 32 25.56 -1.30 12.78
C GLN B 32 24.35 -0.47 13.18
N LEU B 33 24.08 0.56 12.36
CA LEU B 33 22.88 1.36 12.51
C LEU B 33 22.07 1.49 11.23
N LEU B 34 22.67 1.23 10.07
CA LEU B 34 21.95 1.24 8.80
C LEU B 34 21.70 -0.16 8.25
N SER B 35 22.13 -1.20 8.96
CA SER B 35 21.83 -2.58 8.61
C SER B 35 21.67 -3.42 9.86
N GLY B 36 21.66 -4.74 9.72
CA GLY B 36 21.47 -5.65 10.83
C GLY B 36 22.77 -6.09 11.48
N ILE B 37 22.71 -7.24 12.14
CA ILE B 37 23.91 -7.85 12.75
C ILE B 37 24.58 -8.68 11.67
N VAL B 38 25.51 -8.06 10.96
CA VAL B 38 26.29 -8.76 9.94
C VAL B 38 27.76 -8.37 10.07
N LEU B 57 -0.19 -6.60 -1.58
CA LEU B 57 1.12 -7.11 -1.15
C LEU B 57 1.25 -7.00 0.36
N GLY B 58 0.12 -6.87 1.04
CA GLY B 58 0.11 -6.65 2.48
C GLY B 58 0.45 -7.86 3.33
N VAL B 59 1.01 -8.90 2.71
CA VAL B 59 1.41 -10.08 3.48
C VAL B 59 2.55 -9.73 4.41
N TRP B 60 3.72 -9.43 3.84
CA TRP B 60 4.89 -8.98 4.57
C TRP B 60 5.56 -7.76 3.96
N GLY B 61 5.29 -7.41 2.70
CA GLY B 61 6.04 -6.34 2.07
C GLY B 61 5.90 -5.01 2.78
N PHE B 62 4.66 -4.67 3.16
CA PHE B 62 4.44 -3.41 3.86
C PHE B 62 5.12 -3.41 5.21
N LYS B 63 5.22 -4.58 5.84
CA LYS B 63 5.89 -4.68 7.14
C LYS B 63 7.35 -4.30 7.04
N GLN B 64 8.09 -4.92 6.10
CA GLN B 64 9.50 -4.58 5.94
C GLN B 64 9.69 -3.17 5.38
N LEU B 65 8.75 -2.69 4.55
CA LEU B 65 8.86 -1.33 4.03
C LEU B 65 8.75 -0.32 5.16
N GLN B 66 7.75 -0.50 6.04
CA GLN B 66 7.61 0.39 7.17
C GLN B 66 8.82 0.27 8.10
N ALA B 67 9.33 -0.95 8.28
CA ALA B 67 10.51 -1.13 9.12
C ALA B 67 11.71 -0.37 8.58
N ARG B 68 11.96 -0.48 7.28
CA ARG B 68 13.15 0.16 6.71
C ARG B 68 12.96 1.65 6.48
N VAL B 69 11.73 2.15 6.49
CA VAL B 69 11.55 3.59 6.58
C VAL B 69 11.84 4.07 8.00
N LEU B 70 11.39 3.31 9.00
CA LEU B 70 11.66 3.68 10.39
C LEU B 70 13.15 3.67 10.68
N ALA B 71 13.88 2.71 10.12
CA ALA B 71 15.33 2.64 10.34
C ALA B 71 16.02 3.90 9.83
N ILE B 72 15.72 4.31 8.60
CA ILE B 72 16.39 5.50 8.07
C ILE B 72 15.92 6.74 8.79
N GLU B 73 14.66 6.82 9.22
CA GLU B 73 14.25 7.99 9.98
C GLU B 73 15.00 8.08 11.29
N ARG B 74 15.21 6.95 11.98
CA ARG B 74 15.99 6.98 13.21
C ARG B 74 17.42 7.42 12.96
N TYR B 75 18.04 6.87 11.92
CA TYR B 75 19.42 7.25 11.60
C TYR B 75 19.52 8.74 11.28
N LEU B 76 18.56 9.26 10.52
CA LEU B 76 18.59 10.66 10.16
C LEU B 76 18.30 11.57 11.34
N GLU B 77 17.47 11.13 12.29
CA GLU B 77 17.25 11.93 13.49
C GLU B 77 18.53 12.02 14.31
N VAL B 78 19.28 10.92 14.40
CA VAL B 78 20.57 10.98 15.07
C VAL B 78 21.51 11.93 14.34
N GLN B 79 21.52 11.86 13.01
CA GLN B 79 22.37 12.76 12.24
C GLN B 79 22.00 14.22 12.47
N GLN B 80 20.70 14.52 12.52
CA GLN B 80 20.28 15.90 12.75
C GLN B 80 20.70 16.38 14.13
N LEU B 81 20.52 15.53 15.15
CA LEU B 81 20.92 15.91 16.50
C LEU B 81 22.43 16.15 16.57
N LEU B 82 23.20 15.34 15.85
CA LEU B 82 24.64 15.60 15.81
C LEU B 82 24.97 16.85 15.03
N GLY B 83 24.19 17.16 13.99
CA GLY B 83 24.49 18.32 13.18
C GLY B 83 24.24 19.63 13.89
N ILE B 84 23.09 19.75 14.56
CA ILE B 84 22.78 21.01 15.22
C ILE B 84 23.68 21.24 16.42
N TRP B 85 24.47 20.25 16.83
CA TRP B 85 25.54 20.45 17.77
C TRP B 85 26.87 20.50 17.02
N GLY B 86 27.95 20.79 17.74
CA GLY B 86 29.25 20.88 17.11
C GLY B 86 29.94 19.55 16.96
N CYS B 87 29.18 18.50 16.64
CA CYS B 87 29.73 17.15 16.48
C CYS B 87 29.25 16.48 15.21
N SER B 88 28.94 17.24 14.17
CA SER B 88 28.44 16.67 12.93
C SER B 88 29.53 15.83 12.27
N GLY B 89 29.39 14.51 12.33
CA GLY B 89 30.35 13.62 11.71
C GLY B 89 31.49 13.15 12.58
N LYS B 90 31.37 13.25 13.90
CA LYS B 90 32.43 12.85 14.82
C LYS B 90 31.88 11.84 15.81
N LEU B 91 32.61 10.74 16.01
CA LEU B 91 32.24 9.80 17.07
C LEU B 91 32.52 10.37 18.44
N ILE B 92 33.68 10.99 18.61
CA ILE B 92 34.05 11.67 19.84
C ILE B 92 33.79 13.16 19.67
N CYS B 93 33.34 13.80 20.74
CA CYS B 93 33.04 15.23 20.70
C CYS B 93 33.32 15.87 22.04
N CYS B 94 33.62 17.16 22.01
CA CYS B 94 33.74 17.99 23.18
C CYS B 94 32.96 19.28 22.95
N THR B 95 32.48 19.89 24.03
CA THR B 95 31.72 21.12 23.94
C THR B 95 32.40 22.19 24.77
N ALA B 96 31.80 23.38 24.79
CA ALA B 96 32.34 24.48 25.58
C ALA B 96 31.62 24.61 26.91
N VAL B 97 30.39 24.12 27.00
CA VAL B 97 29.56 24.31 28.18
C VAL B 97 29.97 23.36 29.29
N PRO B 98 30.35 23.87 30.46
CA PRO B 98 30.50 23.01 31.64
C PRO B 98 29.20 22.95 32.42
N TRP B 99 28.74 21.76 32.80
CA TRP B 99 27.45 21.65 33.45
C TRP B 99 27.53 22.04 34.93
N ASN B 100 26.38 22.38 35.50
CA ASN B 100 26.25 22.71 36.92
C ASN B 100 26.24 21.43 37.74
N SER B 101 26.65 21.55 39.00
CA SER B 101 26.84 20.41 39.89
C SER B 101 25.53 19.72 40.26
N THR B 102 24.41 20.46 40.23
CA THR B 102 23.13 19.95 40.72
C THR B 102 22.75 18.65 40.04
N TRP B 103 23.11 18.49 38.78
CA TRP B 103 22.79 17.27 38.06
C TRP B 103 23.55 16.08 38.63
N SER B 104 24.83 16.28 38.95
CA SER B 104 25.64 15.21 39.53
C SER B 104 26.88 15.82 40.15
N ASN B 105 27.23 15.33 41.35
CA ASN B 105 28.43 15.74 42.05
C ASN B 105 29.41 14.58 42.22
N LYS B 106 29.22 13.50 41.47
CA LYS B 106 30.08 12.34 41.59
C LYS B 106 31.48 12.63 41.06
N THR B 107 32.47 11.96 41.65
CA THR B 107 33.85 12.16 41.25
C THR B 107 34.11 11.50 39.89
N GLN B 108 35.10 12.04 39.18
CA GLN B 108 35.36 11.60 37.80
C GLN B 108 35.82 10.15 37.76
N GLU B 109 36.79 9.78 38.60
CA GLU B 109 37.31 8.42 38.57
C GLU B 109 36.25 7.40 38.95
N ASP B 110 35.41 7.74 39.93
CA ASP B 110 34.29 6.87 40.26
C ASP B 110 33.32 6.77 39.08
N ILE B 111 33.04 7.90 38.43
CA ILE B 111 32.06 7.93 37.34
C ILE B 111 32.51 7.03 36.21
N TRP B 112 33.78 7.13 35.81
CA TRP B 112 34.25 6.47 34.61
C TRP B 112 34.79 5.08 34.84
N ASP B 113 34.75 4.57 36.09
CA ASP B 113 35.31 3.25 36.37
C ASP B 113 34.45 2.41 37.30
N ASN B 114 33.22 2.80 37.63
CA ASN B 114 32.46 2.02 38.59
C ASN B 114 31.08 1.62 38.09
N MET B 115 30.41 2.50 37.35
CA MET B 115 29.05 2.21 36.88
C MET B 115 29.02 2.11 35.36
N THR B 116 27.81 1.91 34.84
CA THR B 116 27.57 1.75 33.42
C THR B 116 26.84 2.96 32.87
N TRP B 117 26.64 2.97 31.56
CA TRP B 117 26.00 4.11 30.91
C TRP B 117 24.53 4.24 31.31
N MET B 118 23.83 3.12 31.53
CA MET B 118 22.38 3.18 31.78
C MET B 118 22.05 3.85 33.10
N GLN B 119 22.71 3.45 34.18
CA GLN B 119 22.41 4.08 35.46
C GLN B 119 22.83 5.55 35.45
N TRP B 120 23.87 5.86 34.69
CA TRP B 120 24.25 7.26 34.49
C TRP B 120 23.13 8.04 33.82
N ASP B 121 22.55 7.47 32.76
CA ASP B 121 21.41 8.11 32.12
C ASP B 121 20.24 8.25 33.08
N ARG B 122 19.95 7.19 33.83
CA ARG B 122 18.83 7.22 34.77
C ARG B 122 19.03 8.32 35.81
N GLU B 123 20.27 8.52 36.25
CA GLU B 123 20.58 9.65 37.11
C GLU B 123 20.35 10.97 36.40
N ILE B 124 20.68 11.04 35.11
CA ILE B 124 20.55 12.28 34.36
C ILE B 124 19.21 12.41 33.62
N SER B 125 18.51 11.30 33.38
CA SER B 125 17.29 11.28 32.56
C SER B 125 16.32 12.41 32.88
N ASN B 126 16.30 12.87 34.13
CA ASN B 126 15.48 14.01 34.48
C ASN B 126 16.02 15.32 33.93
N TYR B 127 17.25 15.33 33.42
CA TYR B 127 17.90 16.56 32.96
C TYR B 127 18.32 16.52 31.50
N THR B 128 18.02 15.44 30.78
CA THR B 128 18.53 15.32 29.40
C THR B 128 18.00 16.44 28.51
N ASP B 129 16.71 16.77 28.64
CA ASP B 129 16.13 17.80 27.79
C ASP B 129 16.80 19.15 28.01
N THR B 130 17.09 19.49 29.27
CA THR B 130 17.68 20.78 29.57
C THR B 130 19.05 20.94 28.92
N ILE B 131 19.84 19.86 28.92
CA ILE B 131 21.19 19.95 28.36
C ILE B 131 21.14 20.09 26.86
N TYR B 132 20.23 19.40 26.18
CA TYR B 132 20.12 19.52 24.74
C TYR B 132 19.77 20.96 24.36
N ARG B 133 18.84 21.58 25.09
CA ARG B 133 18.55 22.99 24.87
C ARG B 133 19.79 23.82 25.16
N LEU B 134 20.50 23.50 26.24
CA LEU B 134 21.75 24.18 26.53
C LEU B 134 22.79 23.93 25.43
N LEU B 135 22.80 22.71 24.88
CA LEU B 135 23.74 22.39 23.80
C LEU B 135 23.44 23.21 22.57
N GLU B 136 22.18 23.25 22.14
CA GLU B 136 21.85 23.91 20.88
C GLU B 136 22.07 25.41 20.96
N GLU B 137 21.72 26.04 22.08
CA GLU B 137 21.94 27.48 22.19
C GLU B 137 23.41 27.80 22.34
N SER B 138 24.18 26.90 22.96
CA SER B 138 25.63 27.09 23.03
C SER B 138 26.25 27.10 21.65
N GLN B 139 25.77 26.21 20.77
CA GLN B 139 26.25 26.20 19.39
C GLN B 139 25.92 27.52 18.71
N PHE B 140 24.69 28.02 18.91
CA PHE B 140 24.30 29.28 18.30
C PHE B 140 25.20 30.42 18.77
N GLN B 141 25.53 30.44 20.07
CA GLN B 141 26.48 31.43 20.56
C GLN B 141 27.86 31.23 19.95
N GLN B 142 28.29 29.99 19.79
CA GLN B 142 29.60 29.71 19.22
C GLN B 142 29.66 30.10 17.74
N GLU B 143 28.63 29.73 16.97
CA GLU B 143 28.65 30.05 15.55
C GLU B 143 28.62 31.55 15.32
N ILE B 144 27.79 32.27 16.09
CA ILE B 144 27.69 33.72 15.92
C ILE B 144 29.00 34.39 16.32
N ASN B 145 29.72 33.81 17.30
CA ASN B 145 31.03 34.32 17.64
C ASN B 145 32.02 34.09 16.51
N GLU B 146 31.92 32.94 15.84
CA GLU B 146 32.73 32.62 14.68
C GLU B 146 32.19 33.24 13.40
N LYS B 147 30.99 33.81 13.43
CA LYS B 147 30.36 34.43 12.28
C LYS B 147 30.73 35.90 12.14
N ASP B 148 31.60 36.40 13.02
CA ASP B 148 31.97 37.81 12.99
C ASP B 148 32.69 38.18 11.69
N ASN B 149 33.25 37.20 11.00
CA ASN B 149 33.94 37.46 9.74
C ASN B 149 32.95 37.85 8.65
N ASN C 6 56.93 3.86 -1.62
CA ASN C 6 55.75 3.19 -1.06
C ASN C 6 54.47 3.81 -1.61
N LEU C 7 53.40 3.04 -1.58
CA LEU C 7 52.09 3.48 -2.06
C LEU C 7 51.05 3.23 -0.99
N TRP C 8 49.95 3.98 -1.07
CA TRP C 8 48.87 3.90 -0.10
C TRP C 8 47.55 3.79 -0.84
N VAL C 9 46.65 2.97 -0.30
CA VAL C 9 45.32 2.82 -0.90
C VAL C 9 44.53 4.10 -0.68
N THR C 10 43.62 4.37 -1.61
CA THR C 10 42.89 5.62 -1.65
C THR C 10 41.49 5.34 -2.15
N VAL C 11 40.52 6.08 -1.63
CA VAL C 11 39.10 5.84 -1.88
C VAL C 11 38.58 6.96 -2.75
N TYR C 12 38.03 6.60 -3.91
CA TYR C 12 37.42 7.54 -4.82
C TYR C 12 35.92 7.32 -4.85
N TYR C 13 35.16 8.40 -4.78
CA TYR C 13 33.71 8.35 -4.76
C TYR C 13 33.22 8.60 -6.18
N GLY C 14 32.82 7.54 -6.86
CA GLY C 14 32.20 7.68 -8.17
C GLY C 14 33.04 7.22 -9.35
N VAL C 15 33.78 6.13 -9.20
CA VAL C 15 34.49 5.55 -10.34
C VAL C 15 33.49 4.79 -11.19
N PRO C 16 33.72 4.65 -12.49
CA PRO C 16 32.72 3.99 -13.36
C PRO C 16 32.81 2.46 -13.34
N VAL C 17 32.09 1.86 -12.39
CA VAL C 17 31.95 0.42 -12.31
C VAL C 17 30.46 0.11 -12.15
N TRP C 18 29.95 -0.80 -12.98
CA TRP C 18 28.54 -1.14 -12.95
C TRP C 18 28.37 -2.63 -12.69
N LYS C 19 27.53 -2.96 -11.71
CA LYS C 19 27.28 -4.33 -11.30
C LYS C 19 26.09 -4.88 -12.09
N GLU C 20 25.52 -5.99 -11.64
CA GLU C 20 24.51 -6.72 -12.39
C GLU C 20 23.12 -6.13 -12.16
N ALA C 21 22.08 -6.91 -12.48
CA ALA C 21 20.73 -6.51 -12.81
C ALA C 21 19.74 -7.00 -11.77
N LYS C 22 18.46 -7.03 -12.14
CA LYS C 22 17.33 -7.37 -11.28
C LYS C 22 17.07 -6.35 -10.19
N THR C 23 16.73 -5.13 -10.61
CA THR C 23 16.08 -4.15 -9.77
C THR C 23 14.72 -3.80 -10.35
N THR C 24 14.10 -2.77 -9.78
CA THR C 24 12.74 -2.37 -10.14
C THR C 24 12.79 -1.12 -11.02
N LEU C 25 11.94 -1.11 -12.06
CA LEU C 25 11.83 0.02 -12.97
C LEU C 25 10.47 0.68 -12.83
N PHE C 26 10.41 1.98 -13.12
CA PHE C 26 9.16 2.71 -13.03
C PHE C 26 8.77 3.28 -14.39
N CYS C 27 7.47 3.35 -14.62
CA CYS C 27 6.91 3.76 -15.90
C CYS C 27 7.12 5.25 -16.13
N ALA C 28 6.91 5.65 -17.39
CA ALA C 28 6.98 7.06 -17.76
C ALA C 28 6.27 7.21 -19.09
N SER C 29 5.23 8.03 -19.13
CA SER C 29 4.44 8.21 -20.34
C SER C 29 4.58 9.62 -20.88
N ASP C 30 4.51 9.75 -22.20
CA ASP C 30 4.73 11.01 -22.87
C ASP C 30 3.48 11.88 -22.76
N ALA C 31 3.43 12.95 -23.55
CA ALA C 31 2.28 13.84 -23.54
C ALA C 31 1.04 13.17 -24.12
N HIS C 39 -7.94 8.15 -21.71
CA HIS C 39 -7.47 7.08 -20.84
C HIS C 39 -7.18 5.83 -21.65
N ASN C 40 -6.59 4.83 -21.00
CA ASN C 40 -6.38 3.52 -21.60
C ASN C 40 -6.13 2.52 -20.49
N VAL C 41 -5.75 1.30 -20.86
CA VAL C 41 -5.65 0.23 -19.87
C VAL C 41 -4.41 0.42 -19.02
N TRP C 42 -3.24 0.45 -19.64
CA TRP C 42 -1.99 0.70 -18.91
C TRP C 42 -1.94 2.18 -18.60
N ALA C 43 -2.33 2.53 -17.36
CA ALA C 43 -2.70 3.90 -17.05
C ALA C 43 -1.59 4.88 -17.38
N THR C 44 -1.84 5.72 -18.39
CA THR C 44 -0.93 6.81 -18.70
C THR C 44 -0.98 7.88 -17.63
N HIS C 45 -2.15 8.11 -17.04
CA HIS C 45 -2.32 9.09 -15.98
C HIS C 45 -1.79 8.60 -14.64
N ALA C 46 -0.97 7.54 -14.64
CA ALA C 46 -0.40 7.03 -13.41
C ALA C 46 1.12 6.93 -13.45
N CYS C 47 1.76 7.29 -14.56
CA CYS C 47 3.21 7.37 -14.60
C CYS C 47 3.67 8.81 -14.61
N VAL C 48 4.89 9.02 -14.12
CA VAL C 48 5.47 10.36 -14.10
C VAL C 48 5.67 10.82 -15.54
N PRO C 49 5.46 12.09 -15.86
CA PRO C 49 5.73 12.55 -17.23
C PRO C 49 7.20 12.37 -17.58
N THR C 50 7.45 12.00 -18.83
CA THR C 50 8.81 11.89 -19.31
C THR C 50 9.33 13.26 -19.71
N ASP C 51 10.43 13.67 -19.13
CA ASP C 51 11.15 14.80 -19.69
C ASP C 51 11.80 14.28 -20.96
N PRO C 52 11.27 14.62 -22.15
CA PRO C 52 11.67 13.88 -23.36
C PRO C 52 13.17 13.96 -23.61
N ASN C 53 13.68 15.18 -23.85
CA ASN C 53 15.09 15.55 -23.82
C ASN C 53 16.00 14.38 -24.18
N PRO C 54 15.90 13.84 -25.40
CA PRO C 54 16.66 12.63 -25.73
C PRO C 54 18.15 12.79 -25.43
N GLN C 55 18.63 12.06 -24.42
CA GLN C 55 19.98 12.23 -23.94
C GLN C 55 20.57 10.84 -23.71
N GLU C 56 21.76 10.61 -24.25
CA GLU C 56 22.49 9.38 -24.07
C GLU C 56 23.94 9.75 -23.80
N MET C 57 24.80 8.73 -23.68
CA MET C 57 26.22 8.97 -23.47
C MET C 57 26.99 7.77 -24.02
N VAL C 58 27.62 7.96 -25.17
CA VAL C 58 28.35 6.87 -25.81
C VAL C 58 29.57 6.55 -24.96
N LEU C 59 29.82 5.25 -24.75
CA LEU C 59 30.97 4.78 -23.97
C LEU C 59 31.99 4.25 -24.96
N GLU C 60 32.97 5.09 -25.28
CA GLU C 60 34.02 4.65 -26.20
C GLU C 60 34.93 3.64 -25.51
N ASN C 61 35.42 2.69 -26.31
CA ASN C 61 36.40 1.70 -25.86
C ASN C 61 35.87 0.85 -24.70
N VAL C 62 34.68 0.29 -24.86
CA VAL C 62 34.11 -0.63 -23.89
C VAL C 62 33.59 -1.85 -24.62
N THR C 63 33.31 -2.91 -23.86
CA THR C 63 32.66 -4.09 -24.40
C THR C 63 32.05 -4.87 -23.25
N GLU C 64 30.88 -5.46 -23.49
CA GLU C 64 30.17 -6.21 -22.46
C GLU C 64 29.25 -7.22 -23.11
N ASN C 65 28.80 -8.18 -22.30
CA ASN C 65 28.04 -9.33 -22.77
C ASN C 65 26.55 -9.11 -22.52
N PHE C 66 25.76 -9.17 -23.59
CA PHE C 66 24.31 -9.16 -23.49
C PHE C 66 23.80 -10.58 -23.68
N ASN C 67 22.70 -10.91 -23.02
CA ASN C 67 22.17 -12.28 -23.03
C ASN C 67 20.65 -12.16 -23.21
N MET C 68 20.24 -11.56 -24.33
CA MET C 68 18.89 -11.06 -24.54
C MET C 68 17.78 -11.93 -23.96
N TRP C 69 17.61 -13.15 -24.44
CA TRP C 69 16.45 -13.91 -24.01
C TRP C 69 16.65 -14.61 -22.66
N LYS C 70 17.25 -13.90 -21.70
CA LYS C 70 17.20 -14.21 -20.29
C LYS C 70 17.00 -12.95 -19.46
N ASN C 71 16.71 -11.83 -20.11
CA ASN C 71 16.76 -10.51 -19.48
C ASN C 71 15.74 -10.40 -18.36
N ASP C 72 15.99 -9.45 -17.46
CA ASP C 72 15.06 -9.16 -16.37
C ASP C 72 13.93 -8.29 -16.86
N MET C 73 14.26 -7.26 -17.65
CA MET C 73 13.29 -6.24 -18.02
C MET C 73 12.08 -6.84 -18.71
N VAL C 74 12.29 -7.87 -19.52
CA VAL C 74 11.18 -8.53 -20.21
C VAL C 74 10.22 -9.12 -19.18
N ASP C 75 10.75 -9.85 -18.21
CA ASP C 75 9.89 -10.45 -17.19
C ASP C 75 9.18 -9.39 -16.37
N GLN C 76 9.88 -8.32 -15.98
CA GLN C 76 9.25 -7.27 -15.20
C GLN C 76 8.11 -6.62 -15.98
N MET C 77 8.35 -6.31 -17.25
CA MET C 77 7.33 -5.65 -18.06
C MET C 77 6.12 -6.57 -18.28
N HIS C 78 6.35 -7.86 -18.53
CA HIS C 78 5.21 -8.74 -18.75
C HIS C 78 4.41 -8.93 -17.46
N GLU C 79 5.08 -9.25 -16.35
CA GLU C 79 4.41 -9.39 -15.07
C GLU C 79 3.74 -8.11 -14.63
N ASP C 80 4.19 -6.95 -15.12
CA ASP C 80 3.56 -5.69 -14.79
C ASP C 80 2.38 -5.34 -15.67
N ILE C 81 2.45 -5.63 -16.97
CA ILE C 81 1.29 -5.41 -17.82
C ILE C 81 0.16 -6.35 -17.46
N ILE C 82 0.46 -7.56 -16.98
CA ILE C 82 -0.58 -8.39 -16.39
C ILE C 82 -1.21 -7.73 -15.18
N SER C 83 -0.42 -7.13 -14.30
CA SER C 83 -0.95 -6.46 -13.11
C SER C 83 -1.69 -5.16 -13.44
N LEU C 84 -1.45 -4.58 -14.60
CA LEU C 84 -2.24 -3.44 -15.06
C LEU C 84 -3.56 -3.85 -15.68
N TRP C 85 -3.53 -4.82 -16.60
CA TRP C 85 -4.76 -5.27 -17.24
C TRP C 85 -5.72 -5.84 -16.22
N ASP C 86 -5.22 -6.75 -15.37
CA ASP C 86 -6.02 -7.44 -14.38
C ASP C 86 -6.27 -6.57 -13.14
N GLN C 87 -6.05 -5.26 -13.24
CA GLN C 87 -6.39 -4.35 -12.16
C GLN C 87 -7.30 -3.25 -12.68
N SER C 88 -7.13 -2.87 -13.95
CA SER C 88 -8.12 -2.05 -14.61
C SER C 88 -9.38 -2.82 -14.94
N LEU C 89 -9.27 -4.15 -15.03
CA LEU C 89 -10.41 -5.01 -15.33
C LEU C 89 -11.15 -5.43 -14.06
N LYS C 90 -10.66 -5.02 -12.89
CA LYS C 90 -11.25 -5.33 -11.60
C LYS C 90 -12.66 -4.75 -11.40
N PRO C 91 -12.91 -3.46 -11.67
CA PRO C 91 -14.19 -2.88 -11.32
C PRO C 91 -15.26 -2.94 -12.40
N CYS C 92 -15.03 -3.66 -13.49
CA CYS C 92 -15.98 -3.68 -14.59
C CYS C 92 -17.08 -4.71 -14.33
N VAL C 93 -18.12 -4.65 -15.18
CA VAL C 93 -19.31 -5.48 -14.98
C VAL C 93 -18.95 -6.93 -15.16
N LYS C 94 -19.35 -7.77 -14.20
CA LYS C 94 -19.07 -9.20 -14.27
C LYS C 94 -20.06 -9.85 -15.24
N LEU C 95 -20.13 -11.18 -15.23
CA LEU C 95 -20.93 -11.85 -16.25
C LEU C 95 -21.71 -13.04 -15.72
N THR C 96 -21.62 -13.36 -14.43
CA THR C 96 -22.27 -14.57 -13.91
C THR C 96 -23.76 -14.66 -14.21
N PRO C 97 -24.57 -13.60 -14.11
CA PRO C 97 -25.99 -13.76 -14.47
C PRO C 97 -26.20 -14.13 -15.92
N LEU C 98 -25.32 -13.71 -16.81
CA LEU C 98 -25.48 -14.02 -18.23
C LEU C 98 -24.81 -15.35 -18.58
N CYS C 99 -25.38 -16.42 -18.04
CA CYS C 99 -24.88 -17.75 -18.42
C CYS C 99 -26.02 -18.76 -18.51
N VAL C 100 -27.25 -18.29 -18.69
CA VAL C 100 -28.42 -19.15 -18.78
C VAL C 100 -28.36 -19.94 -20.07
N THR C 101 -29.24 -20.92 -20.21
CA THR C 101 -29.36 -21.62 -21.47
C THR C 101 -29.73 -20.63 -22.57
N LEU C 102 -29.15 -20.80 -23.75
CA LEU C 102 -29.46 -19.89 -24.84
C LEU C 102 -30.16 -20.60 -25.99
N ASN C 103 -31.40 -20.22 -26.24
CA ASN C 103 -32.20 -20.78 -27.29
C ASN C 103 -31.91 -20.02 -28.55
N CYS C 104 -30.96 -20.47 -29.35
CA CYS C 104 -30.60 -19.74 -30.57
C CYS C 104 -31.02 -20.35 -31.89
N THR C 105 -30.75 -19.62 -32.97
CA THR C 105 -31.06 -20.05 -34.32
C THR C 105 -30.14 -19.30 -35.28
N ASN C 106 -30.24 -19.61 -36.56
CA ASN C 106 -29.37 -19.03 -37.57
C ASN C 106 -29.83 -17.63 -37.96
N VAL C 107 -28.90 -16.86 -38.53
CA VAL C 107 -29.19 -15.51 -39.00
C VAL C 107 -29.50 -15.57 -40.49
N ASN C 108 -30.21 -14.54 -40.97
CA ASN C 108 -30.53 -14.44 -42.38
C ASN C 108 -29.25 -14.30 -43.21
N VAL C 109 -29.22 -14.97 -44.36
CA VAL C 109 -28.06 -14.98 -45.23
C VAL C 109 -28.50 -14.73 -46.67
N THR C 110 -27.58 -14.21 -47.47
CA THR C 110 -27.80 -13.98 -48.89
C THR C 110 -26.70 -14.60 -49.75
N ASN C 111 -25.45 -14.53 -49.30
CA ASN C 111 -24.31 -15.09 -50.02
C ASN C 111 -23.61 -16.09 -49.12
N THR C 112 -22.87 -17.01 -49.75
CA THR C 112 -22.15 -18.04 -49.00
C THR C 112 -21.12 -17.39 -48.08
N ASN C 113 -21.27 -17.62 -46.78
CA ASN C 113 -20.38 -17.04 -45.79
C ASN C 113 -19.06 -17.82 -45.72
N GLU C 119 -23.43 -21.88 -37.80
CA GLU C 119 -22.55 -21.40 -38.86
C GLU C 119 -21.50 -20.46 -38.31
N GLU C 120 -21.78 -19.16 -38.32
CA GLU C 120 -20.85 -18.17 -37.79
C GLU C 120 -21.46 -17.27 -36.74
N MET C 121 -22.72 -16.85 -36.89
CA MET C 121 -23.39 -16.02 -35.90
C MET C 121 -24.76 -16.62 -35.62
N LYS C 122 -25.22 -16.48 -34.38
CA LYS C 122 -26.49 -17.03 -33.95
C LYS C 122 -27.29 -15.99 -33.17
N ASN C 123 -28.61 -16.03 -33.36
CA ASN C 123 -29.55 -15.09 -32.74
C ASN C 123 -30.07 -15.70 -31.44
N CYS C 124 -29.20 -15.73 -30.44
CA CYS C 124 -29.53 -16.40 -29.19
C CYS C 124 -30.56 -15.61 -28.39
N SER C 125 -31.19 -16.30 -27.44
CA SER C 125 -32.20 -15.70 -26.57
C SER C 125 -32.12 -16.39 -25.22
N PHE C 126 -32.23 -15.58 -24.17
CA PHE C 126 -32.13 -16.07 -22.82
C PHE C 126 -33.02 -15.33 -21.84
N ASN C 127 -32.91 -15.65 -20.56
CA ASN C 127 -33.67 -15.03 -19.50
C ASN C 127 -32.75 -14.38 -18.47
N THR C 128 -32.71 -13.06 -18.48
CA THR C 128 -31.83 -12.28 -17.60
C THR C 128 -32.40 -11.70 -16.32
N THR C 129 -31.76 -12.01 -15.22
CA THR C 129 -32.15 -11.50 -13.92
C THR C 129 -31.76 -10.03 -13.83
N THR C 130 -32.75 -9.13 -13.72
CA THR C 130 -32.44 -7.71 -13.74
C THR C 130 -33.03 -6.94 -12.56
N GLU C 131 -34.23 -7.30 -12.08
CA GLU C 131 -34.84 -6.59 -10.95
C GLU C 131 -35.08 -7.52 -9.76
N ILE C 132 -34.58 -8.76 -9.87
CA ILE C 132 -34.58 -9.76 -8.81
C ILE C 132 -35.99 -10.14 -8.39
N ARG C 133 -36.31 -11.43 -8.52
CA ARG C 133 -37.62 -11.97 -8.15
C ARG C 133 -38.75 -11.22 -8.85
N ASP C 134 -38.54 -10.95 -10.14
CA ASP C 134 -39.54 -10.24 -10.93
C ASP C 134 -39.49 -10.78 -12.36
N LYS C 135 -40.27 -10.17 -13.23
CA LYS C 135 -40.33 -10.59 -14.62
C LYS C 135 -38.96 -10.46 -15.27
N LYS C 136 -38.57 -11.49 -16.01
CA LYS C 136 -37.27 -11.53 -16.66
C LYS C 136 -37.46 -11.43 -18.18
N GLN C 137 -36.72 -10.52 -18.80
CA GLN C 137 -36.87 -10.26 -20.22
C GLN C 137 -36.39 -11.46 -21.03
N LYS C 138 -36.84 -11.53 -22.28
CA LYS C 138 -36.32 -12.50 -23.22
C LYS C 138 -34.98 -12.05 -23.80
N GLU C 139 -34.95 -10.84 -24.33
CA GLU C 139 -33.70 -10.10 -24.57
C GLU C 139 -32.76 -10.87 -25.50
N TYR C 140 -33.19 -10.98 -26.76
CA TYR C 140 -32.39 -11.64 -27.77
C TYR C 140 -31.08 -10.89 -28.00
N ALA C 141 -30.05 -11.62 -28.41
CA ALA C 141 -28.72 -11.05 -28.63
C ALA C 141 -27.95 -11.96 -29.58
N LEU C 142 -27.04 -11.38 -30.36
CA LEU C 142 -26.27 -12.19 -31.28
C LEU C 142 -24.97 -12.65 -30.64
N PHE C 143 -24.48 -13.79 -31.10
CA PHE C 143 -23.25 -14.36 -30.57
C PHE C 143 -22.54 -15.14 -31.68
N TYR C 144 -21.22 -15.02 -31.72
CA TYR C 144 -20.45 -15.76 -32.72
C TYR C 144 -20.39 -17.25 -32.37
N ARG C 145 -20.32 -18.09 -33.40
CA ARG C 145 -20.14 -19.52 -33.16
C ARG C 145 -18.67 -19.84 -32.91
N LEU C 146 -18.08 -19.02 -32.06
CA LEU C 146 -16.79 -19.28 -31.44
C LEU C 146 -16.83 -18.92 -29.97
N ASP C 147 -17.95 -18.41 -29.50
CA ASP C 147 -18.19 -18.03 -28.12
C ASP C 147 -19.26 -18.91 -27.50
N ILE C 148 -19.57 -20.03 -28.15
CA ILE C 148 -20.73 -20.84 -27.87
C ILE C 148 -20.31 -22.30 -27.85
N VAL C 149 -20.75 -23.03 -26.82
CA VAL C 149 -20.57 -24.49 -26.83
C VAL C 149 -21.94 -25.13 -26.63
N PRO C 150 -22.27 -26.19 -27.36
CA PRO C 150 -23.58 -26.82 -27.20
C PRO C 150 -23.57 -27.92 -26.15
N LEU C 151 -24.49 -27.85 -25.20
CA LEU C 151 -24.65 -28.88 -24.18
C LEU C 151 -25.78 -29.82 -24.60
N ASN C 152 -25.51 -30.56 -25.68
CA ASN C 152 -26.48 -31.49 -26.24
C ASN C 152 -26.78 -32.64 -25.28
N SER C 156 -30.05 -25.45 -30.84
CA SER C 156 -31.09 -25.88 -29.91
C SER C 156 -30.81 -25.37 -28.53
N GLU C 157 -29.68 -25.78 -27.96
CA GLU C 157 -29.27 -25.34 -26.63
C GLU C 157 -27.77 -25.06 -26.67
N TYR C 158 -27.36 -23.95 -26.07
CA TYR C 158 -25.98 -23.52 -26.13
C TYR C 158 -25.62 -22.85 -24.80
N ARG C 159 -24.36 -22.47 -24.66
CA ARG C 159 -23.94 -21.68 -23.51
C ARG C 159 -22.67 -20.94 -23.86
N LEU C 160 -22.35 -19.92 -23.07
CA LEU C 160 -21.09 -19.21 -23.23
C LEU C 160 -19.92 -20.17 -23.03
N ILE C 161 -18.91 -20.04 -23.89
CA ILE C 161 -17.79 -20.98 -23.85
C ILE C 161 -17.07 -20.91 -22.51
N ASN C 162 -16.81 -19.71 -22.02
CA ASN C 162 -16.12 -19.56 -20.75
C ASN C 162 -17.14 -19.31 -19.63
N CYS C 163 -17.96 -20.34 -19.40
CA CYS C 163 -18.79 -20.47 -18.21
C CYS C 163 -18.69 -21.89 -17.66
N ASN C 164 -17.51 -22.47 -17.78
CA ASN C 164 -17.27 -23.84 -17.34
C ASN C 164 -16.05 -23.88 -16.43
N THR C 165 -15.15 -22.92 -16.60
CA THR C 165 -13.92 -22.87 -15.81
C THR C 165 -13.75 -21.51 -15.14
N SER C 166 -14.18 -20.44 -15.80
CA SER C 166 -13.89 -19.12 -15.26
C SER C 166 -14.97 -18.14 -15.69
N THR C 167 -15.31 -17.23 -14.78
CA THR C 167 -16.22 -16.14 -15.09
C THR C 167 -15.42 -14.85 -15.25
N CYS C 168 -15.70 -14.10 -16.30
CA CYS C 168 -14.91 -12.92 -16.60
C CYS C 168 -15.75 -11.68 -16.83
N THR C 169 -15.10 -10.54 -16.74
CA THR C 169 -15.75 -9.24 -16.67
C THR C 169 -15.51 -8.49 -17.97
N GLN C 170 -16.58 -7.99 -18.57
CA GLN C 170 -16.46 -7.26 -19.83
C GLN C 170 -15.64 -6.01 -19.64
N ILE C 171 -14.73 -5.75 -20.58
CA ILE C 171 -13.89 -4.57 -20.53
C ILE C 171 -14.73 -3.35 -20.88
N CYS C 172 -14.85 -2.43 -19.92
CA CYS C 172 -15.81 -1.34 -20.05
C CYS C 172 -15.44 -0.45 -21.23
N PRO C 173 -16.41 -0.08 -22.07
CA PRO C 173 -16.09 0.65 -23.31
C PRO C 173 -15.48 2.02 -23.08
N LYS C 174 -15.70 2.62 -21.90
CA LYS C 174 -15.20 3.97 -21.66
C LYS C 174 -13.68 4.01 -21.73
N VAL C 175 -13.02 2.90 -21.43
CA VAL C 175 -11.57 2.80 -21.56
C VAL C 175 -11.26 2.09 -22.87
N SER C 176 -10.14 2.45 -23.47
CA SER C 176 -9.75 1.90 -24.76
C SER C 176 -8.38 1.25 -24.62
N PHE C 177 -8.23 0.06 -25.22
CA PHE C 177 -7.05 -0.76 -25.03
C PHE C 177 -6.09 -0.69 -26.21
N ASP C 178 -6.23 0.30 -27.07
CA ASP C 178 -5.24 0.50 -28.11
C ASP C 178 -3.91 0.92 -27.49
N PRO C 179 -2.80 0.47 -28.04
CA PRO C 179 -1.50 0.71 -27.40
C PRO C 179 -0.93 2.08 -27.73
N ILE C 180 -0.42 2.75 -26.71
CA ILE C 180 0.41 3.93 -26.92
C ILE C 180 1.74 3.66 -26.22
N PRO C 181 2.86 4.23 -26.65
CA PRO C 181 4.14 3.71 -26.18
C PRO C 181 4.41 4.05 -24.73
N ILE C 182 5.11 3.14 -24.07
CA ILE C 182 5.48 3.28 -22.68
C ILE C 182 6.98 3.47 -22.64
N HIS C 183 7.45 4.20 -21.64
CA HIS C 183 8.88 4.42 -21.47
C HIS C 183 9.30 3.92 -20.10
N TYR C 184 10.12 2.87 -20.07
CA TYR C 184 10.56 2.25 -18.83
C TYR C 184 11.88 2.89 -18.41
N CYS C 185 11.86 3.60 -17.29
CA CYS C 185 13.03 4.28 -16.76
C CYS C 185 13.65 3.49 -15.61
N ALA C 186 14.77 3.99 -15.11
CA ALA C 186 15.46 3.40 -13.98
C ALA C 186 15.60 4.41 -12.86
N PRO C 187 15.50 3.98 -11.60
CA PRO C 187 15.71 4.91 -10.49
C PRO C 187 17.17 5.26 -10.30
N ALA C 188 17.45 6.11 -9.32
CA ALA C 188 18.82 6.59 -9.11
C ALA C 188 19.74 5.42 -8.75
N GLY C 189 20.98 5.51 -9.20
CA GLY C 189 21.93 4.45 -9.01
C GLY C 189 21.78 3.29 -9.96
N TYR C 190 20.85 3.37 -10.91
CA TYR C 190 20.61 2.30 -11.88
C TYR C 190 20.57 2.92 -13.26
N ALA C 191 21.34 2.35 -14.19
CA ALA C 191 21.36 2.85 -15.55
C ALA C 191 21.12 1.68 -16.50
N ILE C 192 20.41 1.95 -17.60
CA ILE C 192 20.13 0.91 -18.58
C ILE C 192 21.09 1.10 -19.74
N LEU C 193 22.03 0.17 -19.86
CA LEU C 193 22.96 0.18 -20.97
C LEU C 193 22.27 -0.36 -22.22
N LYS C 194 22.54 0.30 -23.34
CA LYS C 194 21.87 0.05 -24.60
C LYS C 194 22.93 -0.20 -25.65
N CYS C 195 22.85 -1.33 -26.34
CA CYS C 195 23.82 -1.70 -27.35
C CYS C 195 23.34 -1.22 -28.70
N ASN C 196 24.17 -0.42 -29.37
CA ASN C 196 23.79 0.22 -30.63
C ASN C 196 24.42 -0.45 -31.84
N ASN C 197 25.06 -1.60 -31.68
CA ASN C 197 25.59 -2.33 -32.82
C ASN C 197 24.45 -2.76 -33.72
N LYS C 198 24.62 -2.54 -35.02
CA LYS C 198 23.54 -2.84 -35.96
C LYS C 198 23.34 -4.34 -36.11
N THR C 199 24.43 -5.09 -36.24
CA THR C 199 24.36 -6.51 -36.55
C THR C 199 24.24 -7.39 -35.32
N PHE C 200 23.74 -6.84 -34.22
CA PHE C 200 23.68 -7.58 -32.96
C PHE C 200 22.56 -8.62 -33.00
N ASN C 201 22.89 -9.85 -32.64
CA ASN C 201 21.94 -10.96 -32.65
C ASN C 201 21.50 -11.34 -31.24
N GLY C 202 21.28 -10.36 -30.40
CA GLY C 202 20.72 -10.63 -29.07
C GLY C 202 21.70 -11.01 -27.99
N THR C 203 22.52 -12.02 -28.24
CA THR C 203 23.46 -12.51 -27.25
C THR C 203 24.89 -12.34 -27.74
N GLY C 204 25.81 -12.20 -26.79
CA GLY C 204 27.21 -12.05 -27.09
C GLY C 204 27.72 -10.67 -26.75
N PRO C 205 28.97 -10.39 -27.12
CA PRO C 205 29.52 -9.06 -26.89
C PRO C 205 29.22 -8.12 -28.05
N CYS C 206 29.19 -6.83 -27.73
CA CYS C 206 28.99 -5.81 -28.75
C CYS C 206 29.67 -4.53 -28.34
N ASN C 207 30.11 -3.76 -29.33
CA ASN C 207 30.83 -2.53 -29.12
C ASN C 207 29.87 -1.34 -29.26
N ASN C 208 30.40 -0.14 -29.03
CA ASN C 208 29.63 1.10 -29.18
C ASN C 208 28.32 1.05 -28.38
N VAL C 209 28.48 0.97 -27.06
CA VAL C 209 27.36 0.85 -26.14
C VAL C 209 27.14 2.18 -25.44
N SER C 210 25.91 2.67 -25.45
CA SER C 210 25.60 3.90 -24.75
C SER C 210 24.85 3.58 -23.45
N THR C 211 24.69 4.60 -22.62
CA THR C 211 23.94 4.49 -21.37
C THR C 211 22.71 5.36 -21.46
N VAL C 212 21.62 4.89 -20.86
CA VAL C 212 20.34 5.58 -20.95
C VAL C 212 19.68 5.54 -19.59
N GLN C 213 18.77 6.48 -19.37
CA GLN C 213 17.87 6.50 -18.22
C GLN C 213 16.51 5.90 -18.54
N CYS C 214 15.91 6.29 -19.67
CA CYS C 214 14.56 5.86 -20.04
C CYS C 214 14.56 5.25 -21.43
N THR C 215 13.93 4.08 -21.55
CA THR C 215 13.93 3.32 -22.79
C THR C 215 13.10 4.00 -23.89
N HIS C 216 13.42 3.64 -25.14
CA HIS C 216 12.81 4.26 -26.31
C HIS C 216 11.61 3.47 -26.78
N GLY C 217 10.61 4.16 -27.30
CA GLY C 217 9.52 3.51 -27.99
C GLY C 217 8.80 2.47 -27.17
N ILE C 218 9.06 1.19 -27.48
CA ILE C 218 8.46 0.00 -26.90
C ILE C 218 6.98 0.22 -26.63
N LYS C 219 6.15 -0.09 -27.61
CA LYS C 219 4.70 -0.10 -27.51
C LYS C 219 4.22 -1.49 -27.16
N PRO C 220 3.42 -1.63 -26.12
CA PRO C 220 2.96 -2.97 -25.72
C PRO C 220 1.90 -3.53 -26.66
N VAL C 221 2.33 -4.01 -27.82
CA VAL C 221 1.44 -4.56 -28.83
C VAL C 221 1.41 -6.07 -28.66
N VAL C 222 0.24 -6.62 -28.39
CA VAL C 222 0.07 -8.05 -28.23
C VAL C 222 -0.29 -8.65 -29.57
N SER C 223 0.46 -9.66 -30.00
CA SER C 223 0.21 -10.29 -31.29
C SER C 223 0.72 -11.74 -31.24
N THR C 224 0.68 -12.39 -32.39
CA THR C 224 1.18 -13.75 -32.52
C THR C 224 1.57 -14.00 -33.97
N GLN C 225 2.75 -14.60 -34.17
CA GLN C 225 3.27 -15.00 -35.48
C GLN C 225 3.51 -13.82 -36.41
N LEU C 226 3.15 -12.63 -35.97
CA LEU C 226 3.34 -11.43 -36.79
C LEU C 226 3.43 -10.25 -35.84
N LEU C 227 4.64 -9.80 -35.56
CA LEU C 227 4.83 -8.63 -34.73
C LEU C 227 4.34 -7.39 -35.49
N LEU C 228 3.42 -6.66 -34.88
CA LEU C 228 2.75 -5.55 -35.54
C LEU C 228 3.18 -4.24 -34.90
N ASN C 229 3.37 -3.22 -35.73
CA ASN C 229 3.77 -1.89 -35.29
C ASN C 229 5.04 -1.95 -34.44
N GLY C 230 5.94 -2.89 -34.78
CA GLY C 230 7.16 -3.07 -34.04
C GLY C 230 8.31 -2.25 -34.59
N SER C 231 9.42 -2.28 -33.87
CA SER C 231 10.61 -1.54 -34.27
C SER C 231 11.36 -2.29 -35.36
N LEU C 232 11.67 -1.59 -36.45
CA LEU C 232 12.36 -2.21 -37.56
C LEU C 232 13.79 -2.54 -37.16
N ALA C 233 14.37 -3.53 -37.84
CA ALA C 233 15.79 -3.78 -37.71
C ALA C 233 16.55 -2.79 -38.60
N GLU C 234 17.87 -2.91 -38.60
CA GLU C 234 18.71 -2.02 -39.40
C GLU C 234 19.67 -2.85 -40.24
N GLU C 235 20.05 -2.28 -41.40
CA GLU C 235 20.91 -2.95 -42.36
C GLU C 235 20.28 -4.24 -42.86
N GLU C 236 20.65 -5.36 -42.23
CA GLU C 236 20.23 -6.67 -42.67
C GLU C 236 19.19 -7.25 -41.71
N ILE C 237 18.84 -8.52 -41.92
CA ILE C 237 17.85 -9.22 -41.09
C ILE C 237 18.59 -10.10 -40.10
N ILE C 238 18.10 -10.13 -38.86
CA ILE C 238 18.76 -10.80 -37.76
C ILE C 238 17.91 -11.98 -37.30
N ILE C 239 18.57 -12.98 -36.72
CA ILE C 239 17.91 -14.17 -36.23
C ILE C 239 18.25 -14.34 -34.75
N ARG C 240 17.25 -14.54 -33.90
CA ARG C 240 17.47 -14.67 -32.47
C ARG C 240 16.82 -15.95 -31.97
N SER C 241 17.58 -16.77 -31.27
CA SER C 241 17.09 -18.06 -30.80
C SER C 241 18.01 -18.62 -29.74
N GLU C 242 17.43 -19.14 -28.66
CA GLU C 242 18.19 -19.68 -27.54
C GLU C 242 19.30 -20.61 -28.02
N ASN C 243 18.93 -21.69 -28.69
CA ASN C 243 19.89 -22.65 -29.20
C ASN C 243 19.35 -23.12 -30.54
N LEU C 244 20.08 -22.81 -31.62
CA LEU C 244 19.61 -23.21 -32.94
C LEU C 244 19.55 -24.73 -33.08
N THR C 245 20.31 -25.46 -32.27
CA THR C 245 20.21 -26.92 -32.27
C THR C 245 18.93 -27.40 -31.60
N ASP C 246 18.48 -26.72 -30.55
CA ASP C 246 17.26 -27.11 -29.86
C ASP C 246 16.04 -26.80 -30.70
N ASN C 247 14.97 -27.56 -30.46
CA ASN C 247 13.74 -27.41 -31.22
C ASN C 247 12.62 -26.71 -30.45
N ALA C 248 12.56 -26.90 -29.13
CA ALA C 248 11.46 -26.34 -28.35
C ALA C 248 11.59 -24.85 -28.11
N LYS C 249 12.79 -24.29 -28.21
CA LYS C 249 12.99 -22.87 -27.96
C LYS C 249 12.57 -22.06 -29.17
N THR C 250 11.92 -20.93 -28.90
CA THR C 250 11.31 -20.12 -29.96
C THR C 250 12.38 -19.51 -30.85
N ILE C 251 11.93 -18.92 -31.96
CA ILE C 251 12.82 -18.22 -32.88
C ILE C 251 12.16 -16.89 -33.25
N ILE C 252 12.92 -15.81 -33.21
CA ILE C 252 12.45 -14.49 -33.57
C ILE C 252 13.27 -13.98 -34.75
N VAL C 253 12.58 -13.35 -35.71
CA VAL C 253 13.24 -12.78 -36.88
C VAL C 253 12.73 -11.36 -37.08
N HIS C 254 13.65 -10.40 -37.11
CA HIS C 254 13.29 -9.05 -37.48
C HIS C 254 13.25 -8.90 -38.99
N LEU C 255 12.69 -7.78 -39.44
CA LEU C 255 12.47 -7.52 -40.85
C LEU C 255 13.29 -6.32 -41.31
N ASN C 256 14.00 -6.50 -42.42
CA ASN C 256 14.73 -5.41 -43.04
C ASN C 256 13.80 -4.24 -43.34
N GLU C 257 12.64 -4.53 -43.91
CA GLU C 257 11.64 -3.52 -44.21
C GLU C 257 10.26 -4.02 -43.79
N SER C 258 9.47 -3.12 -43.20
CA SER C 258 8.12 -3.45 -42.79
C SER C 258 7.28 -3.90 -43.98
N VAL C 259 6.42 -4.88 -43.75
CA VAL C 259 5.46 -5.33 -44.75
C VAL C 259 4.09 -4.81 -44.34
N GLU C 260 3.51 -3.95 -45.17
CA GLU C 260 2.24 -3.34 -44.81
C GLU C 260 1.13 -4.38 -44.77
N ILE C 261 0.28 -4.30 -43.76
CA ILE C 261 -0.86 -5.19 -43.61
C ILE C 261 -2.09 -4.33 -43.30
N ASN C 262 -3.19 -4.64 -43.96
CA ASN C 262 -4.39 -3.81 -43.90
C ASN C 262 -5.58 -4.74 -43.68
N CYS C 263 -6.15 -4.74 -42.49
CA CYS C 263 -7.12 -5.74 -42.11
C CYS C 263 -8.42 -5.06 -41.71
N THR C 264 -9.53 -5.51 -42.28
CA THR C 264 -10.80 -4.81 -42.18
C THR C 264 -11.90 -5.78 -41.77
N ARG C 265 -12.84 -5.26 -40.97
CA ARG C 265 -14.08 -5.98 -40.66
C ARG C 265 -15.24 -5.21 -41.29
N PRO C 266 -15.73 -5.61 -42.47
CA PRO C 266 -16.67 -4.79 -43.24
C PRO C 266 -18.13 -5.11 -42.94
N ASN C 267 -18.58 -4.75 -41.73
CA ASN C 267 -19.97 -4.88 -41.34
C ASN C 267 -20.34 -3.66 -40.53
N ASN C 268 -21.66 -3.41 -40.41
CA ASN C 268 -22.18 -2.35 -39.57
C ASN C 268 -23.10 -2.99 -38.54
N MET C 269 -22.64 -3.06 -37.30
CA MET C 269 -23.33 -3.80 -36.26
C MET C 269 -23.85 -2.87 -35.16
N THR C 270 -25.00 -3.25 -34.62
CA THR C 270 -25.71 -2.47 -33.61
C THR C 270 -25.34 -2.95 -32.22
N ARG C 271 -25.28 -2.03 -31.27
CA ARG C 271 -24.87 -2.33 -29.89
C ARG C 271 -26.09 -2.21 -28.99
N LYS C 272 -26.60 -3.35 -28.53
CA LYS C 272 -27.72 -3.38 -27.61
C LYS C 272 -27.23 -3.12 -26.19
N SER C 273 -27.57 -1.96 -25.65
CA SER C 273 -27.29 -1.68 -24.25
C SER C 273 -28.41 -2.34 -23.44
N ILE C 274 -28.08 -3.41 -22.74
CA ILE C 274 -29.08 -4.18 -22.02
C ILE C 274 -28.76 -4.16 -20.54
N ARG C 275 -29.76 -4.34 -19.75
CA ARG C 275 -29.52 -4.44 -18.36
C ARG C 275 -29.39 -5.92 -18.04
N ILE C 276 -28.88 -6.11 -16.83
CA ILE C 276 -28.47 -7.31 -16.19
C ILE C 276 -27.76 -6.67 -15.02
N GLY C 277 -28.16 -7.03 -13.81
CA GLY C 277 -27.57 -6.50 -12.60
C GLY C 277 -27.79 -5.00 -12.49
N PRO C 278 -28.48 -4.56 -11.42
CA PRO C 278 -28.84 -3.17 -11.13
C PRO C 278 -27.61 -2.32 -11.07
N GLY C 279 -27.39 -1.50 -12.08
CA GLY C 279 -26.22 -0.67 -12.13
C GLY C 279 -25.19 -1.34 -13.01
N GLN C 280 -25.57 -2.49 -13.57
CA GLN C 280 -24.70 -3.21 -14.45
C GLN C 280 -25.41 -3.21 -15.77
N THR C 281 -24.66 -3.00 -16.81
CA THR C 281 -25.05 -2.93 -18.21
C THR C 281 -24.14 -3.82 -19.04
N PHE C 282 -24.74 -4.67 -19.85
CA PHE C 282 -24.03 -5.59 -20.73
C PHE C 282 -24.32 -5.23 -22.18
N TYR C 283 -23.29 -5.23 -23.02
CA TYR C 283 -23.42 -4.78 -24.40
C TYR C 283 -23.29 -5.96 -25.35
N ALA C 284 -24.36 -6.26 -26.08
CA ALA C 284 -24.37 -7.37 -27.01
C ALA C 284 -24.63 -6.88 -28.43
N LEU C 285 -24.20 -7.68 -29.40
CA LEU C 285 -24.48 -7.37 -30.80
C LEU C 285 -25.98 -7.26 -31.01
N GLY C 286 -26.39 -6.21 -31.72
CA GLY C 286 -27.80 -5.97 -31.94
C GLY C 286 -28.32 -6.52 -33.25
N ASP C 287 -27.65 -6.16 -34.35
CA ASP C 287 -28.06 -6.57 -35.69
C ASP C 287 -27.00 -6.11 -36.68
N ILE C 288 -26.97 -6.72 -37.86
CA ILE C 288 -26.03 -6.33 -38.91
C ILE C 288 -26.83 -5.65 -40.01
N ILE C 289 -26.50 -4.40 -40.29
CA ILE C 289 -27.22 -3.60 -41.27
C ILE C 289 -26.40 -3.61 -42.55
N GLY C 290 -26.93 -4.26 -43.59
CA GLY C 290 -26.25 -4.32 -44.88
C GLY C 290 -25.92 -5.72 -45.31
N ASP C 291 -24.77 -5.88 -45.97
CA ASP C 291 -24.34 -7.18 -46.45
C ASP C 291 -23.51 -7.89 -45.38
N ILE C 292 -23.52 -9.22 -45.42
CA ILE C 292 -22.78 -10.05 -44.50
C ILE C 292 -21.52 -10.51 -45.21
N ARG C 293 -20.41 -9.87 -44.91
CA ARG C 293 -19.12 -10.23 -45.49
C ARG C 293 -18.28 -10.96 -44.45
N GLN C 294 -17.06 -11.26 -44.85
CA GLN C 294 -16.13 -11.95 -44.01
C GLN C 294 -15.06 -10.97 -43.61
N PRO C 295 -14.49 -11.15 -42.43
CA PRO C 295 -13.43 -10.26 -42.00
C PRO C 295 -12.20 -10.81 -42.68
N HIS C 296 -11.38 -9.97 -43.29
CA HIS C 296 -10.19 -10.46 -43.98
C HIS C 296 -9.09 -9.43 -44.09
N CYS C 297 -7.88 -9.88 -43.80
CA CYS C 297 -6.62 -9.16 -43.83
C CYS C 297 -6.10 -9.08 -45.26
N ASN C 298 -5.29 -8.06 -45.54
CA ASN C 298 -4.70 -7.87 -46.86
C ASN C 298 -3.21 -7.63 -46.71
N ILE C 299 -2.43 -8.26 -47.59
CA ILE C 299 -0.98 -8.12 -47.62
C ILE C 299 -0.53 -8.00 -49.06
N SER C 300 0.54 -7.23 -49.31
CA SER C 300 1.09 -7.16 -50.65
C SER C 300 1.85 -8.44 -50.97
N GLU C 301 1.31 -9.24 -51.89
CA GLU C 301 1.89 -10.55 -52.18
C GLU C 301 3.28 -10.44 -52.77
N ALA C 302 3.52 -9.44 -53.62
CA ALA C 302 4.86 -9.22 -54.15
C ALA C 302 5.82 -8.83 -53.03
N LYS C 303 5.41 -7.88 -52.17
CA LYS C 303 6.26 -7.47 -51.06
C LYS C 303 6.51 -8.63 -50.12
N TRP C 304 5.47 -9.42 -49.83
CA TRP C 304 5.66 -10.55 -48.93
C TRP C 304 6.55 -11.60 -49.56
N ASN C 305 6.44 -11.82 -50.86
CA ASN C 305 7.30 -12.79 -51.52
C ASN C 305 8.77 -12.35 -51.46
N LYS C 306 9.03 -11.06 -51.70
CA LYS C 306 10.38 -10.54 -51.59
C LYS C 306 10.90 -10.69 -50.17
N THR C 307 10.07 -10.33 -49.17
CA THR C 307 10.48 -10.44 -47.78
C THR C 307 10.78 -11.88 -47.41
N LEU C 308 9.93 -12.81 -47.84
CA LEU C 308 10.14 -14.22 -47.55
C LEU C 308 11.42 -14.73 -48.20
N GLN C 309 11.68 -14.33 -49.45
CA GLN C 309 12.91 -14.73 -50.09
C GLN C 309 14.13 -14.23 -49.32
N ARG C 310 14.09 -12.95 -48.91
CA ARG C 310 15.22 -12.39 -48.18
C ARG C 310 15.42 -13.09 -46.84
N VAL C 311 14.33 -13.37 -46.11
CA VAL C 311 14.50 -13.97 -44.80
C VAL C 311 14.98 -15.41 -44.93
N LYS C 312 14.47 -16.16 -45.91
CA LYS C 312 14.96 -17.53 -46.05
C LYS C 312 16.40 -17.54 -46.53
N LYS C 313 16.82 -16.53 -47.30
CA LYS C 313 18.24 -16.39 -47.63
C LYS C 313 19.06 -16.15 -46.37
N LYS C 314 18.57 -15.29 -45.48
CA LYS C 314 19.30 -15.02 -44.25
C LYS C 314 19.40 -16.27 -43.39
N LEU C 315 18.34 -17.06 -43.31
CA LEU C 315 18.39 -18.28 -42.51
C LEU C 315 19.26 -19.35 -43.16
N LYS C 316 19.26 -19.44 -44.50
CA LYS C 316 20.20 -20.35 -45.14
C LYS C 316 21.64 -19.89 -44.95
N GLU C 317 21.85 -18.60 -44.68
CA GLU C 317 23.17 -18.15 -44.27
C GLU C 317 23.59 -18.79 -42.96
N HIS C 318 22.62 -19.11 -42.09
CA HIS C 318 22.90 -19.71 -40.79
C HIS C 318 23.00 -21.22 -40.84
N PHE C 319 22.76 -21.85 -41.99
CA PHE C 319 22.77 -23.30 -42.10
C PHE C 319 23.65 -23.71 -43.27
N PRO C 320 24.21 -24.92 -43.25
CA PRO C 320 25.14 -25.32 -44.32
C PRO C 320 24.46 -25.56 -45.64
N ASN C 321 24.02 -24.48 -46.29
CA ASN C 321 23.40 -24.54 -47.63
C ASN C 321 22.25 -25.53 -47.66
N LYS C 322 21.42 -25.49 -46.62
CA LYS C 322 20.31 -26.43 -46.46
C LYS C 322 19.02 -25.83 -47.01
N THR C 323 18.31 -26.60 -47.81
CA THR C 323 17.01 -26.17 -48.32
C THR C 323 16.02 -26.04 -47.16
N ILE C 324 15.26 -24.95 -47.15
CA ILE C 324 14.38 -24.61 -46.04
C ILE C 324 12.97 -24.44 -46.58
N LYS C 325 12.00 -25.05 -45.90
CA LYS C 325 10.60 -25.00 -46.28
C LYS C 325 9.78 -24.44 -45.13
N PHE C 326 8.65 -23.83 -45.48
CA PHE C 326 7.72 -23.26 -44.50
C PHE C 326 6.42 -24.04 -44.51
N ALA C 327 5.89 -24.32 -43.32
CA ALA C 327 4.61 -25.00 -43.18
C ALA C 327 3.80 -24.33 -42.08
N PRO C 328 2.47 -24.34 -42.19
CA PRO C 328 1.64 -23.71 -41.14
C PRO C 328 1.64 -24.49 -39.85
N SER C 329 0.85 -24.03 -38.87
CA SER C 329 0.80 -24.67 -37.56
C SER C 329 0.20 -26.07 -37.67
N SER C 330 0.49 -26.89 -36.66
CA SER C 330 0.12 -28.29 -36.71
C SER C 330 -1.21 -28.60 -36.04
N GLY C 331 -1.32 -28.35 -34.74
CA GLY C 331 -2.50 -28.79 -34.03
C GLY C 331 -2.91 -27.95 -32.83
N GLY C 332 -2.42 -26.71 -32.76
CA GLY C 332 -2.65 -25.89 -31.59
C GLY C 332 -4.07 -25.37 -31.52
N ASP C 333 -4.28 -24.45 -30.57
CA ASP C 333 -5.56 -23.82 -30.37
C ASP C 333 -5.68 -22.56 -31.23
N LEU C 334 -6.90 -22.00 -31.28
CA LEU C 334 -7.15 -20.87 -32.16
C LEU C 334 -6.33 -19.64 -31.79
N GLU C 335 -5.80 -19.59 -30.56
CA GLU C 335 -4.92 -18.50 -30.15
C GLU C 335 -3.50 -18.67 -30.65
N ILE C 336 -3.14 -19.85 -31.15
CA ILE C 336 -1.78 -20.16 -31.57
C ILE C 336 -1.68 -20.35 -33.07
N THR C 337 -2.58 -21.13 -33.65
CA THR C 337 -2.48 -21.44 -35.07
C THR C 337 -2.78 -20.25 -35.97
N THR C 338 -3.26 -19.14 -35.42
CA THR C 338 -3.69 -18.02 -36.23
C THR C 338 -3.04 -16.73 -35.75
N HIS C 339 -2.92 -15.78 -36.66
CA HIS C 339 -2.34 -14.47 -36.38
C HIS C 339 -3.32 -13.70 -35.51
N SER C 340 -3.28 -14.02 -34.22
CA SER C 340 -4.19 -13.39 -33.27
C SER C 340 -3.70 -11.99 -32.96
N PHE C 341 -4.56 -10.99 -33.18
CA PHE C 341 -4.16 -9.63 -32.85
C PHE C 341 -5.36 -8.80 -32.47
N ASN C 342 -5.08 -7.59 -32.00
CA ASN C 342 -6.08 -6.70 -31.43
C ASN C 342 -6.20 -5.46 -32.30
N CYS C 343 -7.33 -5.31 -32.97
CA CYS C 343 -7.61 -4.14 -33.79
C CYS C 343 -8.31 -3.09 -32.92
N ARG C 344 -8.90 -2.10 -33.55
CA ARG C 344 -9.49 -0.99 -32.81
C ARG C 344 -10.74 -1.46 -32.06
N GLY C 345 -10.54 -2.27 -31.01
CA GLY C 345 -11.60 -2.72 -30.15
C GLY C 345 -11.96 -4.19 -30.30
N GLU C 346 -11.60 -4.81 -31.42
CA GLU C 346 -11.98 -6.20 -31.67
C GLU C 346 -10.76 -7.09 -31.69
N PHE C 347 -11.02 -8.40 -31.60
CA PHE C 347 -9.98 -9.41 -31.51
C PHE C 347 -10.06 -10.32 -32.74
N PHE C 348 -9.07 -10.23 -33.61
CA PHE C 348 -9.03 -10.94 -34.86
C PHE C 348 -8.15 -12.18 -34.75
N TYR C 349 -8.53 -13.22 -35.49
CA TYR C 349 -7.75 -14.45 -35.58
C TYR C 349 -7.72 -14.87 -37.04
N CYS C 350 -6.54 -14.81 -37.67
CA CYS C 350 -6.42 -14.99 -39.11
C CYS C 350 -5.65 -16.27 -39.42
N ASN C 351 -6.24 -17.12 -40.26
CA ASN C 351 -5.59 -18.35 -40.72
C ASN C 351 -4.53 -17.98 -41.75
N THR C 352 -3.27 -17.95 -41.34
CA THR C 352 -2.20 -17.47 -42.19
C THR C 352 -1.62 -18.56 -43.09
N SER C 353 -2.39 -19.60 -43.39
CA SER C 353 -1.87 -20.68 -44.22
C SER C 353 -1.54 -20.22 -45.63
N LYS C 354 -2.07 -19.06 -46.05
CA LYS C 354 -1.86 -18.62 -47.42
C LYS C 354 -0.43 -18.12 -47.61
N LEU C 355 0.10 -17.33 -46.67
CA LEU C 355 1.44 -16.79 -46.83
C LEU C 355 2.48 -17.89 -46.88
N PHE C 356 2.35 -18.90 -46.02
CA PHE C 356 3.34 -19.94 -45.85
C PHE C 356 3.00 -21.23 -46.61
N ASN C 357 1.99 -21.18 -47.47
CA ASN C 357 1.60 -22.33 -48.29
C ASN C 357 1.38 -23.60 -47.47
N ASN C 366 1.47 -6.86 -57.98
CA ASN C 366 0.26 -6.07 -58.19
C ASN C 366 -0.96 -6.79 -57.62
N SER C 367 -0.80 -8.08 -57.34
CA SER C 367 -1.86 -8.91 -56.81
C SER C 367 -1.72 -8.98 -55.29
N THR C 368 -2.78 -8.62 -54.58
CA THR C 368 -2.78 -8.73 -53.13
C THR C 368 -3.08 -10.15 -52.69
N ILE C 369 -2.76 -10.45 -51.44
CA ILE C 369 -3.09 -11.73 -50.82
C ILE C 369 -4.06 -11.46 -49.68
N THR C 370 -5.14 -12.24 -49.62
CA THR C 370 -6.22 -12.07 -48.67
C THR C 370 -6.16 -13.17 -47.63
N LEU C 371 -6.31 -12.79 -46.36
CA LEU C 371 -6.38 -13.72 -45.25
C LEU C 371 -7.78 -13.75 -44.67
N PRO C 372 -8.44 -14.90 -44.61
CA PRO C 372 -9.75 -14.97 -43.94
C PRO C 372 -9.56 -14.95 -42.42
N CYS C 373 -10.24 -14.02 -41.75
CA CYS C 373 -10.07 -13.80 -40.32
C CYS C 373 -11.41 -13.93 -39.61
N ARG C 374 -11.44 -14.74 -38.55
CA ARG C 374 -12.60 -14.89 -37.69
C ARG C 374 -12.41 -14.01 -36.46
N ILE C 375 -13.47 -13.36 -36.02
CA ILE C 375 -13.42 -12.45 -34.88
C ILE C 375 -13.99 -13.15 -33.67
N LYS C 376 -13.31 -13.04 -32.53
CA LYS C 376 -13.78 -13.67 -31.31
C LYS C 376 -14.11 -12.61 -30.26
N GLN C 377 -14.97 -12.99 -29.32
CA GLN C 377 -15.42 -12.05 -28.30
C GLN C 377 -14.96 -12.41 -26.89
N ILE C 378 -15.32 -13.58 -26.38
CA ILE C 378 -14.82 -13.98 -25.05
C ILE C 378 -13.51 -14.74 -25.25
N ILE C 379 -12.41 -14.08 -24.95
CA ILE C 379 -11.08 -14.61 -25.22
C ILE C 379 -10.37 -14.90 -23.90
N ASN C 380 -9.53 -15.91 -23.92
CA ASN C 380 -8.64 -16.24 -22.81
C ASN C 380 -7.23 -15.89 -23.26
N MET C 381 -6.86 -14.63 -23.09
CA MET C 381 -5.65 -14.08 -23.67
C MET C 381 -4.59 -13.92 -22.59
N TRP C 382 -3.36 -14.34 -22.92
CA TRP C 382 -2.25 -14.68 -22.04
C TRP C 382 -2.41 -16.07 -21.45
N GLN C 383 -3.49 -16.78 -21.77
CA GLN C 383 -3.70 -18.19 -21.38
C GLN C 383 -3.60 -18.37 -19.87
N GLU C 384 -4.52 -17.72 -19.15
CA GLU C 384 -4.64 -17.84 -17.71
C GLU C 384 -5.78 -18.77 -17.35
N VAL C 385 -5.62 -19.45 -16.22
CA VAL C 385 -6.68 -20.25 -15.63
C VAL C 385 -7.36 -19.34 -14.61
N GLY C 386 -8.59 -18.93 -14.89
CA GLY C 386 -9.29 -17.97 -14.07
C GLY C 386 -9.51 -16.62 -14.73
N ARG C 387 -9.08 -16.42 -15.97
CA ARG C 387 -9.25 -15.15 -16.66
C ARG C 387 -9.81 -15.36 -18.06
N CYS C 388 -10.80 -14.55 -18.41
CA CYS C 388 -11.15 -14.26 -19.79
C CYS C 388 -11.60 -12.81 -19.85
N MET C 389 -12.21 -12.38 -20.94
CA MET C 389 -12.73 -11.03 -21.03
C MET C 389 -13.74 -10.96 -22.17
N TYR C 390 -14.79 -10.17 -21.95
CA TYR C 390 -15.80 -9.92 -22.97
C TYR C 390 -15.46 -8.59 -23.63
N ALA C 391 -15.28 -8.61 -24.96
CA ALA C 391 -14.96 -7.40 -25.68
C ALA C 391 -16.23 -6.83 -26.27
N PRO C 392 -16.72 -5.69 -25.76
CA PRO C 392 -17.94 -5.12 -26.31
C PRO C 392 -17.75 -4.75 -27.76
N PRO C 393 -18.77 -4.90 -28.58
CA PRO C 393 -18.60 -4.65 -30.01
C PRO C 393 -18.35 -3.18 -30.30
N ILE C 394 -17.65 -2.94 -31.37
CA ILE C 394 -17.50 -1.58 -31.90
C ILE C 394 -18.58 -1.37 -32.95
N ALA C 395 -19.00 -0.13 -33.12
CA ALA C 395 -20.12 0.18 -34.00
C ALA C 395 -19.73 0.12 -35.47
N GLY C 396 -19.28 -1.04 -35.93
CA GLY C 396 -19.09 -1.30 -37.34
C GLY C 396 -17.99 -0.54 -38.05
N ASN C 397 -17.60 -1.05 -39.22
CA ASN C 397 -16.67 -0.37 -40.13
C ASN C 397 -15.35 -0.04 -39.43
N ILE C 398 -14.63 -1.10 -39.07
CA ILE C 398 -13.35 -0.97 -38.40
C ILE C 398 -12.24 -1.46 -39.33
N THR C 399 -11.14 -0.73 -39.35
CA THR C 399 -9.98 -1.03 -40.16
C THR C 399 -8.73 -0.84 -39.32
N CYS C 400 -7.71 -1.66 -39.60
CA CYS C 400 -6.44 -1.55 -38.92
C CYS C 400 -5.34 -1.64 -39.96
N LYS C 401 -4.54 -0.58 -40.08
CA LYS C 401 -3.39 -0.55 -40.97
C LYS C 401 -2.13 -0.59 -40.11
N SER C 402 -1.28 -1.58 -40.35
CA SER C 402 -0.11 -1.76 -39.50
C SER C 402 1.03 -2.31 -40.32
N ASN C 403 2.19 -2.46 -39.68
CA ASN C 403 3.37 -2.98 -40.34
C ASN C 403 3.85 -4.26 -39.68
N ILE C 404 3.90 -5.32 -40.46
CA ILE C 404 4.53 -6.57 -40.04
C ILE C 404 6.02 -6.29 -39.97
N THR C 405 6.62 -6.49 -38.79
CA THR C 405 8.05 -6.28 -38.61
C THR C 405 8.74 -7.44 -37.93
N GLY C 406 8.04 -8.53 -37.67
CA GLY C 406 8.65 -9.64 -36.96
C GLY C 406 7.97 -10.95 -37.27
N LEU C 407 8.74 -12.02 -37.19
CA LEU C 407 8.27 -13.37 -37.47
C LEU C 407 8.67 -14.28 -36.34
N LEU C 408 7.71 -15.03 -35.81
CA LEU C 408 7.93 -15.96 -34.71
C LEU C 408 7.91 -17.37 -35.28
N LEU C 409 9.08 -17.95 -35.48
CA LEU C 409 9.27 -19.22 -36.17
C LEU C 409 9.79 -20.27 -35.21
N THR C 410 9.32 -21.51 -35.40
CA THR C 410 9.81 -22.67 -34.68
C THR C 410 9.92 -23.84 -35.66
N ARG C 411 10.81 -24.77 -35.36
CA ARG C 411 10.97 -25.95 -36.20
C ARG C 411 10.89 -27.20 -35.35
N ASP C 412 10.44 -28.29 -35.98
CA ASP C 412 10.11 -29.52 -35.29
C ASP C 412 10.91 -30.68 -35.87
N GLY C 413 11.10 -31.71 -35.04
CA GLY C 413 11.82 -32.90 -35.45
C GLY C 413 13.30 -32.82 -35.14
N ASN C 418 14.50 -35.44 -42.34
CA ASN C 418 15.57 -35.75 -43.28
C ASN C 418 16.48 -34.55 -43.50
N ASN C 419 16.95 -34.38 -44.74
CA ASN C 419 17.84 -33.29 -45.07
C ASN C 419 17.07 -32.03 -45.47
N THR C 420 16.16 -31.60 -44.60
CA THR C 420 15.40 -30.38 -44.84
C THR C 420 14.94 -29.83 -43.50
N GLU C 421 14.80 -28.51 -43.42
CA GLU C 421 14.35 -27.82 -42.22
C GLU C 421 13.04 -27.11 -42.51
N THR C 422 12.02 -27.37 -41.69
CA THR C 422 10.68 -26.82 -41.87
C THR C 422 10.37 -25.86 -40.74
N PHE C 423 9.96 -24.65 -41.09
CA PHE C 423 9.68 -23.60 -40.13
C PHE C 423 8.19 -23.28 -40.14
N ARG C 424 7.63 -23.10 -38.93
CA ARG C 424 6.23 -22.81 -38.76
C ARG C 424 6.08 -21.61 -37.84
N PRO C 425 5.11 -20.74 -38.11
CA PRO C 425 4.75 -19.72 -37.11
C PRO C 425 4.33 -20.38 -35.81
N GLY C 426 4.75 -19.80 -34.70
CA GLY C 426 4.48 -20.40 -33.41
C GLY C 426 4.56 -19.43 -32.26
N GLY C 427 3.53 -19.43 -31.42
CA GLY C 427 3.48 -18.52 -30.30
C GLY C 427 3.45 -19.24 -28.97
N GLY C 428 2.39 -19.04 -28.20
CA GLY C 428 2.27 -19.63 -26.89
C GLY C 428 2.78 -18.72 -25.79
N ASP C 429 4.09 -18.54 -25.72
CA ASP C 429 4.66 -17.66 -24.71
C ASP C 429 4.59 -16.22 -25.20
N MET C 430 3.86 -15.38 -24.48
CA MET C 430 3.70 -13.99 -24.87
C MET C 430 4.95 -13.16 -24.63
N ARG C 431 5.81 -13.60 -23.70
CA ARG C 431 6.98 -12.80 -23.35
C ARG C 431 7.82 -12.47 -24.57
N ASP C 432 7.89 -13.37 -25.54
CA ASP C 432 8.72 -13.13 -26.72
C ASP C 432 8.34 -11.84 -27.42
N ASN C 433 7.06 -11.47 -27.37
CA ASN C 433 6.64 -10.23 -28.03
C ASN C 433 7.33 -9.03 -27.41
N TRP C 434 7.48 -9.01 -26.08
CA TRP C 434 8.25 -7.93 -25.47
C TRP C 434 9.74 -8.11 -25.72
N ARG C 435 10.21 -9.33 -25.91
CA ARG C 435 11.63 -9.55 -26.11
C ARG C 435 12.12 -8.99 -27.42
N SER C 436 11.24 -8.79 -28.40
CA SER C 436 11.67 -8.29 -29.69
C SER C 436 12.01 -6.82 -29.66
N GLU C 437 11.55 -6.08 -28.65
CA GLU C 437 11.87 -4.65 -28.53
C GLU C 437 12.95 -4.38 -27.51
N LEU C 438 12.91 -5.06 -26.36
CA LEU C 438 13.89 -4.84 -25.30
C LEU C 438 15.15 -5.68 -25.48
N TYR C 439 15.46 -6.05 -26.73
CA TYR C 439 16.64 -6.87 -26.99
C TYR C 439 17.94 -6.10 -26.79
N LYS C 440 17.87 -4.78 -26.70
CA LYS C 440 19.05 -3.94 -26.53
C LYS C 440 18.95 -3.10 -25.27
N TYR C 441 18.66 -3.74 -24.15
CA TYR C 441 18.61 -3.03 -22.87
C TYR C 441 19.01 -3.96 -21.75
N LYS C 442 19.91 -3.50 -20.88
CA LYS C 442 20.19 -4.19 -19.63
C LYS C 442 20.26 -3.17 -18.50
N VAL C 443 19.94 -3.60 -17.29
CA VAL C 443 19.95 -2.73 -16.11
C VAL C 443 21.19 -3.03 -15.30
N VAL C 444 21.90 -1.99 -14.87
CA VAL C 444 23.11 -2.17 -14.08
C VAL C 444 23.12 -1.16 -12.93
N GLU C 445 23.52 -1.62 -11.75
CA GLU C 445 23.72 -0.76 -10.60
C GLU C 445 25.15 -0.24 -10.56
N ILE C 446 25.29 0.99 -10.07
CA ILE C 446 26.58 1.66 -10.05
C ILE C 446 27.28 1.34 -8.75
N LYS C 447 28.59 1.11 -8.83
CA LYS C 447 29.40 0.94 -7.64
C LYS C 447 30.34 2.13 -7.50
N PRO C 448 29.88 3.23 -6.90
CA PRO C 448 30.69 4.45 -6.90
C PRO C 448 31.96 4.36 -6.07
N LEU C 449 32.05 3.44 -5.13
CA LEU C 449 33.22 3.37 -4.25
C LEU C 449 34.32 2.57 -4.92
N GLY C 450 35.41 3.24 -5.28
CA GLY C 450 36.56 2.57 -5.86
C GLY C 450 37.77 2.77 -4.98
N ILE C 451 38.72 1.83 -5.09
CA ILE C 451 39.93 1.83 -4.27
C ILE C 451 41.13 1.62 -5.18
N ALA C 452 42.17 2.42 -4.97
CA ALA C 452 43.32 2.40 -5.88
C ALA C 452 44.53 3.00 -5.19
N PRO C 453 45.75 2.67 -5.61
CA PRO C 453 46.94 3.14 -4.91
C PRO C 453 47.51 4.44 -5.46
N THR C 454 48.08 5.24 -4.56
CA THR C 454 48.82 6.43 -4.94
C THR C 454 49.67 6.88 -3.75
N LYS C 455 50.55 7.84 -4.01
CA LYS C 455 51.39 8.42 -2.98
C LYS C 455 50.64 9.50 -2.21
N CYS C 456 49.90 9.09 -1.17
CA CYS C 456 49.15 10.01 -0.34
C CYS C 456 49.19 9.55 1.10
N ASN C 457 49.64 10.42 1.99
CA ASN C 457 49.74 10.14 3.42
C ASN C 457 48.84 11.09 4.19
N ARG C 458 48.63 10.77 5.47
CA ARG C 458 47.80 11.59 6.34
C ARG C 458 48.53 11.90 7.64
N PHE D 11 10.58 28.62 11.76
CA PHE D 11 10.88 28.91 10.36
C PHE D 11 9.99 30.02 9.81
N LEU D 12 10.48 30.70 8.77
CA LEU D 12 9.89 31.96 8.28
C LEU D 12 9.74 32.96 9.43
N GLY D 13 10.90 33.44 9.88
CA GLY D 13 11.01 34.33 11.01
C GLY D 13 11.12 35.77 10.53
N ALA D 14 12.33 36.29 10.49
CA ALA D 14 12.54 37.69 10.14
C ALA D 14 12.24 37.98 8.67
N ALA D 15 11.59 37.08 7.94
CA ALA D 15 11.24 37.29 6.53
C ALA D 15 10.75 38.70 6.25
N GLY D 16 10.04 39.30 7.22
CA GLY D 16 9.66 40.70 7.10
C GLY D 16 10.79 41.68 7.36
N SER D 17 11.84 41.25 8.06
CA SER D 17 12.93 42.15 8.38
C SER D 17 13.88 42.26 7.19
N THR D 18 14.90 43.10 7.33
CA THR D 18 15.82 43.35 6.24
C THR D 18 16.69 42.13 5.98
N MET D 19 17.43 42.17 4.88
CA MET D 19 18.31 41.07 4.51
C MET D 19 19.36 40.82 5.59
N GLY D 20 19.98 41.90 6.09
CA GLY D 20 20.96 41.75 7.14
C GLY D 20 20.36 41.22 8.43
N ALA D 21 19.17 41.70 8.79
CA ALA D 21 18.50 41.20 9.99
C ALA D 21 18.15 39.72 9.83
N ALA D 22 17.70 39.32 8.64
CA ALA D 22 17.40 37.92 8.39
C ALA D 22 18.65 37.06 8.43
N SER D 23 19.80 37.64 8.06
CA SER D 23 21.06 36.91 8.07
C SER D 23 21.49 36.48 9.47
N ASN D 24 20.90 37.07 10.52
CA ASN D 24 21.25 36.74 11.89
C ASN D 24 20.30 35.74 12.54
N THR D 25 19.11 35.55 11.98
CA THR D 25 18.09 34.69 12.58
C THR D 25 17.74 33.52 11.68
N LEU D 26 18.75 32.94 11.02
CA LEU D 26 18.52 31.82 10.11
C LEU D 26 18.63 30.46 10.79
N THR D 27 18.77 30.42 12.11
CA THR D 27 18.95 29.14 12.79
C THR D 27 17.65 28.33 12.86
N VAL D 28 16.51 29.02 13.00
CA VAL D 28 15.26 28.31 13.25
C VAL D 28 14.80 27.53 12.01
N GLN D 29 14.96 28.13 10.82
CA GLN D 29 14.60 27.43 9.59
C GLN D 29 15.46 26.18 9.40
N ALA D 30 16.76 26.29 9.68
CA ALA D 30 17.63 25.12 9.58
C ALA D 30 17.25 24.07 10.61
N ARG D 31 16.89 24.49 11.82
CA ARG D 31 16.55 23.55 12.88
C ARG D 31 15.27 22.79 12.55
N GLN D 32 14.17 23.51 12.35
CA GLN D 32 12.86 22.89 12.11
C GLN D 32 12.73 22.52 10.64
N LEU D 33 13.49 21.50 10.25
CA LEU D 33 13.39 20.94 8.91
C LEU D 33 13.17 19.44 8.89
N LEU D 34 13.43 18.74 10.00
CA LEU D 34 13.12 17.32 10.11
C LEU D 34 11.94 17.04 11.04
N SER D 35 11.30 18.09 11.57
CA SER D 35 10.09 17.96 12.37
C SER D 35 9.18 19.17 12.15
N GLY D 36 8.14 19.30 12.98
CA GLY D 36 7.16 20.36 12.85
C GLY D 36 7.51 21.60 13.67
N ILE D 37 6.47 22.35 14.02
CA ILE D 37 6.63 23.55 14.86
C ILE D 37 6.54 23.08 16.30
N VAL D 38 7.68 22.67 16.85
CA VAL D 38 7.73 22.25 18.24
C VAL D 38 8.85 22.97 18.96
N LEU D 57 -4.99 -0.12 4.72
CA LEU D 57 -4.73 0.94 5.69
C LEU D 57 -4.70 2.29 4.98
N GLY D 58 -5.53 2.43 3.95
CA GLY D 58 -5.53 3.63 3.13
C GLY D 58 -6.31 4.77 3.72
N VAL D 59 -6.75 4.63 4.97
CA VAL D 59 -7.48 5.72 5.63
C VAL D 59 -6.59 6.95 5.74
N TRP D 60 -5.56 6.85 6.59
CA TRP D 60 -4.59 7.91 6.77
C TRP D 60 -3.15 7.43 6.79
N GLY D 61 -2.89 6.13 6.92
CA GLY D 61 -1.51 5.67 7.06
C GLY D 61 -0.66 5.99 5.84
N PHE D 62 -1.20 5.72 4.65
CA PHE D 62 -0.45 5.98 3.43
C PHE D 62 -0.20 7.47 3.26
N LYS D 63 -1.14 8.29 3.72
CA LYS D 63 -0.99 9.75 3.62
C LYS D 63 0.22 10.24 4.40
N GLN D 64 0.30 9.87 5.68
CA GLN D 64 1.44 10.30 6.49
C GLN D 64 2.73 9.61 6.06
N LEU D 65 2.65 8.37 5.55
CA LEU D 65 3.85 7.71 5.05
C LEU D 65 4.43 8.46 3.85
N GLN D 66 3.57 8.80 2.90
CA GLN D 66 4.04 9.57 1.74
C GLN D 66 4.54 10.94 2.18
N ALA D 67 3.88 11.57 3.15
CA ALA D 67 4.33 12.86 3.64
C ALA D 67 5.72 12.77 4.25
N ARG D 68 5.96 11.76 5.07
CA ARG D 68 7.25 11.68 5.75
C ARG D 68 8.34 11.12 4.85
N VAL D 69 8.00 10.47 3.74
CA VAL D 69 9.00 10.20 2.73
C VAL D 69 9.37 11.47 1.98
N LEU D 70 8.37 12.30 1.66
CA LEU D 70 8.65 13.57 1.00
C LEU D 70 9.51 14.47 1.86
N ALA D 71 9.26 14.47 3.18
CA ALA D 71 10.06 15.29 4.08
C ALA D 71 11.54 14.92 4.01
N ILE D 72 11.84 13.62 4.12
CA ILE D 72 13.24 13.23 4.11
C ILE D 72 13.85 13.42 2.73
N GLU D 73 13.08 13.26 1.66
CA GLU D 73 13.64 13.52 0.34
C GLU D 73 14.00 14.99 0.19
N ARG D 74 13.15 15.89 0.70
CA ARG D 74 13.47 17.31 0.63
C ARG D 74 14.73 17.62 1.44
N TYR D 75 14.82 17.07 2.64
CA TYR D 75 16.00 17.30 3.47
C TYR D 75 17.26 16.77 2.80
N LEU D 76 17.18 15.59 2.18
CA LEU D 76 18.35 15.02 1.53
C LEU D 76 18.73 15.78 0.28
N GLU D 77 17.77 16.34 -0.44
CA GLU D 77 18.12 17.16 -1.60
C GLU D 77 18.85 18.42 -1.16
N VAL D 78 18.41 19.03 -0.06
CA VAL D 78 19.15 20.18 0.45
C VAL D 78 20.56 19.77 0.87
N GLN D 79 20.68 18.62 1.53
CA GLN D 79 22.01 18.16 1.94
C GLN D 79 22.92 17.91 0.74
N GLN D 80 22.37 17.31 -0.32
CA GLN D 80 23.15 17.07 -1.52
C GLN D 80 23.63 18.38 -2.14
N LEU D 81 22.73 19.36 -2.27
CA LEU D 81 23.12 20.64 -2.84
C LEU D 81 24.19 21.31 -2.00
N LEU D 82 24.08 21.22 -0.68
CA LEU D 82 25.12 21.79 0.18
C LEU D 82 26.43 21.02 0.05
N GLY D 83 26.36 19.71 -0.13
CA GLY D 83 27.57 18.92 -0.20
C GLY D 83 28.37 19.17 -1.48
N ILE D 84 27.68 19.22 -2.62
CA ILE D 84 28.41 19.38 -3.88
C ILE D 84 28.99 20.76 -4.03
N TRP D 85 28.79 21.65 -3.06
CA TRP D 85 29.53 22.90 -2.98
C TRP D 85 30.46 22.85 -1.77
N GLY D 86 31.16 23.95 -1.54
CA GLY D 86 32.08 24.01 -0.42
C GLY D 86 31.41 24.40 0.89
N CYS D 87 30.15 23.98 1.06
CA CYS D 87 29.41 24.33 2.26
C CYS D 87 28.73 23.13 2.91
N SER D 88 29.31 21.95 2.82
CA SER D 88 28.71 20.76 3.40
C SER D 88 28.79 20.84 4.93
N GLY D 89 27.65 21.03 5.57
CA GLY D 89 27.61 21.08 7.03
C GLY D 89 27.84 22.44 7.64
N LYS D 90 27.65 23.53 6.90
CA LYS D 90 27.85 24.87 7.42
C LYS D 90 26.59 25.70 7.19
N LEU D 91 26.13 26.40 8.23
CA LEU D 91 25.03 27.33 8.04
C LEU D 91 25.49 28.57 7.28
N ILE D 92 26.67 29.08 7.63
CA ILE D 92 27.27 30.19 6.91
C ILE D 92 28.33 29.63 5.96
N CYS D 93 28.36 30.15 4.74
CA CYS D 93 29.32 29.70 3.75
C CYS D 93 29.84 30.88 2.96
N CYS D 94 31.01 30.70 2.35
CA CYS D 94 31.59 31.65 1.42
C CYS D 94 32.11 30.88 0.22
N THR D 95 32.19 31.57 -0.92
CA THR D 95 32.69 30.96 -2.14
C THR D 95 33.84 31.79 -2.68
N ALA D 96 34.42 31.34 -3.79
CA ALA D 96 35.52 32.07 -4.42
C ALA D 96 35.03 32.89 -5.61
N VAL D 97 33.89 32.52 -6.17
CA VAL D 97 33.36 33.16 -7.37
C VAL D 97 32.72 34.50 -7.02
N PRO D 98 33.18 35.60 -7.61
CA PRO D 98 32.41 36.85 -7.55
C PRO D 98 31.46 36.97 -8.72
N TRP D 99 30.20 37.33 -8.48
CA TRP D 99 29.22 37.28 -9.56
C TRP D 99 29.37 38.48 -10.48
N ASN D 100 28.82 38.34 -11.69
CA ASN D 100 28.82 39.42 -12.67
C ASN D 100 27.85 40.51 -12.24
N SER D 101 28.08 41.72 -12.76
CA SER D 101 27.28 42.89 -12.43
C SER D 101 25.88 42.81 -13.03
N THR D 102 25.75 42.13 -14.18
CA THR D 102 24.51 42.15 -14.94
C THR D 102 23.33 41.66 -14.13
N TRP D 103 23.57 40.71 -13.22
CA TRP D 103 22.48 40.20 -12.39
C TRP D 103 21.92 41.27 -11.48
N SER D 104 22.79 42.08 -10.88
CA SER D 104 22.35 43.17 -10.02
C SER D 104 23.50 44.14 -9.83
N ASN D 105 23.17 45.43 -9.89
CA ASN D 105 24.14 46.51 -9.63
C ASN D 105 23.78 47.30 -8.39
N LYS D 106 22.91 46.75 -7.54
CA LYS D 106 22.47 47.46 -6.35
C LYS D 106 23.62 47.58 -5.34
N THR D 107 23.59 48.66 -4.57
CA THR D 107 24.60 48.88 -3.55
C THR D 107 24.42 47.91 -2.39
N GLN D 108 25.52 47.65 -1.69
CA GLN D 108 25.50 46.65 -0.62
C GLN D 108 24.58 47.06 0.52
N GLU D 109 24.69 48.32 0.96
CA GLU D 109 23.90 48.76 2.11
C GLU D 109 22.42 48.78 1.80
N ASP D 110 22.04 49.19 0.58
CA ASP D 110 20.64 49.14 0.19
C ASP D 110 20.14 47.70 0.14
N ILE D 111 20.98 46.78 -0.32
CA ILE D 111 20.60 45.38 -0.40
C ILE D 111 20.35 44.80 0.99
N TRP D 112 21.29 45.05 1.90
CA TRP D 112 21.30 44.37 3.20
C TRP D 112 20.59 45.12 4.31
N ASP D 113 20.11 46.34 4.05
CA ASP D 113 19.46 47.11 5.11
C ASP D 113 18.15 47.75 4.67
N ASN D 114 17.64 47.43 3.49
CA ASN D 114 16.40 48.04 3.03
C ASN D 114 15.47 47.00 2.41
N MET D 115 15.97 45.79 2.21
CA MET D 115 15.28 44.79 1.41
C MET D 115 15.26 43.43 2.13
N THR D 116 14.20 42.67 1.88
CA THR D 116 14.00 41.33 2.41
C THR D 116 14.67 40.30 1.50
N TRP D 117 14.29 39.03 1.66
CA TRP D 117 14.87 37.98 0.82
C TRP D 117 14.02 37.69 -0.40
N MET D 118 12.71 37.91 -0.34
CA MET D 118 11.79 37.29 -1.30
C MET D 118 11.90 37.93 -2.68
N GLN D 119 11.57 39.20 -2.82
CA GLN D 119 11.62 39.76 -4.18
C GLN D 119 13.07 40.01 -4.60
N TRP D 120 14.01 39.87 -3.66
CA TRP D 120 15.40 39.73 -4.04
C TRP D 120 15.63 38.44 -4.83
N ASP D 121 15.09 37.33 -4.33
CA ASP D 121 15.11 36.09 -5.10
C ASP D 121 14.39 36.30 -6.43
N ARG D 122 13.24 36.97 -6.39
CA ARG D 122 12.50 37.27 -7.61
C ARG D 122 13.37 38.00 -8.62
N GLU D 123 14.17 38.95 -8.14
CA GLU D 123 15.13 39.65 -9.01
C GLU D 123 16.16 38.68 -9.57
N ILE D 124 16.66 37.76 -8.74
CA ILE D 124 17.66 36.80 -9.20
C ILE D 124 17.03 35.54 -9.79
N SER D 125 15.71 35.37 -9.67
CA SER D 125 15.03 34.15 -10.10
C SER D 125 15.36 33.78 -11.54
N ASN D 126 15.52 34.79 -12.40
CA ASN D 126 15.88 34.52 -13.79
C ASN D 126 17.31 34.03 -13.92
N TYR D 127 18.15 34.24 -12.91
CA TYR D 127 19.55 33.86 -12.96
C TYR D 127 19.94 32.78 -11.95
N THR D 128 18.97 32.21 -11.23
CA THR D 128 19.31 31.27 -10.16
C THR D 128 20.04 30.04 -10.70
N ASP D 129 19.56 29.48 -11.81
CA ASP D 129 20.15 28.26 -12.33
C ASP D 129 21.60 28.46 -12.73
N THR D 130 21.91 29.62 -13.33
CA THR D 130 23.26 29.85 -13.83
C THR D 130 24.28 29.85 -12.70
N ILE D 131 23.93 30.46 -11.56
CA ILE D 131 24.85 30.52 -10.44
C ILE D 131 25.08 29.13 -9.87
N TYR D 132 24.05 28.30 -9.84
CA TYR D 132 24.20 26.92 -9.37
C TYR D 132 25.21 26.17 -10.23
N ARG D 133 25.09 26.30 -11.56
CA ARG D 133 26.10 25.70 -12.43
C ARG D 133 27.45 26.34 -12.21
N LEU D 134 27.49 27.66 -12.04
CA LEU D 134 28.75 28.33 -11.74
C LEU D 134 29.31 27.87 -10.40
N LEU D 135 28.42 27.64 -9.41
CA LEU D 135 28.88 27.19 -8.11
C LEU D 135 29.54 25.81 -8.19
N GLU D 136 28.87 24.88 -8.87
CA GLU D 136 29.36 23.50 -8.89
C GLU D 136 30.67 23.38 -9.66
N GLU D 137 30.80 24.09 -10.78
CA GLU D 137 32.03 24.00 -11.55
C GLU D 137 33.18 24.73 -10.85
N SER D 138 32.88 25.84 -10.17
CA SER D 138 33.89 26.50 -9.36
C SER D 138 34.33 25.59 -8.23
N GLN D 139 33.41 24.79 -7.69
CA GLN D 139 33.76 23.83 -6.65
C GLN D 139 34.73 22.79 -7.19
N PHE D 140 34.44 22.24 -8.37
CA PHE D 140 35.31 21.24 -8.98
C PHE D 140 36.71 21.80 -9.21
N GLN D 141 36.80 23.04 -9.68
CA GLN D 141 38.12 23.65 -9.90
C GLN D 141 38.89 23.78 -8.61
N GLN D 142 38.20 24.11 -7.51
CA GLN D 142 38.87 24.23 -6.22
C GLN D 142 39.40 22.90 -5.72
N GLU D 143 38.62 21.82 -5.90
CA GLU D 143 39.11 20.50 -5.51
C GLU D 143 40.34 20.10 -6.32
N ILE D 144 40.26 20.21 -7.65
CA ILE D 144 41.38 19.77 -8.49
C ILE D 144 42.62 20.63 -8.21
N ASN D 145 42.42 21.87 -7.78
CA ASN D 145 43.54 22.69 -7.33
C ASN D 145 44.08 22.18 -6.01
N GLU D 146 43.20 21.77 -5.11
CA GLU D 146 43.58 21.19 -3.83
C GLU D 146 43.90 19.69 -3.93
N LYS D 147 43.61 19.07 -5.07
CA LYS D 147 43.85 17.66 -5.30
C LYS D 147 45.26 17.40 -5.84
N ASP D 148 46.06 18.46 -6.00
CA ASP D 148 47.40 18.31 -6.55
C ASP D 148 48.28 17.43 -5.69
N ASN D 149 47.96 17.29 -4.40
CA ASN D 149 48.74 16.44 -3.50
C ASN D 149 48.57 14.97 -3.85
N ASN E 6 35.73 44.35 -3.69
CA ASN E 6 35.10 43.22 -4.35
C ASN E 6 34.20 42.44 -3.38
N LEU E 7 33.22 41.74 -3.93
CA LEU E 7 32.30 40.94 -3.15
C LEU E 7 32.26 39.51 -3.69
N TRP E 8 31.85 38.59 -2.84
CA TRP E 8 31.77 37.18 -3.19
C TRP E 8 30.42 36.62 -2.78
N VAL E 9 29.87 35.74 -3.62
CA VAL E 9 28.60 35.12 -3.29
C VAL E 9 28.79 34.14 -2.15
N THR E 10 27.73 33.94 -1.38
CA THR E 10 27.77 33.19 -0.14
C THR E 10 26.45 32.47 0.02
N VAL E 11 26.52 31.27 0.59
CA VAL E 11 25.38 30.37 0.69
C VAL E 11 24.95 30.29 2.13
N TYR E 12 23.69 30.63 2.40
CA TYR E 12 23.10 30.55 3.72
C TYR E 12 22.06 29.44 3.73
N TYR E 13 22.10 28.63 4.76
CA TYR E 13 21.19 27.50 4.91
C TYR E 13 20.06 27.93 5.83
N GLY E 14 18.90 28.23 5.24
CA GLY E 14 17.71 28.53 6.01
C GLY E 14 17.25 29.98 6.01
N VAL E 15 17.34 30.65 4.87
CA VAL E 15 16.79 31.99 4.75
C VAL E 15 15.28 31.86 4.58
N PRO E 16 14.50 32.85 4.99
CA PRO E 16 13.04 32.74 4.92
C PRO E 16 12.46 33.06 3.55
N VAL E 17 12.40 32.03 2.70
CA VAL E 17 11.75 32.12 1.40
C VAL E 17 10.81 30.93 1.27
N TRP E 18 9.56 31.20 0.89
CA TRP E 18 8.55 30.15 0.77
C TRP E 18 7.99 30.13 -0.65
N LYS E 19 7.99 28.95 -1.25
CA LYS E 19 7.53 28.74 -2.62
C LYS E 19 6.04 28.40 -2.59
N GLU E 20 5.52 27.87 -3.70
CA GLU E 20 4.09 27.68 -3.87
C GLU E 20 3.63 26.36 -3.26
N ALA E 21 2.45 25.89 -3.67
CA ALA E 21 1.56 24.98 -2.98
C ALA E 21 1.43 23.65 -3.73
N LYS E 22 0.39 22.89 -3.42
CA LYS E 22 0.11 21.56 -3.94
C LYS E 22 1.11 20.51 -3.46
N THR E 23 1.14 20.29 -2.15
CA THR E 23 1.72 19.10 -1.55
C THR E 23 0.63 18.34 -0.79
N THR E 24 1.05 17.32 -0.04
CA THR E 24 0.14 16.43 0.66
C THR E 24 0.11 16.79 2.14
N LEU E 25 -1.09 16.76 2.73
CA LEU E 25 -1.29 17.03 4.14
C LEU E 25 -1.76 15.78 4.86
N PHE E 26 -1.44 15.68 6.15
CA PHE E 26 -1.84 14.52 6.94
C PHE E 26 -2.73 14.95 8.09
N CYS E 27 -3.67 14.07 8.43
CA CYS E 27 -4.69 14.34 9.43
C CYS E 27 -4.09 14.39 10.83
N ALA E 28 -4.88 14.91 11.76
CA ALA E 28 -4.49 14.95 13.17
C ALA E 28 -5.75 15.18 13.98
N SER E 29 -6.08 14.26 14.87
CA SER E 29 -7.29 14.35 15.66
C SER E 29 -6.96 14.54 17.13
N ASP E 30 -7.83 15.27 17.83
CA ASP E 30 -7.61 15.62 19.23
C ASP E 30 -7.93 14.43 20.13
N ALA E 31 -8.04 14.68 21.43
CA ALA E 31 -8.37 13.63 22.38
C ALA E 31 -9.80 13.15 22.19
N HIS E 39 -15.87 5.62 17.94
CA HIS E 39 -15.46 5.63 16.55
C HIS E 39 -16.34 6.57 15.75
N ASN E 40 -15.96 6.81 14.49
CA ASN E 40 -16.79 7.57 13.56
C ASN E 40 -16.32 7.26 12.15
N VAL E 41 -16.85 7.98 11.17
CA VAL E 41 -16.58 7.66 9.77
C VAL E 41 -15.17 8.07 9.40
N TRP E 42 -14.84 9.35 9.53
CA TRP E 42 -13.48 9.82 9.26
C TRP E 42 -12.62 9.41 10.44
N ALA E 43 -11.89 8.31 10.26
CA ALA E 43 -11.33 7.58 11.39
C ALA E 43 -10.45 8.48 12.26
N THR E 44 -10.93 8.75 13.48
CA THR E 44 -10.11 9.44 14.46
C THR E 44 -8.97 8.56 14.95
N HIS E 45 -9.21 7.25 15.06
CA HIS E 45 -8.20 6.31 15.50
C HIS E 45 -7.19 5.99 14.41
N ALA E 46 -7.13 6.81 13.36
CA ALA E 46 -6.17 6.58 12.28
C ALA E 46 -5.32 7.81 11.99
N CYS E 47 -5.50 8.92 12.70
CA CYS E 47 -4.60 10.06 12.59
C CYS E 47 -3.71 10.16 13.81
N VAL E 48 -2.54 10.76 13.61
CA VAL E 48 -1.61 10.97 14.72
C VAL E 48 -2.24 11.93 15.72
N PRO E 49 -2.05 11.73 17.02
CA PRO E 49 -2.60 12.69 17.99
C PRO E 49 -2.00 14.07 17.78
N THR E 50 -2.83 15.09 17.96
CA THR E 50 -2.35 16.46 17.88
C THR E 50 -1.72 16.86 19.20
N ASP E 51 -0.48 17.29 19.16
CA ASP E 51 0.07 17.99 20.31
C ASP E 51 -0.59 19.36 20.31
N PRO E 52 -1.56 19.61 21.20
CA PRO E 52 -2.43 20.79 21.03
C PRO E 52 -1.64 22.08 20.99
N ASN E 53 -0.97 22.40 22.11
CA ASN E 53 0.08 23.41 22.22
C ASN E 53 -0.08 24.54 21.21
N PRO E 54 -1.19 25.30 21.28
CA PRO E 54 -1.45 26.30 20.23
C PRO E 54 -0.27 27.25 20.04
N GLN E 55 0.39 27.14 18.89
CA GLN E 55 1.62 27.86 18.63
C GLN E 55 1.55 28.41 17.22
N GLU E 56 1.82 29.71 17.09
CA GLU E 56 1.88 30.38 15.80
C GLU E 56 3.11 31.27 15.81
N MET E 57 3.29 32.04 14.74
CA MET E 57 4.40 32.98 14.66
C MET E 57 4.01 34.11 13.74
N VAL E 58 3.72 35.27 14.31
CA VAL E 58 3.29 36.42 13.51
C VAL E 58 4.47 36.90 12.69
N LEU E 59 4.22 37.18 11.42
CA LEU E 59 5.23 37.68 10.50
C LEU E 59 4.99 39.18 10.32
N GLU E 60 5.74 39.99 11.06
CA GLU E 60 5.58 41.43 10.92
C GLU E 60 6.17 41.90 9.60
N ASN E 61 5.56 42.93 9.03
CA ASN E 61 6.05 43.59 7.82
C ASN E 61 6.14 42.62 6.63
N VAL E 62 5.05 41.89 6.37
CA VAL E 62 4.96 41.03 5.20
C VAL E 62 3.63 41.29 4.51
N THR E 63 3.52 40.80 3.28
CA THR E 63 2.26 40.83 2.55
C THR E 63 2.31 39.80 1.43
N GLU E 64 1.19 39.13 1.19
CA GLU E 64 1.12 38.09 0.17
C GLU E 64 -0.31 37.95 -0.32
N ASN E 65 -0.45 37.27 -1.46
CA ASN E 65 -1.72 37.18 -2.17
C ASN E 65 -2.38 35.84 -1.87
N PHE E 66 -3.60 35.88 -1.35
CA PHE E 66 -4.44 34.70 -1.18
C PHE E 66 -5.48 34.67 -2.29
N ASN E 67 -5.85 33.48 -2.72
CA ASN E 67 -6.76 33.32 -3.85
C ASN E 67 -7.77 32.24 -3.47
N MET E 68 -8.52 32.50 -2.39
CA MET E 68 -9.28 31.48 -1.66
C MET E 68 -9.94 30.41 -2.53
N TRP E 69 -10.88 30.81 -3.39
CA TRP E 69 -11.63 29.78 -4.09
C TRP E 69 -10.92 29.24 -5.32
N LYS E 70 -9.61 28.99 -5.19
CA LYS E 70 -8.82 28.15 -6.08
C LYS E 70 -7.87 27.26 -5.29
N ASN E 71 -8.01 27.24 -3.97
CA ASN E 71 -7.01 26.66 -3.08
C ASN E 71 -6.84 25.17 -3.32
N ASP E 72 -5.69 24.65 -2.90
CA ASP E 72 -5.43 23.23 -3.00
C ASP E 72 -6.08 22.48 -1.84
N MET E 73 -5.97 23.04 -0.64
CA MET E 73 -6.38 22.34 0.57
C MET E 73 -7.83 21.92 0.51
N VAL E 74 -8.69 22.76 -0.09
CA VAL E 74 -10.09 22.43 -0.21
C VAL E 74 -10.26 21.18 -1.05
N ASP E 75 -9.59 21.12 -2.20
CA ASP E 75 -9.70 19.94 -3.06
C ASP E 75 -9.16 18.70 -2.38
N GLN E 76 -8.00 18.82 -1.70
CA GLN E 76 -7.43 17.67 -1.00
C GLN E 76 -8.38 17.15 0.07
N MET E 77 -8.95 18.06 0.87
CA MET E 77 -9.84 17.63 1.94
C MET E 77 -11.11 17.00 1.39
N HIS E 78 -11.68 17.56 0.33
CA HIS E 78 -12.90 16.96 -0.21
C HIS E 78 -12.64 15.59 -0.83
N GLU E 79 -11.62 15.50 -1.67
CA GLU E 79 -11.23 14.23 -2.28
C GLU E 79 -10.81 13.20 -1.23
N ASP E 80 -10.38 13.66 -0.06
CA ASP E 80 -10.01 12.74 1.01
C ASP E 80 -11.18 12.30 1.87
N ILE E 81 -12.12 13.21 2.17
CA ILE E 81 -13.31 12.78 2.90
C ILE E 81 -14.17 11.85 2.06
N ILE E 82 -14.17 12.01 0.74
CA ILE E 82 -14.77 10.99 -0.12
C ILE E 82 -14.08 9.65 0.03
N SER E 83 -12.75 9.61 0.07
CA SER E 83 -12.02 8.36 0.23
C SER E 83 -12.13 7.77 1.62
N LEU E 84 -12.51 8.56 2.62
CA LEU E 84 -12.82 8.02 3.94
C LEU E 84 -14.22 7.45 4.03
N TRP E 85 -15.22 8.20 3.57
CA TRP E 85 -16.60 7.72 3.62
C TRP E 85 -16.76 6.45 2.79
N ASP E 86 -16.27 6.49 1.55
CA ASP E 86 -16.40 5.38 0.62
C ASP E 86 -15.37 4.28 0.88
N GLN E 87 -14.74 4.29 2.05
CA GLN E 87 -13.84 3.21 2.45
C GLN E 87 -14.30 2.63 3.78
N SER E 88 -14.86 3.46 4.65
CA SER E 88 -15.58 2.94 5.80
C SER E 88 -16.90 2.32 5.44
N LEU E 89 -17.46 2.69 4.29
CA LEU E 89 -18.72 2.14 3.80
C LEU E 89 -18.51 0.87 2.99
N LYS E 90 -17.25 0.47 2.76
CA LYS E 90 -16.90 -0.73 2.00
C LYS E 90 -17.37 -2.04 2.63
N PRO E 91 -17.18 -2.28 3.93
CA PRO E 91 -17.49 -3.61 4.48
C PRO E 91 -18.91 -3.76 5.04
N CYS E 92 -19.78 -2.79 4.84
CA CYS E 92 -21.10 -2.86 5.44
C CYS E 92 -22.05 -3.69 4.57
N VAL E 93 -23.23 -3.99 5.13
CA VAL E 93 -24.18 -4.88 4.48
C VAL E 93 -24.70 -4.23 3.21
N LYS E 94 -24.65 -4.98 2.11
CA LYS E 94 -25.13 -4.46 0.83
C LYS E 94 -26.65 -4.53 0.80
N LEU E 95 -27.26 -4.35 -0.38
CA LEU E 95 -28.70 -4.23 -0.41
C LEU E 95 -29.35 -4.95 -1.60
N THR E 96 -28.56 -5.61 -2.45
CA THR E 96 -29.13 -6.21 -3.66
C THR E 96 -30.29 -7.17 -3.40
N PRO E 97 -30.27 -8.04 -2.39
CA PRO E 97 -31.45 -8.90 -2.18
C PRO E 97 -32.71 -8.12 -1.86
N LEU E 98 -32.58 -6.96 -1.21
CA LEU E 98 -33.74 -6.16 -0.85
C LEU E 98 -34.13 -5.20 -1.97
N CYS E 99 -34.58 -5.79 -3.08
CA CYS E 99 -35.07 -4.94 -4.15
C CYS E 99 -36.27 -5.58 -4.85
N VAL E 100 -36.94 -6.50 -4.20
CA VAL E 100 -38.09 -7.21 -4.75
C VAL E 100 -39.25 -6.24 -4.91
N THR E 101 -40.30 -6.65 -5.60
CA THR E 101 -41.51 -5.86 -5.65
C THR E 101 -42.05 -5.65 -4.24
N LEU E 102 -42.54 -4.46 -3.96
CA LEU E 102 -43.07 -4.19 -2.64
C LEU E 102 -44.57 -3.91 -2.67
N ASN E 103 -45.33 -4.79 -2.05
CA ASN E 103 -46.77 -4.66 -1.98
C ASN E 103 -47.10 -3.81 -0.79
N CYS E 104 -47.25 -2.51 -0.97
CA CYS E 104 -47.52 -1.63 0.16
C CYS E 104 -48.92 -1.02 0.24
N THR E 105 -49.15 -0.30 1.32
CA THR E 105 -50.42 0.37 1.57
C THR E 105 -50.17 1.53 2.53
N ASN E 106 -51.22 2.29 2.83
CA ASN E 106 -51.10 3.47 3.67
C ASN E 106 -51.05 3.10 5.15
N VAL E 107 -50.53 4.03 5.94
CA VAL E 107 -50.45 3.86 7.39
C VAL E 107 -51.66 4.52 8.04
N ASN E 108 -51.98 4.09 9.25
CA ASN E 108 -53.08 4.69 10.00
C ASN E 108 -52.78 6.15 10.31
N VAL E 109 -53.81 6.99 10.20
CA VAL E 109 -53.66 8.43 10.42
C VAL E 109 -54.79 8.92 11.33
N THR E 110 -54.54 10.02 12.01
CA THR E 110 -55.52 10.68 12.86
C THR E 110 -55.67 12.17 12.54
N ASN E 111 -54.57 12.84 12.22
CA ASN E 111 -54.58 14.26 11.88
C ASN E 111 -53.97 14.44 10.50
N THR E 112 -54.32 15.55 9.85
CA THR E 112 -53.81 15.84 8.52
C THR E 112 -52.29 15.96 8.54
N ASN E 113 -51.62 15.09 7.80
CA ASN E 113 -50.17 15.08 7.75
C ASN E 113 -49.63 16.18 6.85
N GLU E 119 -48.78 8.71 0.40
CA GLU E 119 -48.75 9.96 1.15
C GLU E 119 -47.33 10.26 1.61
N GLU E 120 -46.97 9.81 2.81
CA GLU E 120 -45.63 10.04 3.34
C GLU E 120 -44.92 8.77 3.76
N MET E 121 -45.62 7.82 4.38
CA MET E 121 -45.04 6.55 4.77
C MET E 121 -45.94 5.42 4.32
N LYS E 122 -45.34 4.29 3.97
CA LYS E 122 -46.08 3.14 3.47
C LYS E 122 -45.61 1.86 4.16
N ASN E 123 -46.56 0.96 4.40
CA ASN E 123 -46.34 -0.30 5.10
C ASN E 123 -46.07 -1.39 4.05
N CYS E 124 -44.88 -1.33 3.47
CA CYS E 124 -44.53 -2.22 2.38
C CYS E 124 -44.30 -3.64 2.88
N SER E 125 -44.35 -4.59 1.94
CA SER E 125 -44.15 -6.00 2.23
C SER E 125 -43.50 -6.64 1.02
N PHE E 126 -42.52 -7.49 1.30
CA PHE E 126 -41.76 -8.16 0.26
C PHE E 126 -41.35 -9.58 0.62
N ASN E 127 -40.57 -10.21 -0.24
CA ASN E 127 -40.08 -11.57 -0.05
C ASN E 127 -38.56 -11.59 -0.05
N THR E 128 -37.97 -11.78 1.12
CA THR E 128 -36.53 -11.77 1.31
C THR E 128 -35.78 -13.09 1.36
N THR E 129 -34.78 -13.21 0.51
CA THR E 129 -33.94 -14.40 0.45
C THR E 129 -33.03 -14.41 1.67
N THR E 130 -33.19 -15.40 2.55
CA THR E 130 -32.40 -15.40 3.78
C THR E 130 -31.67 -16.71 4.05
N GLU E 131 -32.23 -17.86 3.68
CA GLU E 131 -31.57 -19.15 3.90
C GLU E 131 -31.33 -19.89 2.59
N ILE E 132 -31.61 -19.23 1.47
CA ILE E 132 -31.32 -19.69 0.11
C ILE E 132 -32.08 -20.98 -0.21
N ARG E 133 -32.90 -20.92 -1.26
CA ARG E 133 -33.71 -22.05 -1.72
C ARG E 133 -34.55 -22.63 -0.58
N ASP E 134 -35.16 -21.75 0.19
CA ASP E 134 -36.00 -22.15 1.30
C ASP E 134 -37.14 -21.16 1.43
N LYS E 135 -37.95 -21.34 2.47
CA LYS E 135 -39.09 -20.46 2.70
C LYS E 135 -38.62 -19.03 2.91
N LYS E 136 -39.30 -18.09 2.27
CA LYS E 136 -38.95 -16.68 2.33
C LYS E 136 -40.01 -15.93 3.11
N GLN E 137 -39.59 -15.14 4.09
CA GLN E 137 -40.53 -14.44 4.95
C GLN E 137 -41.26 -13.36 4.18
N LYS E 138 -42.40 -12.94 4.73
CA LYS E 138 -43.13 -11.78 4.19
C LYS E 138 -42.49 -10.48 4.66
N GLU E 139 -42.30 -10.34 5.97
CA GLU E 139 -41.38 -9.36 6.54
C GLU E 139 -41.74 -7.93 6.14
N TYR E 140 -42.89 -7.49 6.65
CA TYR E 140 -43.35 -6.13 6.39
C TYR E 140 -42.37 -5.11 6.98
N ALA E 141 -42.31 -3.93 6.35
CA ALA E 141 -41.42 -2.88 6.78
C ALA E 141 -41.94 -1.55 6.27
N LEU E 142 -41.66 -0.47 6.99
CA LEU E 142 -42.13 0.83 6.58
C LEU E 142 -41.09 1.54 5.71
N PHE E 143 -41.58 2.39 4.82
CA PHE E 143 -40.71 3.13 3.91
C PHE E 143 -41.33 4.48 3.60
N TYR E 144 -40.50 5.52 3.55
CA TYR E 144 -40.99 6.85 3.21
C TYR E 144 -41.36 6.94 1.74
N ARG E 145 -42.35 7.77 1.43
CA ARG E 145 -42.68 8.02 0.02
C ARG E 145 -41.74 9.05 -0.58
N LEU E 146 -40.46 8.84 -0.31
CA LEU E 146 -39.37 9.52 -0.99
C LEU E 146 -38.27 8.53 -1.30
N ASP E 147 -38.43 7.28 -0.89
CA ASP E 147 -37.50 6.20 -1.11
C ASP E 147 -38.12 5.14 -2.03
N ILE E 148 -39.22 5.51 -2.69
CA ILE E 148 -40.09 4.56 -3.38
C ILE E 148 -40.43 5.14 -4.75
N VAL E 149 -40.33 4.31 -5.78
CA VAL E 149 -40.84 4.70 -7.09
C VAL E 149 -41.82 3.63 -7.56
N PRO E 150 -42.96 4.02 -8.14
CA PRO E 150 -43.92 3.01 -8.59
C PRO E 150 -43.70 2.57 -10.02
N LEU E 151 -43.60 1.27 -10.24
CA LEU E 151 -43.46 0.71 -11.59
C LEU E 151 -44.83 0.26 -12.09
N ASN E 152 -45.70 1.25 -12.31
CA ASN E 152 -47.06 1.01 -12.76
C ASN E 152 -47.09 0.39 -14.15
N SER E 156 -49.76 -0.02 -4.88
CA SER E 156 -49.98 -1.31 -5.52
C SER E 156 -48.66 -2.03 -5.71
N GLU E 157 -47.77 -1.43 -6.48
CA GLU E 157 -46.45 -2.00 -6.73
C GLU E 157 -45.43 -0.87 -6.67
N TYR E 158 -44.31 -1.11 -6.00
CA TYR E 158 -43.30 -0.08 -5.79
C TYR E 158 -41.93 -0.73 -5.81
N ARG E 159 -40.89 0.10 -5.72
CA ARG E 159 -39.54 -0.41 -5.58
C ARG E 159 -38.67 0.66 -4.94
N LEU E 160 -37.52 0.23 -4.43
CA LEU E 160 -36.54 1.18 -3.90
C LEU E 160 -36.09 2.14 -4.99
N ILE E 161 -35.98 3.43 -4.65
CA ILE E 161 -35.66 4.43 -5.66
C ILE E 161 -34.31 4.15 -6.28
N ASN E 162 -33.31 3.85 -5.46
CA ASN E 162 -31.98 3.58 -5.98
C ASN E 162 -31.76 2.06 -6.11
N CYS E 163 -32.54 1.47 -7.01
CA CYS E 163 -32.33 0.13 -7.52
C CYS E 163 -32.50 0.13 -9.03
N ASN E 164 -32.09 1.22 -9.67
CA ASN E 164 -32.22 1.38 -11.11
C ASN E 164 -30.89 1.77 -11.72
N THR E 165 -30.04 2.40 -10.91
CA THR E 165 -28.74 2.86 -11.38
C THR E 165 -27.61 2.35 -10.49
N SER E 166 -27.86 2.23 -9.19
CA SER E 166 -26.77 1.89 -8.29
C SER E 166 -27.31 1.14 -7.08
N THR E 167 -26.53 0.16 -6.62
CA THR E 167 -26.83 -0.55 -5.39
C THR E 167 -25.91 -0.05 -4.29
N CYS E 168 -26.47 0.24 -3.12
CA CYS E 168 -25.67 0.83 -2.06
C CYS E 168 -25.82 0.09 -0.74
N THR E 169 -24.87 0.35 0.15
CA THR E 169 -24.70 -0.43 1.37
C THR E 169 -25.09 0.41 2.56
N GLN E 170 -25.93 -0.14 3.42
CA GLN E 170 -26.39 0.59 4.61
C GLN E 170 -25.22 0.90 5.53
N ILE E 171 -25.19 2.13 6.03
CA ILE E 171 -24.13 2.54 6.95
C ILE E 171 -24.36 1.87 8.29
N CYS E 172 -23.42 1.04 8.72
CA CYS E 172 -23.63 0.19 9.88
C CYS E 172 -23.82 1.03 11.13
N PRO E 173 -24.82 0.72 11.96
CA PRO E 173 -25.13 1.61 13.10
C PRO E 173 -24.02 1.69 14.12
N LYS E 174 -23.13 0.70 14.19
CA LYS E 174 -22.10 0.70 15.21
C LYS E 174 -21.18 1.92 15.07
N VAL E 175 -21.04 2.44 13.86
CA VAL E 175 -20.27 3.65 13.62
C VAL E 175 -21.25 4.81 13.52
N SER E 176 -20.81 5.99 13.94
CA SER E 176 -21.64 7.17 13.96
C SER E 176 -20.99 8.27 13.13
N PHE E 177 -21.79 8.95 12.32
CA PHE E 177 -21.28 9.90 11.34
C PHE E 177 -21.45 11.34 11.77
N ASP E 178 -21.68 11.58 13.05
CA ASP E 178 -21.68 12.95 13.55
C ASP E 178 -20.27 13.52 13.46
N PRO E 179 -20.13 14.81 13.15
CA PRO E 179 -18.81 15.36 12.90
C PRO E 179 -18.10 15.77 14.18
N ILE E 180 -16.82 15.44 14.26
CA ILE E 180 -15.95 15.98 15.29
C ILE E 180 -14.78 16.63 14.56
N PRO E 181 -14.13 17.67 15.10
CA PRO E 181 -13.25 18.47 14.26
C PRO E 181 -11.97 17.74 13.89
N ILE E 182 -11.50 18.02 12.69
CA ILE E 182 -10.27 17.44 12.16
C ILE E 182 -9.24 18.55 12.10
N HIS E 183 -7.98 18.18 12.25
CA HIS E 183 -6.89 19.15 12.17
C HIS E 183 -5.94 18.72 11.06
N TYR E 184 -5.85 19.52 10.01
CA TYR E 184 -5.01 19.21 8.86
C TYR E 184 -3.66 19.86 9.05
N CYS E 185 -2.63 19.05 9.19
CA CYS E 185 -1.26 19.51 9.41
C CYS E 185 -0.46 19.43 8.12
N ALA E 186 0.78 19.91 8.20
CA ALA E 186 1.71 19.86 7.08
C ALA E 186 2.97 19.11 7.46
N PRO E 187 3.56 18.35 6.56
CA PRO E 187 4.81 17.66 6.87
C PRO E 187 5.99 18.61 6.89
N ALA E 188 7.18 18.08 7.18
CA ALA E 188 8.36 18.93 7.32
C ALA E 188 8.68 19.63 6.01
N GLY E 189 9.19 20.85 6.12
CA GLY E 189 9.45 21.66 4.94
C GLY E 189 8.23 22.33 4.35
N TYR E 190 7.06 22.16 4.97
CA TYR E 190 5.82 22.75 4.47
C TYR E 190 5.15 23.46 5.62
N ALA E 191 4.75 24.72 5.42
CA ALA E 191 4.08 25.49 6.45
C ALA E 191 2.80 26.06 5.86
N ILE E 192 1.75 26.14 6.68
CA ILE E 192 0.49 26.70 6.22
C ILE E 192 0.40 28.12 6.75
N LEU E 193 0.51 29.08 5.85
CA LEU E 193 0.34 30.48 6.22
C LEU E 193 -1.14 30.79 6.38
N LYS E 194 -1.44 31.57 7.41
CA LYS E 194 -2.80 31.87 7.83
C LYS E 194 -2.94 33.37 7.92
N CYS E 195 -3.92 33.92 7.21
CA CYS E 195 -4.15 35.36 7.19
C CYS E 195 -5.14 35.74 8.29
N ASN E 196 -4.73 36.63 9.17
CA ASN E 196 -5.53 36.99 10.34
C ASN E 196 -6.23 38.33 10.19
N ASN E 197 -6.21 38.93 9.00
CA ASN E 197 -6.94 40.17 8.77
C ASN E 197 -8.43 39.91 8.95
N LYS E 198 -9.10 40.79 9.69
CA LYS E 198 -10.51 40.57 9.98
C LYS E 198 -11.38 40.78 8.73
N THR E 199 -11.10 41.83 7.97
CA THR E 199 -11.95 42.22 6.85
C THR E 199 -11.58 41.53 5.55
N PHE E 200 -10.92 40.39 5.62
CA PHE E 200 -10.44 39.71 4.43
C PHE E 200 -11.60 39.04 3.68
N ASN E 201 -11.67 39.30 2.38
CA ASN E 201 -12.74 38.75 1.54
C ASN E 201 -12.24 37.63 0.64
N GLY E 202 -11.39 36.77 1.18
CA GLY E 202 -10.97 35.59 0.44
C GLY E 202 -9.81 35.75 -0.51
N THR E 203 -9.90 36.72 -1.41
CA THR E 203 -8.86 36.92 -2.40
C THR E 203 -8.24 38.30 -2.24
N GLY E 204 -6.99 38.41 -2.67
CA GLY E 204 -6.26 39.65 -2.60
C GLY E 204 -5.12 39.59 -1.59
N PRO E 205 -4.48 40.73 -1.35
CA PRO E 205 -3.43 40.80 -0.34
C PRO E 205 -3.98 41.10 1.04
N CYS E 206 -3.24 40.66 2.05
CA CYS E 206 -3.63 40.94 3.43
C CYS E 206 -2.38 40.98 4.30
N ASN E 207 -2.45 41.79 5.35
CA ASN E 207 -1.34 42.00 6.26
C ASN E 207 -1.53 41.15 7.50
N ASN E 208 -0.54 41.19 8.40
CA ASN E 208 -0.59 40.48 9.67
C ASN E 208 -0.89 38.99 9.47
N VAL E 209 0.05 38.32 8.80
CA VAL E 209 -0.08 36.91 8.44
C VAL E 209 0.81 36.08 9.36
N SER E 210 0.24 35.05 9.97
CA SER E 210 1.04 34.16 10.80
C SER E 210 1.30 32.85 10.06
N THR E 211 2.19 32.04 10.63
CA THR E 211 2.50 30.73 10.09
C THR E 211 2.06 29.66 11.07
N VAL E 212 1.58 28.55 10.54
CA VAL E 212 1.01 27.50 11.37
C VAL E 212 1.51 26.16 10.84
N GLN E 213 1.47 25.15 11.70
CA GLN E 213 1.69 23.76 11.34
C GLN E 213 0.38 23.01 11.15
N CYS E 214 -0.57 23.16 12.06
CA CYS E 214 -1.83 22.42 12.04
C CYS E 214 -3.02 23.37 12.10
N THR E 215 -3.98 23.16 11.20
CA THR E 215 -5.12 24.05 11.06
C THR E 215 -6.07 23.96 12.25
N HIS E 216 -6.86 25.02 12.44
CA HIS E 216 -7.74 25.15 13.59
C HIS E 216 -9.13 24.65 13.25
N GLY E 217 -9.80 24.06 14.24
CA GLY E 217 -11.21 23.77 14.11
C GLY E 217 -11.55 22.89 12.92
N ILE E 218 -12.13 23.51 11.89
CA ILE E 218 -12.63 22.90 10.66
C ILE E 218 -13.26 21.54 10.95
N LYS E 219 -14.57 21.57 11.21
CA LYS E 219 -15.39 20.38 11.37
C LYS E 219 -16.04 20.03 10.04
N PRO E 220 -15.91 18.80 9.57
CA PRO E 220 -16.49 18.45 8.28
C PRO E 220 -18.01 18.30 8.34
N VAL E 221 -18.71 19.42 8.34
CA VAL E 221 -20.16 19.44 8.42
C VAL E 221 -20.71 19.59 7.01
N VAL E 222 -21.48 18.61 6.57
CA VAL E 222 -22.09 18.63 5.24
C VAL E 222 -23.45 19.28 5.35
N SER E 223 -23.70 20.30 4.54
CA SER E 223 -24.97 21.00 4.56
C SER E 223 -25.23 21.61 3.20
N THR E 224 -26.31 22.40 3.12
CA THR E 224 -26.65 23.12 1.90
C THR E 224 -27.47 24.34 2.25
N GLN E 225 -27.14 25.47 1.64
CA GLN E 225 -27.85 26.75 1.77
C GLN E 225 -27.82 27.28 3.19
N LEU E 226 -27.24 26.53 4.12
CA LEU E 226 -27.17 26.96 5.51
C LEU E 226 -25.98 26.24 6.14
N LEU E 227 -24.86 26.95 6.25
CA LEU E 227 -23.70 26.37 6.91
C LEU E 227 -23.98 26.24 8.39
N LEU E 228 -23.85 25.02 8.92
CA LEU E 228 -24.22 24.71 10.28
C LEU E 228 -22.99 24.42 11.11
N ASN E 229 -22.99 24.90 12.35
CA ASN E 229 -21.88 24.70 13.29
C ASN E 229 -20.57 25.18 12.68
N GLY E 230 -20.64 26.25 11.87
CA GLY E 230 -19.46 26.77 11.22
C GLY E 230 -18.78 27.86 12.02
N SER E 231 -17.62 28.29 11.53
CA SER E 231 -16.84 29.31 12.20
C SER E 231 -17.42 30.69 11.90
N LEU E 232 -17.65 31.47 12.95
CA LEU E 232 -18.22 32.79 12.79
C LEU E 232 -17.21 33.72 12.12
N ALA E 233 -17.72 34.74 11.46
CA ALA E 233 -16.87 35.82 10.99
C ALA E 233 -16.57 36.76 12.13
N GLU E 234 -15.80 37.81 11.86
CA GLU E 234 -15.44 38.79 12.87
C GLU E 234 -15.75 40.20 12.38
N GLU E 235 -16.05 41.09 13.33
CA GLU E 235 -16.44 42.46 13.04
C GLU E 235 -17.69 42.50 12.18
N GLU E 236 -17.53 42.60 10.87
CA GLU E 236 -18.64 42.78 9.94
C GLU E 236 -18.88 41.49 9.16
N ILE E 237 -19.77 41.57 8.18
CA ILE E 237 -20.13 40.43 7.32
C ILE E 237 -19.38 40.55 6.00
N ILE E 238 -18.87 39.42 5.51
CA ILE E 238 -18.02 39.39 4.34
C ILE E 238 -18.74 38.65 3.22
N ILE E 239 -18.37 38.98 1.99
CA ILE E 239 -18.95 38.38 0.79
C ILE E 239 -17.82 37.78 -0.04
N ARG E 240 -17.98 36.52 -0.45
CA ARG E 240 -16.94 35.85 -1.22
C ARG E 240 -17.56 35.26 -2.49
N SER E 241 -16.96 35.58 -3.63
CA SER E 241 -17.51 35.14 -4.91
C SER E 241 -16.46 35.30 -5.99
N GLU E 242 -16.33 34.28 -6.85
CA GLU E 242 -15.34 34.29 -7.93
C GLU E 242 -15.37 35.60 -8.69
N ASN E 243 -16.49 35.91 -9.31
CA ASN E 243 -16.65 37.14 -10.08
C ASN E 243 -18.07 37.62 -9.84
N LEU E 244 -18.20 38.78 -9.19
CA LEU E 244 -19.53 39.30 -8.91
C LEU E 244 -20.31 39.59 -10.18
N THR E 245 -19.61 39.82 -11.30
CA THR E 245 -20.29 40.00 -12.59
C THR E 245 -20.83 38.68 -13.13
N ASP E 246 -20.12 37.58 -12.91
CA ASP E 246 -20.58 36.29 -13.39
C ASP E 246 -21.77 35.80 -12.57
N ASN E 247 -22.60 34.96 -13.21
CA ASN E 247 -23.80 34.44 -12.57
C ASN E 247 -23.68 32.99 -12.13
N ALA E 248 -22.92 32.16 -12.86
CA ALA E 248 -22.85 30.74 -12.55
C ALA E 248 -21.97 30.44 -11.35
N LYS E 249 -21.07 31.33 -10.97
CA LYS E 249 -20.17 31.09 -9.86
C LYS E 249 -20.90 31.34 -8.54
N THR E 250 -20.64 30.48 -7.56
CA THR E 250 -21.38 30.51 -6.31
C THR E 250 -21.05 31.78 -5.51
N ILE E 251 -21.82 32.01 -4.46
CA ILE E 251 -21.58 33.12 -3.54
C ILE E 251 -21.68 32.61 -2.12
N ILE E 252 -20.72 32.98 -1.28
CA ILE E 252 -20.70 32.59 0.12
C ILE E 252 -20.77 33.86 0.98
N VAL E 253 -21.55 33.80 2.05
CA VAL E 253 -21.69 34.92 2.97
C VAL E 253 -21.54 34.40 4.39
N HIS E 254 -20.58 34.95 5.13
CA HIS E 254 -20.47 34.67 6.55
C HIS E 254 -21.44 35.52 7.34
N LEU E 255 -21.61 35.16 8.60
CA LEU E 255 -22.57 35.82 9.47
C LEU E 255 -21.86 36.52 10.64
N ASN E 256 -22.24 37.77 10.87
CA ASN E 256 -21.74 38.52 12.00
C ASN E 256 -22.02 37.79 13.30
N GLU E 257 -23.24 37.27 13.46
CA GLU E 257 -23.63 36.51 14.62
C GLU E 257 -24.42 35.28 14.19
N SER E 258 -24.13 34.15 14.84
CA SER E 258 -24.83 32.91 14.55
C SER E 258 -26.33 33.07 14.80
N VAL E 259 -27.12 32.43 13.94
CA VAL E 259 -28.57 32.38 14.11
C VAL E 259 -28.93 30.98 14.58
N GLU E 260 -29.47 30.88 15.79
CA GLU E 260 -29.76 29.56 16.36
C GLU E 260 -30.86 28.87 15.56
N ILE E 261 -30.68 27.58 15.32
CA ILE E 261 -31.66 26.77 14.63
C ILE E 261 -31.86 25.48 15.43
N ASN E 262 -33.10 25.08 15.59
CA ASN E 262 -33.45 23.96 16.47
C ASN E 262 -34.44 23.08 15.71
N CYS E 263 -33.98 21.90 15.28
CA CYS E 263 -34.76 21.10 14.35
C CYS E 263 -35.01 19.74 14.96
N THR E 264 -36.27 19.30 14.96
CA THR E 264 -36.69 18.14 15.72
C THR E 264 -37.51 17.19 14.84
N ARG E 265 -37.34 15.89 15.08
CA ARG E 265 -38.20 14.88 14.48
C ARG E 265 -39.01 14.23 15.60
N PRO E 266 -40.26 14.64 15.82
CA PRO E 266 -41.01 14.23 17.02
C PRO E 266 -41.85 12.98 16.81
N ASN E 267 -41.17 11.84 16.66
CA ASN E 267 -41.83 10.55 16.58
C ASN E 267 -41.01 9.54 17.37
N ASN E 268 -41.63 8.42 17.71
CA ASN E 268 -40.95 7.31 18.37
C ASN E 268 -41.11 6.09 17.48
N MET E 269 -40.02 5.70 16.81
CA MET E 269 -40.07 4.66 15.79
C MET E 269 -39.28 3.43 16.20
N THR E 270 -39.78 2.27 15.81
CA THR E 270 -39.22 0.99 16.16
C THR E 270 -38.27 0.49 15.07
N ARG E 271 -37.22 -0.20 15.47
CA ARG E 271 -36.19 -0.66 14.55
C ARG E 271 -36.29 -2.19 14.43
N LYS E 272 -36.77 -2.64 13.28
CA LYS E 272 -36.88 -4.08 13.01
C LYS E 272 -35.52 -4.60 12.56
N SER E 273 -34.88 -5.39 13.40
CA SER E 273 -33.66 -6.09 13.00
C SER E 273 -34.09 -7.33 12.23
N ILE E 274 -33.87 -7.32 10.92
CA ILE E 274 -34.34 -8.39 10.06
C ILE E 274 -33.15 -9.04 9.38
N ARG E 275 -33.28 -10.31 9.09
CA ARG E 275 -32.21 -11.03 8.44
C ARG E 275 -32.37 -10.91 6.94
N ILE E 276 -31.23 -10.96 6.26
CA ILE E 276 -31.13 -10.87 4.82
C ILE E 276 -29.67 -11.21 4.58
N GLY E 277 -29.41 -12.40 4.04
CA GLY E 277 -28.07 -12.95 3.96
C GLY E 277 -27.45 -13.49 5.26
N PRO E 278 -26.75 -14.62 5.17
CA PRO E 278 -26.11 -15.18 6.36
C PRO E 278 -25.11 -14.18 6.90
N GLY E 279 -25.45 -13.49 7.97
CA GLY E 279 -24.57 -12.49 8.54
C GLY E 279 -24.84 -11.15 7.87
N GLN E 280 -26.05 -11.01 7.34
CA GLN E 280 -26.49 -9.79 6.66
C GLN E 280 -27.77 -9.33 7.35
N THR E 281 -27.65 -8.34 8.23
CA THR E 281 -28.79 -7.80 8.95
C THR E 281 -29.16 -6.45 8.40
N PHE E 282 -30.43 -6.26 8.08
CA PHE E 282 -30.96 -5.02 7.53
C PHE E 282 -31.95 -4.42 8.53
N TYR E 283 -31.87 -3.12 8.75
CA TYR E 283 -32.67 -2.45 9.77
C TYR E 283 -33.73 -1.56 9.12
N ALA E 284 -34.99 -1.90 9.31
CA ALA E 284 -36.09 -1.14 8.73
C ALA E 284 -36.98 -0.57 9.82
N LEU E 285 -37.70 0.49 9.48
CA LEU E 285 -38.67 1.08 10.39
C LEU E 285 -39.69 0.03 10.80
N GLY E 286 -39.97 -0.04 12.10
CA GLY E 286 -40.89 -1.04 12.62
C GLY E 286 -42.31 -0.55 12.76
N ASP E 287 -42.48 0.56 13.46
CA ASP E 287 -43.78 1.14 13.74
C ASP E 287 -43.60 2.48 14.44
N ILE E 288 -44.62 3.32 14.41
CA ILE E 288 -44.57 4.63 15.07
C ILE E 288 -45.51 4.56 16.27
N ILE E 289 -44.96 4.76 17.46
CA ILE E 289 -45.72 4.67 18.70
C ILE E 289 -46.07 6.09 19.14
N GLY E 290 -47.36 6.42 19.07
CA GLY E 290 -47.82 7.72 19.49
C GLY E 290 -48.50 8.51 18.38
N ASP E 291 -48.30 9.82 18.38
CA ASP E 291 -48.88 10.68 17.36
C ASP E 291 -47.96 10.79 16.15
N ILE E 292 -48.57 11.05 14.99
CA ILE E 292 -47.84 11.19 13.74
C ILE E 292 -47.73 12.68 13.47
N ARG E 293 -46.57 13.26 13.75
CA ARG E 293 -46.31 14.66 13.51
C ARG E 293 -45.41 14.81 12.28
N GLN E 294 -45.03 16.05 12.03
CA GLN E 294 -44.17 16.35 10.91
C GLN E 294 -42.86 16.82 11.45
N PRO E 295 -41.78 16.46 10.78
CA PRO E 295 -40.49 16.94 11.24
C PRO E 295 -40.44 18.40 10.87
N HIS E 296 -39.93 19.26 11.73
CA HIS E 296 -39.88 20.67 11.43
C HIS E 296 -38.84 21.43 12.22
N CYS E 297 -38.10 22.28 11.51
CA CYS E 297 -37.04 23.14 11.99
C CYS E 297 -37.63 24.41 12.60
N ASN E 298 -36.89 25.02 13.52
CA ASN E 298 -37.31 26.24 14.19
C ASN E 298 -36.20 27.28 14.13
N ILE E 299 -36.57 28.51 13.83
CA ILE E 299 -35.62 29.63 13.77
C ILE E 299 -36.26 30.83 14.46
N SER E 300 -35.44 31.67 15.09
CA SER E 300 -35.95 32.91 15.67
C SER E 300 -36.24 33.92 14.56
N GLU E 301 -37.52 34.20 14.32
CA GLU E 301 -37.91 35.05 13.20
C GLU E 301 -37.39 36.47 13.36
N ALA E 302 -37.39 36.99 14.59
CA ALA E 302 -36.80 38.31 14.82
C ALA E 302 -35.31 38.31 14.56
N LYS E 303 -34.61 37.30 15.08
CA LYS E 303 -33.17 37.20 14.84
C LYS E 303 -32.88 37.03 13.37
N TRP E 304 -33.65 36.19 12.69
CA TRP E 304 -33.43 35.99 11.26
C TRP E 304 -33.73 37.26 10.47
N ASN E 305 -34.76 38.00 10.86
CA ASN E 305 -35.07 39.25 10.17
C ASN E 305 -33.94 40.24 10.33
N LYS E 306 -33.40 40.37 11.55
CA LYS E 306 -32.27 41.26 11.76
C LYS E 306 -31.05 40.82 10.94
N THR E 307 -30.77 39.52 10.94
CA THR E 307 -29.64 39.01 10.18
C THR E 307 -29.82 39.26 8.69
N LEU E 308 -31.02 39.04 8.18
CA LEU E 308 -31.29 39.27 6.76
C LEU E 308 -31.15 40.75 6.42
N GLN E 309 -31.64 41.63 7.29
CA GLN E 309 -31.47 43.06 7.03
C GLN E 309 -30.00 43.43 6.97
N ARG E 310 -29.22 42.93 7.93
CA ARG E 310 -27.80 43.26 7.95
C ARG E 310 -27.07 42.72 6.72
N VAL E 311 -27.38 41.49 6.32
CA VAL E 311 -26.66 40.92 5.18
C VAL E 311 -27.05 41.63 3.89
N LYS E 312 -28.34 41.95 3.72
CA LYS E 312 -28.71 42.67 2.50
C LYS E 312 -28.13 44.08 2.50
N LYS E 313 -27.97 44.69 3.67
CA LYS E 313 -27.25 45.96 3.74
C LYS E 313 -25.81 45.80 3.29
N LYS E 314 -25.15 44.73 3.74
CA LYS E 314 -23.77 44.48 3.34
C LYS E 314 -23.66 44.27 1.83
N LEU E 315 -24.60 43.53 1.25
CA LEU E 315 -24.57 43.30 -0.19
C LEU E 315 -24.91 44.56 -0.98
N LYS E 316 -25.83 45.39 -0.48
CA LYS E 316 -26.06 46.67 -1.13
C LYS E 316 -24.85 47.58 -1.01
N GLU E 317 -24.00 47.35 -0.01
CA GLU E 317 -22.72 48.05 0.03
C GLU E 317 -21.86 47.68 -1.18
N HIS E 318 -22.01 46.47 -1.70
CA HIS E 318 -21.24 46.00 -2.83
C HIS E 318 -21.84 46.38 -4.17
N PHE E 319 -23.02 46.99 -4.20
CA PHE E 319 -23.69 47.33 -5.44
C PHE E 319 -24.10 48.80 -5.42
N PRO E 320 -24.25 49.42 -6.59
CA PRO E 320 -24.56 50.86 -6.61
C PRO E 320 -25.96 51.19 -6.15
N ASN E 321 -26.21 51.05 -4.83
CA ASN E 321 -27.50 51.40 -4.22
C ASN E 321 -28.65 50.69 -4.93
N LYS E 322 -28.46 49.42 -5.23
CA LYS E 322 -29.43 48.63 -5.99
C LYS E 322 -30.33 47.86 -5.03
N THR E 323 -31.64 47.93 -5.27
CA THR E 323 -32.59 47.15 -4.49
C THR E 323 -32.38 45.66 -4.74
N ILE E 324 -32.38 44.88 -3.66
CA ILE E 324 -32.04 43.46 -3.71
C ILE E 324 -33.20 42.67 -3.14
N LYS E 325 -33.61 41.62 -3.85
CA LYS E 325 -34.70 40.76 -3.44
C LYS E 325 -34.22 39.32 -3.32
N PHE E 326 -34.89 38.54 -2.47
CA PHE E 326 -34.57 37.14 -2.27
C PHE E 326 -35.71 36.27 -2.77
N ALA E 327 -35.37 35.19 -3.46
CA ALA E 327 -36.35 34.23 -3.95
C ALA E 327 -35.85 32.82 -3.72
N PRO E 328 -36.74 31.85 -3.49
CA PRO E 328 -36.29 30.47 -3.27
C PRO E 328 -35.76 29.81 -4.54
N SER E 329 -35.41 28.52 -4.43
CA SER E 329 -34.84 27.81 -5.57
C SER E 329 -35.86 27.66 -6.69
N SER E 330 -35.36 27.40 -7.89
CA SER E 330 -36.22 27.40 -9.07
C SER E 330 -36.72 26.02 -9.44
N GLY E 331 -35.82 25.09 -9.79
CA GLY E 331 -36.26 23.82 -10.32
C GLY E 331 -35.36 22.64 -10.03
N GLY E 332 -34.50 22.75 -9.03
CA GLY E 332 -33.52 21.72 -8.77
C GLY E 332 -34.13 20.48 -8.14
N ASP E 333 -33.24 19.59 -7.71
CA ASP E 333 -33.63 18.36 -7.05
C ASP E 333 -33.75 18.56 -5.54
N LEU E 334 -34.29 17.55 -4.86
CA LEU E 334 -34.56 17.70 -3.43
C LEU E 334 -33.28 17.88 -2.62
N GLU E 335 -32.12 17.54 -3.18
CA GLU E 335 -30.86 17.78 -2.51
C GLU E 335 -30.38 19.22 -2.65
N ILE E 336 -30.99 20.01 -3.53
CA ILE E 336 -30.55 21.37 -3.81
C ILE E 336 -31.56 22.40 -3.34
N THR E 337 -32.84 22.19 -3.66
CA THR E 337 -33.85 23.19 -3.32
C THR E 337 -34.13 23.29 -1.83
N THR E 338 -33.59 22.38 -1.02
CA THR E 338 -33.93 22.35 0.40
C THR E 338 -32.65 22.33 1.24
N HIS E 339 -32.80 22.81 2.46
CA HIS E 339 -31.69 22.86 3.44
C HIS E 339 -31.39 21.44 3.87
N SER E 340 -30.65 20.74 3.02
CA SER E 340 -30.31 19.34 3.29
C SER E 340 -29.21 19.28 4.34
N PHE E 341 -29.46 18.58 5.44
CA PHE E 341 -28.43 18.46 6.44
C PHE E 341 -28.56 17.13 7.19
N ASN E 342 -27.57 16.86 8.02
CA ASN E 342 -27.43 15.58 8.70
C ASN E 342 -27.56 15.80 10.20
N CYS E 343 -28.64 15.31 10.77
CA CYS E 343 -28.87 15.38 12.21
C CYS E 343 -28.28 14.13 12.87
N ARG E 344 -28.65 13.88 14.12
CA ARG E 344 -28.06 12.78 14.86
C ARG E 344 -28.53 11.45 14.28
N GLY E 345 -28.04 11.11 13.09
CA GLY E 345 -28.32 9.83 12.46
C GLY E 345 -29.26 9.90 11.27
N GLU E 346 -30.05 10.96 11.14
CA GLU E 346 -31.03 11.07 10.08
C GLU E 346 -30.67 12.19 9.11
N PHE E 347 -31.32 12.17 7.95
CA PHE E 347 -31.04 13.10 6.87
C PHE E 347 -32.29 13.93 6.61
N PHE E 348 -32.22 15.22 6.93
CA PHE E 348 -33.34 16.14 6.84
C PHE E 348 -33.23 16.97 5.57
N TYR E 349 -34.40 17.32 5.01
CA TYR E 349 -34.49 18.19 3.85
C TYR E 349 -35.62 19.17 4.11
N CYS E 350 -35.29 20.44 4.28
CA CYS E 350 -36.24 21.46 4.72
C CYS E 350 -36.51 22.47 3.62
N ASN E 351 -37.78 22.67 3.30
CA ASN E 351 -38.21 23.66 2.32
C ASN E 351 -38.09 25.04 2.95
N THR E 352 -37.02 25.77 2.62
CA THR E 352 -36.73 27.04 3.27
C THR E 352 -37.42 28.22 2.61
N SER E 353 -38.54 27.99 1.91
CA SER E 353 -39.22 29.09 1.25
C SER E 353 -39.77 30.11 2.23
N LYS E 354 -39.89 29.75 3.51
CA LYS E 354 -40.46 30.68 4.48
C LYS E 354 -39.50 31.82 4.81
N LEU E 355 -38.23 31.50 5.02
CA LEU E 355 -37.27 32.54 5.39
C LEU E 355 -37.13 33.58 4.28
N PHE E 356 -37.07 33.13 3.03
CA PHE E 356 -36.77 33.99 1.90
C PHE E 356 -38.02 34.41 1.12
N ASN E 357 -39.21 34.14 1.67
CA ASN E 357 -40.48 34.54 1.06
C ASN E 357 -40.60 34.08 -0.39
N ASN E 366 -40.46 37.61 19.07
CA ASN E 366 -41.02 36.66 20.04
C ASN E 366 -41.68 35.50 19.31
N SER E 367 -41.94 35.68 18.02
CA SER E 367 -42.61 34.67 17.19
C SER E 367 -41.54 33.87 16.45
N THR E 368 -41.58 32.56 16.61
CA THR E 368 -40.66 31.69 15.89
C THR E 368 -41.16 31.45 14.47
N ILE E 369 -40.25 30.98 13.61
CA ILE E 369 -40.58 30.58 12.26
C ILE E 369 -40.30 29.08 12.14
N THR E 370 -41.26 28.36 11.57
CA THR E 370 -41.22 26.91 11.45
C THR E 370 -40.96 26.51 10.01
N LEU E 371 -40.06 25.56 9.82
CA LEU E 371 -39.76 25.00 8.52
C LEU E 371 -40.26 23.57 8.44
N PRO E 372 -41.11 23.22 7.48
CA PRO E 372 -41.48 21.82 7.30
C PRO E 372 -40.35 21.04 6.63
N CYS E 373 -39.95 19.93 7.27
CA CYS E 373 -38.80 19.15 6.82
C CYS E 373 -39.20 17.71 6.58
N ARG E 374 -38.87 17.19 5.40
CA ARG E 374 -39.07 15.79 5.06
C ARG E 374 -37.77 15.04 5.27
N ILE E 375 -37.86 13.83 5.81
CA ILE E 375 -36.69 13.02 6.12
C ILE E 375 -36.53 11.96 5.05
N LYS E 376 -35.31 11.78 4.56
CA LYS E 376 -35.06 10.79 3.52
C LYS E 376 -34.12 9.70 4.05
N GLN E 377 -34.18 8.52 3.43
CA GLN E 377 -33.38 7.39 3.90
C GLN E 377 -32.33 6.96 2.89
N ILE E 378 -32.69 6.58 1.67
CA ILE E 378 -31.68 6.22 0.68
C ILE E 378 -31.33 7.49 -0.10
N ILE E 379 -30.15 8.04 0.20
CA ILE E 379 -29.74 9.32 -0.34
C ILE E 379 -28.55 9.12 -1.26
N ASN E 380 -28.47 9.98 -2.28
CA ASN E 380 -27.32 10.04 -3.18
C ASN E 380 -26.60 11.34 -2.86
N MET E 381 -25.73 11.30 -1.87
CA MET E 381 -25.13 12.49 -1.29
C MET E 381 -23.69 12.63 -1.77
N TRP E 382 -23.34 13.86 -2.18
CA TRP E 382 -22.20 14.25 -3.02
C TRP E 382 -22.50 14.00 -4.50
N GLN E 383 -23.68 13.48 -4.84
CA GLN E 383 -24.14 13.34 -6.21
C GLN E 383 -23.15 12.53 -7.05
N GLU E 384 -22.98 11.27 -6.66
CA GLU E 384 -22.14 10.31 -7.38
C GLU E 384 -22.99 9.36 -8.20
N VAL E 385 -22.45 8.94 -9.32
CA VAL E 385 -23.04 7.89 -10.14
C VAL E 385 -22.39 6.59 -9.69
N GLY E 386 -23.18 5.74 -9.02
CA GLY E 386 -22.64 4.53 -8.42
C GLY E 386 -22.66 4.52 -6.91
N ARG E 387 -23.13 5.57 -6.25
CA ARG E 387 -23.16 5.64 -4.80
C ARG E 387 -24.53 6.09 -4.30
N CYS E 388 -25.02 5.40 -3.28
CA CYS E 388 -26.04 5.92 -2.38
C CYS E 388 -25.75 5.35 -1.01
N MET E 389 -26.66 5.46 -0.06
CA MET E 389 -26.47 4.88 1.26
C MET E 389 -27.81 4.77 1.95
N TYR E 390 -27.99 3.69 2.71
CA TYR E 390 -29.19 3.49 3.51
C TYR E 390 -28.86 3.92 4.93
N ALA E 391 -29.63 4.87 5.46
CA ALA E 391 -29.40 5.34 6.82
C ALA E 391 -30.33 4.61 7.76
N PRO E 392 -29.83 3.72 8.62
CA PRO E 392 -30.70 3.00 9.54
C PRO E 392 -31.38 3.98 10.47
N PRO E 393 -32.63 3.71 10.84
CA PRO E 393 -33.36 4.67 11.66
C PRO E 393 -32.79 4.78 13.05
N ILE E 394 -32.96 5.93 13.64
CA ILE E 394 -32.65 6.13 15.05
C ILE E 394 -33.92 5.90 15.85
N ALA E 395 -33.77 5.45 17.09
CA ALA E 395 -34.93 5.07 17.90
C ALA E 395 -35.68 6.28 18.44
N GLY E 396 -36.19 7.11 17.54
CA GLY E 396 -37.12 8.15 17.90
C GLY E 396 -36.59 9.31 18.73
N ASN E 397 -37.34 10.42 18.72
CA ASN E 397 -37.09 11.56 19.60
C ASN E 397 -35.67 12.11 19.41
N ILE E 398 -35.42 12.63 18.20
CA ILE E 398 -34.14 13.20 17.85
C ILE E 398 -34.28 14.69 17.65
N THR E 399 -33.30 15.43 18.17
CA THR E 399 -33.25 16.88 18.09
C THR E 399 -31.85 17.30 17.71
N CYS E 400 -31.75 18.40 16.97
CA CYS E 400 -30.46 18.96 16.59
C CYS E 400 -30.51 20.46 16.82
N LYS E 401 -29.64 20.96 17.70
CA LYS E 401 -29.51 22.38 17.95
C LYS E 401 -28.18 22.84 17.37
N SER E 402 -28.23 23.82 16.48
CA SER E 402 -27.02 24.24 15.78
C SER E 402 -27.10 25.72 15.48
N ASN E 403 -26.02 26.26 14.91
CA ASN E 403 -25.94 27.66 14.57
C ASN E 403 -25.75 27.85 13.08
N ILE E 404 -26.68 28.56 12.46
CA ILE E 404 -26.54 29.01 11.08
C ILE E 404 -25.46 30.08 11.09
N THR E 405 -24.39 29.85 10.32
CA THR E 405 -23.29 30.81 10.24
C THR E 405 -22.91 31.13 8.80
N GLY E 406 -23.63 30.63 7.82
CA GLY E 406 -23.24 30.85 6.43
C GLY E 406 -24.42 30.76 5.50
N LEU E 407 -24.35 31.50 4.40
CA LEU E 407 -25.40 31.54 3.41
C LEU E 407 -24.78 31.31 2.04
N LEU E 408 -25.35 30.39 1.27
CA LEU E 408 -24.87 30.05 -0.06
C LEU E 408 -25.86 30.63 -1.06
N LEU E 409 -25.50 31.77 -1.66
CA LEU E 409 -26.38 32.54 -2.51
C LEU E 409 -25.87 32.56 -3.94
N THR E 410 -26.81 32.52 -4.89
CA THR E 410 -26.52 32.67 -6.31
C THR E 410 -27.59 33.56 -6.93
N ARG E 411 -27.24 34.24 -8.01
CA ARG E 411 -28.19 35.08 -8.72
C ARG E 411 -28.21 34.71 -10.19
N ASP E 412 -29.36 34.94 -10.82
CA ASP E 412 -29.63 34.48 -12.17
C ASP E 412 -30.00 35.66 -13.07
N GLY E 413 -29.77 35.48 -14.37
CA GLY E 413 -30.10 36.50 -15.35
C GLY E 413 -28.94 37.44 -15.63
N ASN E 418 -34.09 43.21 -14.98
CA ASN E 418 -34.19 44.66 -14.99
C ASN E 418 -33.26 45.29 -13.96
N ASN E 419 -33.73 46.38 -13.34
CA ASN E 419 -32.93 47.08 -12.35
C ASN E 419 -33.13 46.50 -10.96
N THR E 420 -32.94 45.19 -10.81
CA THR E 420 -33.06 44.53 -9.52
C THR E 420 -32.21 43.26 -9.55
N GLU E 421 -31.70 42.88 -8.38
CA GLU E 421 -30.88 41.68 -8.23
C GLU E 421 -31.59 40.72 -7.28
N THR E 422 -31.79 39.48 -7.74
CA THR E 422 -32.50 38.46 -6.98
C THR E 422 -31.54 37.35 -6.58
N PHE E 423 -31.51 37.04 -5.30
CA PHE E 423 -30.60 36.05 -4.73
C PHE E 423 -31.39 34.84 -4.24
N ARG E 424 -30.86 33.66 -4.53
CA ARG E 424 -31.50 32.41 -4.15
C ARG E 424 -30.47 31.52 -3.46
N PRO E 425 -30.88 30.78 -2.43
CA PRO E 425 -30.00 29.72 -1.92
C PRO E 425 -29.69 28.71 -3.01
N GLY E 426 -28.44 28.27 -3.04
CA GLY E 426 -28.00 27.38 -4.08
C GLY E 426 -26.78 26.56 -3.75
N GLY E 427 -26.86 25.26 -3.96
CA GLY E 427 -25.76 24.38 -3.64
C GLY E 427 -25.20 23.67 -4.86
N GLY E 428 -25.27 22.35 -4.85
CA GLY E 428 -24.72 21.56 -5.94
C GLY E 428 -23.30 21.12 -5.67
N ASP E 429 -22.36 22.06 -5.73
CA ASP E 429 -20.97 21.74 -5.47
C ASP E 429 -20.73 21.73 -3.97
N MET E 430 -20.34 20.58 -3.44
CA MET E 430 -20.12 20.45 -2.00
C MET E 430 -18.84 21.11 -1.55
N ARG E 431 -17.86 21.29 -2.45
CA ARG E 431 -16.58 21.86 -2.06
C ARG E 431 -16.73 23.19 -1.35
N ASP E 432 -17.72 24.00 -1.75
CA ASP E 432 -17.88 25.31 -1.14
C ASP E 432 -18.04 25.21 0.37
N ASN E 433 -18.64 24.12 0.86
CA ASN E 433 -18.81 23.98 2.30
C ASN E 433 -17.46 23.93 3.01
N TRP E 434 -16.49 23.23 2.44
CA TRP E 434 -15.15 23.26 3.01
C TRP E 434 -14.48 24.60 2.76
N ARG E 435 -14.82 25.29 1.68
CA ARG E 435 -14.16 26.55 1.37
C ARG E 435 -14.49 27.63 2.38
N SER E 436 -15.61 27.51 3.10
CA SER E 436 -15.99 28.54 4.06
C SER E 436 -15.14 28.52 5.31
N GLU E 437 -14.44 27.43 5.59
CA GLU E 437 -13.56 27.35 6.75
C GLU E 437 -12.09 27.51 6.40
N LEU E 438 -11.65 26.90 5.30
CA LEU E 438 -10.25 26.98 4.90
C LEU E 438 -9.95 28.21 4.06
N TYR E 439 -10.73 29.28 4.23
CA TYR E 439 -10.52 30.48 3.44
C TYR E 439 -9.27 31.25 3.87
N LYS E 440 -8.69 30.90 5.00
CA LYS E 440 -7.50 31.57 5.52
C LYS E 440 -6.37 30.57 5.72
N TYR E 441 -6.07 29.77 4.71
CA TYR E 441 -4.96 28.84 4.80
C TYR E 441 -4.36 28.63 3.42
N LYS E 442 -3.03 28.71 3.33
CA LYS E 442 -2.32 28.29 2.13
C LYS E 442 -1.10 27.48 2.54
N VAL E 443 -0.67 26.57 1.67
CA VAL E 443 0.49 25.71 1.94
C VAL E 443 1.66 26.22 1.13
N VAL E 444 2.82 26.33 1.77
CA VAL E 444 4.02 26.82 1.11
C VAL E 444 5.21 25.95 1.51
N GLU E 445 6.04 25.62 0.52
CA GLU E 445 7.30 24.92 0.76
C GLU E 445 8.43 25.91 1.01
N ILE E 446 9.35 25.52 1.86
CA ILE E 446 10.45 26.38 2.28
C ILE E 446 11.61 26.19 1.32
N LYS E 447 12.27 27.29 0.98
CA LYS E 447 13.49 27.22 0.18
C LYS E 447 14.67 27.66 1.05
N PRO E 448 15.25 26.74 1.83
CA PRO E 448 16.27 27.16 2.81
C PRO E 448 17.56 27.64 2.19
N LEU E 449 17.86 27.31 0.94
CA LEU E 449 19.13 27.68 0.34
C LEU E 449 19.02 29.09 -0.23
N GLY E 450 19.74 30.03 0.36
CA GLY E 450 19.79 31.39 -0.13
C GLY E 450 21.21 31.77 -0.51
N ILE E 451 21.32 32.72 -1.43
CA ILE E 451 22.61 33.16 -1.96
C ILE E 451 22.66 34.68 -1.92
N ALA E 452 23.78 35.22 -1.44
CA ALA E 452 23.88 36.67 -1.22
C ALA E 452 25.34 37.07 -1.17
N PRO E 453 25.66 38.34 -1.44
CA PRO E 453 27.07 38.74 -1.49
C PRO E 453 27.60 39.29 -0.17
N THR E 454 28.88 39.04 0.06
CA THR E 454 29.60 39.64 1.18
C THR E 454 31.09 39.48 0.95
N LYS E 455 31.87 40.17 1.79
CA LYS E 455 33.32 40.08 1.73
C LYS E 455 33.83 38.84 2.47
N CYS E 456 33.89 37.71 1.75
CA CYS E 456 34.36 36.46 2.33
C CYS E 456 35.16 35.70 1.27
N ASN E 457 36.39 35.36 1.60
CA ASN E 457 37.27 34.61 0.71
C ASN E 457 37.64 33.28 1.34
N ARG E 458 38.21 32.39 0.53
CA ARG E 458 38.63 31.08 1.00
C ARG E 458 40.08 30.79 0.61
N ASN F 6 38.36 21.93 36.14
CA ASN F 6 37.04 22.04 35.52
C ASN F 6 36.81 20.90 34.53
N LEU F 7 35.53 20.60 34.28
CA LEU F 7 35.14 19.56 33.35
C LEU F 7 34.15 20.11 32.35
N TRP F 8 34.08 19.44 31.19
CA TRP F 8 33.20 19.86 30.11
C TRP F 8 32.41 18.67 29.62
N VAL F 9 31.14 18.91 29.28
CA VAL F 9 30.29 17.84 28.77
C VAL F 9 30.76 17.47 27.36
N THR F 10 30.54 16.21 27.00
CA THR F 10 31.06 15.64 25.78
C THR F 10 30.05 14.65 25.23
N VAL F 11 29.95 14.57 23.92
CA VAL F 11 28.93 13.80 23.23
C VAL F 11 29.59 12.60 22.58
N TYR F 12 29.14 11.41 22.95
CA TYR F 12 29.62 10.16 22.36
C TYR F 12 28.51 9.54 21.52
N TYR F 13 28.88 9.10 20.33
CA TYR F 13 27.93 8.51 19.39
C TYR F 13 28.02 7.00 19.53
N GLY F 14 27.05 6.41 20.21
CA GLY F 14 26.96 4.96 20.29
C GLY F 14 27.28 4.35 21.63
N VAL F 15 26.87 4.98 22.72
CA VAL F 15 27.03 4.38 24.04
C VAL F 15 25.93 3.34 24.22
N PRO F 16 26.15 2.31 25.02
CA PRO F 16 25.15 1.23 25.15
C PRO F 16 24.01 1.55 26.12
N VAL F 17 22.98 2.20 25.59
CA VAL F 17 21.75 2.47 26.34
C VAL F 17 20.58 2.03 25.47
N TRP F 18 19.68 1.24 26.05
CA TRP F 18 18.54 0.73 25.31
C TRP F 18 17.24 1.16 25.99
N LYS F 19 16.33 1.73 25.21
CA LYS F 19 15.06 2.23 25.69
C LYS F 19 14.01 1.12 25.59
N GLU F 20 12.73 1.48 25.67
CA GLU F 20 11.65 0.52 25.78
C GLU F 20 11.22 0.02 24.40
N ALA F 21 10.02 -0.55 24.32
CA ALA F 21 9.54 -1.50 23.33
C ALA F 21 8.40 -0.90 22.51
N LYS F 22 7.64 -1.76 21.85
CA LYS F 22 6.56 -1.41 20.93
C LYS F 22 7.04 -0.75 19.66
N THR F 23 7.84 -1.48 18.88
CA THR F 23 8.08 -1.16 17.48
C THR F 23 7.58 -2.33 16.61
N THR F 24 7.92 -2.28 15.33
CA THR F 24 7.45 -3.25 14.35
C THR F 24 8.55 -4.23 14.01
N LEU F 25 8.20 -5.50 13.89
CA LEU F 25 9.13 -6.56 13.53
C LEU F 25 8.77 -7.13 12.17
N PHE F 26 9.78 -7.66 11.47
CA PHE F 26 9.57 -8.22 10.15
C PHE F 26 9.96 -9.70 10.15
N CYS F 27 9.23 -10.47 9.34
CA CYS F 27 9.39 -11.91 9.28
C CYS F 27 10.70 -12.30 8.61
N ALA F 28 11.05 -13.57 8.78
CA ALA F 28 12.24 -14.12 8.14
C ALA F 28 12.11 -15.63 8.16
N SER F 29 12.11 -16.25 6.99
CA SER F 29 11.92 -17.70 6.88
C SER F 29 13.18 -18.36 6.35
N ASP F 30 13.41 -19.59 6.80
CA ASP F 30 14.63 -20.32 6.48
C ASP F 30 14.51 -20.91 5.07
N ALA F 31 15.42 -21.82 4.73
CA ALA F 31 15.41 -22.46 3.42
C ALA F 31 14.19 -23.37 3.27
N HIS F 39 4.44 -24.13 -0.70
CA HIS F 39 3.77 -22.97 -0.11
C HIS F 39 3.09 -23.36 1.20
N ASN F 40 2.59 -22.35 1.90
CA ASN F 40 1.79 -22.57 3.10
C ASN F 40 1.01 -21.29 3.39
N VAL F 41 0.35 -21.24 4.54
CA VAL F 41 -0.55 -20.13 4.83
C VAL F 41 0.24 -18.87 5.16
N TRP F 42 1.08 -18.94 6.19
CA TRP F 42 1.94 -17.81 6.55
C TRP F 42 3.07 -17.78 5.54
N ALA F 43 2.94 -16.90 4.54
CA ALA F 43 3.72 -17.02 3.32
C ALA F 43 5.21 -17.03 3.62
N THR F 44 5.85 -18.18 3.38
CA THR F 44 7.30 -18.26 3.45
C THR F 44 7.95 -17.52 2.29
N HIS F 45 7.32 -17.53 1.12
CA HIS F 45 7.83 -16.84 -0.05
C HIS F 45 7.59 -15.34 0.01
N ALA F 46 7.28 -14.81 1.20
CA ALA F 46 7.06 -13.37 1.35
C ALA F 46 7.92 -12.75 2.44
N CYS F 47 8.75 -13.53 3.14
CA CYS F 47 9.72 -12.97 4.07
C CYS F 47 11.12 -13.04 3.50
N VAL F 48 11.96 -12.12 3.96
CA VAL F 48 13.36 -12.10 3.53
C VAL F 48 14.04 -13.38 4.02
N PRO F 49 14.93 -13.97 3.24
CA PRO F 49 15.65 -15.16 3.73
C PRO F 49 16.46 -14.82 4.97
N THR F 50 16.50 -15.76 5.91
CA THR F 50 17.34 -15.58 7.09
C THR F 50 18.76 -15.97 6.78
N ASP F 51 19.69 -15.05 7.01
CA ASP F 51 21.08 -15.45 7.05
C ASP F 51 21.25 -16.21 8.35
N PRO F 52 21.36 -17.55 8.31
CA PRO F 52 21.21 -18.33 9.55
C PRO F 52 22.22 -17.93 10.60
N ASN F 53 23.51 -18.13 10.30
CA ASN F 53 24.66 -17.58 11.00
C ASN F 53 24.37 -17.31 12.47
N PRO F 54 24.06 -18.33 13.27
CA PRO F 54 23.65 -18.09 14.67
C PRO F 54 24.65 -17.23 15.41
N GLN F 55 24.24 -16.01 15.74
CA GLN F 55 25.14 -15.03 16.32
C GLN F 55 24.39 -14.33 17.44
N GLU F 56 25.02 -14.27 18.61
CA GLU F 56 24.49 -13.57 19.77
C GLU F 56 25.64 -12.78 20.40
N MET F 57 25.36 -12.14 21.52
CA MET F 57 26.39 -11.39 22.23
C MET F 57 26.02 -11.35 23.70
N VAL F 58 26.72 -12.13 24.51
CA VAL F 58 26.41 -12.19 25.94
C VAL F 58 26.79 -10.86 26.58
N LEU F 59 25.92 -10.34 27.43
CA LEU F 59 26.15 -9.09 28.14
C LEU F 59 26.52 -9.44 29.58
N GLU F 60 27.81 -9.46 29.86
CA GLU F 60 28.24 -9.75 31.21
C GLU F 60 27.93 -8.58 32.14
N ASN F 61 27.61 -8.90 33.39
CA ASN F 61 27.39 -7.91 34.44
C ASN F 61 26.24 -6.95 34.10
N VAL F 62 25.09 -7.51 33.72
CA VAL F 62 23.89 -6.71 33.48
C VAL F 62 22.72 -7.38 34.19
N THR F 63 21.63 -6.64 34.31
CA THR F 63 20.39 -7.18 34.84
C THR F 63 19.24 -6.26 34.42
N GLU F 64 18.10 -6.87 34.09
CA GLU F 64 16.95 -6.12 33.62
C GLU F 64 15.68 -6.90 33.91
N ASN F 65 14.55 -6.21 33.84
CA ASN F 65 13.25 -6.75 34.24
C ASN F 65 12.47 -7.19 33.01
N PHE F 66 12.09 -8.47 32.99
CA PHE F 66 11.18 -9.00 31.98
C PHE F 66 9.79 -9.14 32.59
N ASN F 67 8.77 -8.95 31.78
CA ASN F 67 7.39 -8.94 32.26
C ASN F 67 6.57 -9.76 31.26
N MET F 68 6.93 -11.04 31.12
CA MET F 68 6.50 -11.88 30.00
C MET F 68 5.07 -11.68 29.53
N TRP F 69 4.09 -11.96 30.39
CA TRP F 69 2.73 -11.94 29.89
C TRP F 69 2.12 -10.54 29.86
N LYS F 70 2.91 -9.56 29.41
CA LYS F 70 2.43 -8.25 28.94
C LYS F 70 3.18 -7.83 27.67
N ASN F 71 3.96 -8.73 27.09
CA ASN F 71 4.91 -8.38 26.04
C ASN F 71 4.22 -7.83 24.81
N ASP F 72 4.98 -7.11 24.00
CA ASP F 72 4.48 -6.59 22.74
C ASP F 72 4.53 -7.66 21.67
N MET F 73 5.64 -8.40 21.61
CA MET F 73 5.87 -9.31 20.51
C MET F 73 4.77 -10.35 20.37
N VAL F 74 4.20 -10.78 21.49
CA VAL F 74 3.12 -11.74 21.45
C VAL F 74 1.91 -11.15 20.73
N ASP F 75 1.55 -9.91 21.09
CA ASP F 75 0.40 -9.27 20.45
C ASP F 75 0.67 -9.03 18.97
N GLN F 76 1.88 -8.58 18.62
CA GLN F 76 2.20 -8.34 17.22
C GLN F 76 2.11 -9.64 16.41
N MET F 77 2.68 -10.72 16.94
CA MET F 77 2.66 -11.98 16.21
C MET F 77 1.24 -12.52 16.06
N HIS F 78 0.41 -12.43 17.11
CA HIS F 78 -0.94 -12.93 16.99
C HIS F 78 -1.77 -12.11 16.01
N GLU F 79 -1.75 -10.79 16.16
CA GLU F 79 -2.45 -9.89 15.25
C GLU F 79 -1.94 -10.02 13.83
N ASP F 80 -0.70 -10.47 13.65
CA ASP F 80 -0.15 -10.67 12.31
C ASP F 80 -0.49 -12.01 11.71
N ILE F 81 -0.49 -13.08 12.50
CA ILE F 81 -0.91 -14.36 11.97
C ILE F 81 -2.38 -14.36 11.63
N ILE F 82 -3.20 -13.59 12.35
CA ILE F 82 -4.57 -13.36 11.90
C ILE F 82 -4.63 -12.66 10.56
N SER F 83 -3.80 -11.66 10.33
CA SER F 83 -3.77 -10.96 9.05
C SER F 83 -3.17 -11.78 7.93
N LEU F 84 -2.41 -12.82 8.24
CA LEU F 84 -1.95 -13.75 7.21
C LEU F 84 -3.00 -14.80 6.86
N TRP F 85 -3.60 -15.43 7.88
CA TRP F 85 -4.61 -16.44 7.60
C TRP F 85 -5.80 -15.83 6.88
N ASP F 86 -6.31 -14.71 7.39
CA ASP F 86 -7.48 -14.04 6.83
C ASP F 86 -7.14 -13.21 5.61
N GLN F 87 -5.98 -13.43 5.00
CA GLN F 87 -5.61 -12.78 3.75
C GLN F 87 -5.27 -13.83 2.71
N SER F 88 -4.68 -14.94 3.13
CA SER F 88 -4.56 -16.10 2.27
C SER F 88 -5.91 -16.79 2.06
N LEU F 89 -6.85 -16.59 2.97
CA LEU F 89 -8.18 -17.16 2.87
C LEU F 89 -9.13 -16.29 2.08
N LYS F 90 -8.67 -15.12 1.64
CA LYS F 90 -9.47 -14.16 0.88
C LYS F 90 -9.90 -14.68 -0.50
N PRO F 91 -9.03 -15.26 -1.31
CA PRO F 91 -9.42 -15.60 -2.68
C PRO F 91 -9.99 -16.99 -2.88
N CYS F 92 -10.24 -17.75 -1.82
CA CYS F 92 -10.69 -19.12 -1.95
C CYS F 92 -12.20 -19.18 -2.18
N VAL F 93 -12.68 -20.37 -2.52
CA VAL F 93 -14.08 -20.55 -2.90
C VAL F 93 -14.96 -20.30 -1.70
N LYS F 94 -15.98 -19.46 -1.87
CA LYS F 94 -16.91 -19.16 -0.79
C LYS F 94 -17.89 -20.31 -0.63
N LEU F 95 -18.97 -20.10 0.13
CA LEU F 95 -19.84 -21.22 0.46
C LEU F 95 -21.32 -20.87 0.43
N THR F 96 -21.69 -19.63 0.11
CA THR F 96 -23.09 -19.24 0.20
C THR F 96 -24.05 -20.12 -0.61
N PRO F 97 -23.74 -20.55 -1.84
CA PRO F 97 -24.68 -21.45 -2.52
C PRO F 97 -24.91 -22.76 -1.80
N LEU F 98 -23.91 -23.26 -1.08
CA LEU F 98 -24.04 -24.53 -0.38
C LEU F 98 -24.62 -24.32 1.02
N CYS F 99 -25.87 -23.89 1.06
CA CYS F 99 -26.53 -23.78 2.35
C CYS F 99 -28.01 -24.17 2.26
N VAL F 100 -28.38 -24.92 1.24
CA VAL F 100 -29.76 -25.34 1.02
C VAL F 100 -30.15 -26.33 2.11
N THR F 101 -31.44 -26.65 2.19
CA THR F 101 -31.88 -27.70 3.08
C THR F 101 -31.19 -29.01 2.72
N LEU F 102 -30.80 -29.78 3.72
CA LEU F 102 -30.13 -31.04 3.45
C LEU F 102 -30.96 -32.23 3.90
N ASN F 103 -31.39 -33.04 2.97
CA ASN F 103 -32.19 -34.22 3.23
C ASN F 103 -31.23 -35.35 3.51
N CYS F 104 -30.88 -35.59 4.77
CA CYS F 104 -29.93 -36.64 5.09
C CYS F 104 -30.48 -37.88 5.78
N THR F 105 -29.60 -38.85 5.97
CA THR F 105 -29.93 -40.11 6.63
C THR F 105 -28.64 -40.71 7.20
N ASN F 106 -28.76 -41.84 7.87
CA ASN F 106 -27.63 -42.47 8.54
C ASN F 106 -26.79 -43.25 7.55
N VAL F 107 -25.54 -43.50 7.95
CA VAL F 107 -24.61 -44.28 7.15
C VAL F 107 -24.64 -45.73 7.63
N ASN F 108 -24.21 -46.64 6.74
CA ASN F 108 -24.14 -48.05 7.10
C ASN F 108 -23.13 -48.27 8.22
N VAL F 109 -23.47 -49.16 9.15
CA VAL F 109 -22.63 -49.44 10.30
C VAL F 109 -22.52 -50.94 10.48
N THR F 110 -21.43 -51.37 11.13
CA THR F 110 -21.20 -52.76 11.47
C THR F 110 -20.87 -52.94 12.95
N ASN F 111 -20.11 -52.02 13.54
CA ASN F 111 -19.74 -52.09 14.95
C ASN F 111 -20.20 -50.81 15.63
N THR F 112 -20.37 -50.90 16.95
CA THR F 112 -20.83 -49.75 17.73
C THR F 112 -19.83 -48.61 17.62
N ASN F 113 -20.27 -47.47 17.09
CA ASN F 113 -19.41 -46.31 16.90
C ASN F 113 -19.21 -45.55 18.21
N GLU F 119 -26.15 -39.64 14.32
CA GLU F 119 -25.09 -40.30 15.08
C GLU F 119 -23.78 -39.53 14.95
N GLU F 120 -22.97 -39.90 13.98
CA GLU F 120 -21.69 -39.22 13.76
C GLU F 120 -21.51 -38.69 12.35
N MET F 121 -21.94 -39.44 11.34
CA MET F 121 -21.87 -38.99 9.96
C MET F 121 -23.20 -39.21 9.28
N LYS F 122 -23.55 -38.32 8.35
CA LYS F 122 -24.82 -38.39 7.65
C LYS F 122 -24.61 -38.21 6.15
N ASN F 123 -25.43 -38.94 5.37
CA ASN F 123 -25.37 -38.95 3.91
C ASN F 123 -26.35 -37.91 3.38
N CYS F 124 -25.98 -36.64 3.52
CA CYS F 124 -26.87 -35.55 3.17
C CYS F 124 -27.01 -35.42 1.66
N SER F 125 -28.06 -34.72 1.24
CA SER F 125 -28.34 -34.48 -0.16
C SER F 125 -29.01 -33.13 -0.29
N PHE F 126 -28.60 -32.39 -1.31
CA PHE F 126 -29.10 -31.05 -1.55
C PHE F 126 -29.21 -30.70 -3.01
N ASN F 127 -29.57 -29.45 -3.29
CA ASN F 127 -29.71 -28.94 -4.65
C ASN F 127 -28.80 -27.76 -4.88
N THR F 128 -27.73 -27.98 -5.65
CA THR F 128 -26.72 -26.97 -5.93
C THR F 128 -26.80 -26.18 -7.21
N THR F 129 -26.78 -24.87 -7.08
CA THR F 129 -26.82 -23.96 -8.22
C THR F 129 -25.45 -23.99 -8.90
N THR F 130 -25.39 -24.47 -10.14
CA THR F 130 -24.10 -24.60 -10.80
C THR F 130 -24.02 -23.95 -12.17
N GLU F 131 -25.09 -23.96 -12.96
CA GLU F 131 -25.09 -23.34 -14.29
C GLU F 131 -26.13 -22.22 -14.40
N ILE F 132 -26.76 -21.88 -13.27
CA ILE F 132 -27.68 -20.77 -13.11
C ILE F 132 -28.91 -20.92 -14.01
N ARG F 133 -30.09 -20.94 -13.38
CA ARG F 133 -31.37 -21.08 -14.08
C ARG F 133 -31.37 -22.32 -14.98
N ASP F 134 -30.86 -23.42 -14.45
CA ASP F 134 -30.83 -24.67 -15.20
C ASP F 134 -31.01 -25.81 -14.21
N LYS F 135 -30.90 -27.04 -14.72
CA LYS F 135 -31.07 -28.21 -13.89
C LYS F 135 -30.03 -28.24 -12.78
N LYS F 136 -30.48 -28.55 -11.57
CA LYS F 136 -29.63 -28.57 -10.40
C LYS F 136 -29.45 -30.01 -9.92
N GLN F 137 -28.20 -30.41 -9.72
CA GLN F 137 -27.90 -31.79 -9.35
C GLN F 137 -28.41 -32.09 -7.95
N LYS F 138 -28.56 -33.38 -7.66
CA LYS F 138 -28.88 -33.82 -6.30
C LYS F 138 -27.62 -33.85 -5.44
N GLU F 139 -26.58 -34.53 -5.92
CA GLU F 139 -25.21 -34.34 -5.44
C GLU F 139 -25.09 -34.63 -3.94
N TYR F 140 -25.27 -35.91 -3.61
CA TYR F 140 -25.14 -36.35 -2.23
C TYR F 140 -23.73 -36.14 -1.73
N ALA F 141 -23.61 -35.92 -0.41
CA ALA F 141 -22.31 -35.67 0.21
C ALA F 141 -22.40 -36.02 1.69
N LEU F 142 -21.29 -36.43 2.28
CA LEU F 142 -21.30 -36.79 3.70
C LEU F 142 -20.95 -35.58 4.55
N PHE F 143 -21.47 -35.58 5.78
CA PHE F 143 -21.23 -34.49 6.71
C PHE F 143 -21.24 -35.02 8.13
N TYR F 144 -20.32 -34.54 8.96
CA TYR F 144 -20.28 -34.96 10.35
C TYR F 144 -21.45 -34.37 11.13
N ARG F 145 -21.90 -35.10 12.15
CA ARG F 145 -22.93 -34.55 13.03
C ARG F 145 -22.32 -33.65 14.08
N LEU F 146 -21.43 -32.79 13.62
CA LEU F 146 -20.93 -31.65 14.36
C LEU F 146 -20.88 -30.43 13.47
N ASP F 147 -21.24 -30.58 12.21
CA ASP F 147 -21.27 -29.52 11.21
C ASP F 147 -22.71 -29.26 10.76
N ILE F 148 -23.67 -29.77 11.53
CA ILE F 148 -25.07 -29.86 11.13
C ILE F 148 -25.94 -29.41 12.28
N VAL F 149 -26.92 -28.56 12.00
CA VAL F 149 -27.93 -28.23 12.99
C VAL F 149 -29.30 -28.51 12.39
N PRO F 150 -30.22 -29.11 13.13
CA PRO F 150 -31.54 -29.42 12.57
C PRO F 150 -32.54 -28.28 12.79
N LEU F 151 -33.18 -27.84 11.71
CA LEU F 151 -34.21 -26.82 11.81
C LEU F 151 -35.59 -27.50 11.81
N ASN F 152 -35.84 -28.22 12.90
CA ASN F 152 -37.09 -28.96 13.07
C ASN F 152 -38.29 -28.03 13.14
N SER F 156 -33.97 -35.63 9.05
CA SER F 156 -35.08 -35.18 8.21
C SER F 156 -34.69 -33.92 7.47
N GLU F 157 -34.40 -32.86 8.23
CA GLU F 157 -33.99 -31.59 7.66
C GLU F 157 -32.84 -31.04 8.49
N TYR F 158 -31.82 -30.52 7.83
CA TYR F 158 -30.62 -30.05 8.51
C TYR F 158 -30.06 -28.86 7.76
N ARG F 159 -29.01 -28.26 8.31
CA ARG F 159 -28.30 -27.20 7.61
C ARG F 159 -26.89 -27.11 8.15
N LEU F 160 -26.02 -26.45 7.39
CA LEU F 160 -24.67 -26.19 7.87
C LEU F 160 -24.71 -25.35 9.14
N ILE F 161 -23.87 -25.71 10.11
CA ILE F 161 -23.91 -25.03 11.41
C ILE F 161 -23.60 -23.55 11.25
N ASN F 162 -22.57 -23.21 10.48
CA ASN F 162 -22.21 -21.82 10.28
C ASN F 162 -22.80 -21.30 8.97
N CYS F 163 -24.13 -21.26 8.96
CA CYS F 163 -24.92 -20.53 7.97
C CYS F 163 -26.03 -19.76 8.65
N ASN F 164 -25.73 -19.25 9.84
CA ASN F 164 -26.70 -18.51 10.64
C ASN F 164 -26.11 -17.19 11.08
N THR F 165 -24.79 -17.12 11.16
CA THR F 165 -24.11 -15.92 11.59
C THR F 165 -23.03 -15.48 10.60
N SER F 166 -22.39 -16.44 9.94
CA SER F 166 -21.25 -16.08 9.10
C SER F 166 -21.11 -17.08 7.98
N THR F 167 -20.74 -16.59 6.80
CA THR F 167 -20.41 -17.44 5.67
C THR F 167 -18.90 -17.47 5.49
N CYS F 168 -18.35 -18.66 5.31
CA CYS F 168 -16.90 -18.79 5.25
C CYS F 168 -16.44 -19.58 4.04
N THR F 169 -15.15 -19.43 3.74
CA THR F 169 -14.57 -19.88 2.48
C THR F 169 -13.65 -21.06 2.76
N GLN F 170 -13.84 -22.14 2.00
CA GLN F 170 -13.04 -23.34 2.19
C GLN F 170 -11.57 -23.05 1.89
N ILE F 171 -10.69 -23.54 2.76
CA ILE F 171 -9.25 -23.34 2.57
C ILE F 171 -8.80 -24.23 1.41
N CYS F 172 -8.28 -23.60 0.36
CA CYS F 172 -8.01 -24.31 -0.88
C CYS F 172 -6.93 -25.36 -0.66
N PRO F 173 -7.13 -26.59 -1.16
CA PRO F 173 -6.19 -27.67 -0.84
C PRO F 173 -4.79 -27.45 -1.37
N LYS F 174 -4.62 -26.61 -2.40
CA LYS F 174 -3.30 -26.42 -2.99
C LYS F 174 -2.32 -25.85 -1.98
N VAL F 175 -2.81 -25.10 -0.99
CA VAL F 175 -1.98 -24.59 0.08
C VAL F 175 -2.16 -25.49 1.29
N SER F 176 -1.10 -25.63 2.08
CA SER F 176 -1.10 -26.50 3.24
C SER F 176 -0.78 -25.68 4.48
N PHE F 177 -1.53 -25.95 5.56
CA PHE F 177 -1.46 -25.13 6.76
C PHE F 177 -0.65 -25.78 7.87
N ASP F 178 0.16 -26.79 7.56
CA ASP F 178 1.06 -27.33 8.54
C ASP F 178 2.12 -26.28 8.90
N PRO F 179 2.54 -26.23 10.16
CA PRO F 179 3.43 -25.15 10.58
C PRO F 179 4.89 -25.45 10.28
N ILE F 180 5.59 -24.44 9.76
CA ILE F 180 7.05 -24.49 9.68
C ILE F 180 7.55 -23.25 10.42
N PRO F 181 8.74 -23.27 11.01
CA PRO F 181 9.08 -22.21 11.97
C PRO F 181 9.30 -20.87 11.30
N ILE F 182 8.93 -19.83 12.04
CA ILE F 182 9.08 -18.46 11.58
C ILE F 182 10.15 -17.82 12.45
N HIS F 183 10.87 -16.86 11.88
CA HIS F 183 11.89 -16.14 12.62
C HIS F 183 11.56 -14.65 12.60
N TYR F 184 11.26 -14.10 13.77
CA TYR F 184 10.89 -12.70 13.89
C TYR F 184 12.12 -11.89 14.20
N CYS F 185 12.51 -11.02 13.27
CA CYS F 185 13.69 -10.18 13.40
C CYS F 185 13.29 -8.76 13.79
N ALA F 186 14.31 -7.94 14.00
CA ALA F 186 14.11 -6.53 14.33
C ALA F 186 14.84 -5.64 13.32
N PRO F 187 14.26 -4.50 12.97
CA PRO F 187 14.96 -3.60 12.04
C PRO F 187 16.10 -2.87 12.72
N ALA F 188 16.81 -2.02 11.96
CA ALA F 188 17.98 -1.35 12.49
C ALA F 188 17.60 -0.43 13.65
N GLY F 189 18.51 -0.33 14.62
CA GLY F 189 18.23 0.45 15.81
C GLY F 189 17.39 -0.26 16.84
N TYR F 190 17.00 -1.51 16.58
CA TYR F 190 16.16 -2.28 17.49
C TYR F 190 16.81 -3.63 17.70
N ALA F 191 16.96 -4.04 18.96
CA ALA F 191 17.55 -5.33 19.27
C ALA F 191 16.63 -6.07 20.22
N ILE F 192 16.55 -7.39 20.07
CA ILE F 192 15.71 -8.19 20.94
C ILE F 192 16.62 -8.85 21.98
N LEU F 193 16.49 -8.39 23.21
CA LEU F 193 17.23 -8.99 24.31
C LEU F 193 16.57 -10.29 24.72
N LYS F 194 17.39 -11.29 25.01
CA LYS F 194 16.96 -12.65 25.26
C LYS F 194 17.57 -13.09 26.58
N CYS F 195 16.73 -13.53 27.50
CA CYS F 195 17.19 -13.96 28.82
C CYS F 195 17.46 -15.45 28.81
N ASN F 196 18.69 -15.84 29.16
CA ASN F 196 19.12 -17.22 29.07
C ASN F 196 19.16 -17.91 30.42
N ASN F 197 18.64 -17.29 31.47
CA ASN F 197 18.56 -17.95 32.77
C ASN F 197 17.65 -19.17 32.67
N LYS F 198 18.11 -20.29 33.21
CA LYS F 198 17.34 -21.52 33.09
C LYS F 198 16.08 -21.48 33.93
N THR F 199 16.19 -20.99 35.17
CA THR F 199 15.07 -21.04 36.13
C THR F 199 14.16 -19.84 36.03
N PHE F 200 14.12 -19.17 34.89
CA PHE F 200 13.34 -17.96 34.75
C PHE F 200 11.85 -18.28 34.65
N ASN F 201 11.05 -17.60 35.47
CA ASN F 201 9.60 -17.81 35.51
C ASN F 201 8.84 -16.69 34.84
N GLY F 202 9.34 -16.19 33.73
CA GLY F 202 8.61 -15.22 32.94
C GLY F 202 8.76 -13.77 33.35
N THR F 203 8.53 -13.46 34.62
CA THR F 203 8.59 -12.10 35.10
C THR F 203 9.67 -11.97 36.16
N GLY F 204 10.21 -10.75 36.27
CA GLY F 204 11.23 -10.45 37.24
C GLY F 204 12.57 -10.17 36.59
N PRO F 205 13.61 -10.03 37.41
CA PRO F 205 14.95 -9.83 36.87
C PRO F 205 15.65 -11.15 36.61
N CYS F 206 16.59 -11.11 35.67
CA CYS F 206 17.40 -12.29 35.36
C CYS F 206 18.76 -11.86 34.84
N ASN F 207 19.76 -12.69 35.11
CA ASN F 207 21.13 -12.41 34.73
C ASN F 207 21.47 -13.15 33.45
N ASN F 208 22.69 -12.94 32.96
CA ASN F 208 23.20 -13.62 31.77
C ASN F 208 22.25 -13.46 30.59
N VAL F 209 22.11 -12.21 30.16
CA VAL F 209 21.19 -11.83 29.09
C VAL F 209 21.98 -11.54 27.83
N SER F 210 21.60 -12.16 26.73
CA SER F 210 22.26 -11.89 25.45
C SER F 210 21.38 -11.00 24.59
N THR F 211 21.95 -10.51 23.49
CA THR F 211 21.23 -9.70 22.53
C THR F 211 21.15 -10.44 21.21
N VAL F 212 20.04 -10.30 20.52
CA VAL F 212 19.79 -11.04 19.29
C VAL F 212 19.17 -10.10 18.28
N GLN F 213 19.30 -10.46 17.01
CA GLN F 213 18.59 -9.83 15.91
C GLN F 213 17.33 -10.58 15.50
N CYS F 214 17.42 -11.90 15.36
CA CYS F 214 16.32 -12.73 14.89
C CYS F 214 16.03 -13.87 15.86
N THR F 215 14.76 -14.03 16.21
CA THR F 215 14.34 -14.99 17.21
C THR F 215 14.51 -16.43 16.73
N HIS F 216 14.60 -17.34 17.70
CA HIS F 216 14.87 -18.75 17.43
C HIS F 216 13.58 -19.54 17.34
N GLY F 217 13.57 -20.54 16.47
CA GLY F 217 12.49 -21.50 16.45
C GLY F 217 11.12 -20.89 16.24
N ILE F 218 10.34 -20.84 17.33
CA ILE F 218 8.95 -20.36 17.41
C ILE F 218 8.19 -20.79 16.16
N LYS F 219 7.57 -21.95 16.24
CA LYS F 219 6.66 -22.48 15.23
C LYS F 219 5.23 -22.12 15.60
N PRO F 220 4.48 -21.51 14.70
CA PRO F 220 3.11 -21.12 15.05
C PRO F 220 2.15 -22.30 15.10
N VAL F 221 2.20 -23.06 16.18
CA VAL F 221 1.36 -24.23 16.36
C VAL F 221 0.16 -23.83 17.20
N VAL F 222 -1.03 -23.98 16.62
CA VAL F 222 -2.27 -23.66 17.31
C VAL F 222 -2.77 -24.90 18.03
N SER F 223 -3.02 -24.78 19.32
CA SER F 223 -3.49 -25.91 20.11
C SER F 223 -4.29 -25.41 21.30
N THR F 224 -4.68 -26.33 22.17
CA THR F 224 -5.39 -25.99 23.39
C THR F 224 -5.14 -27.07 24.43
N GLN F 225 -4.87 -26.64 25.67
CA GLN F 225 -4.67 -27.51 26.82
C GLN F 225 -3.48 -28.44 26.67
N LEU F 226 -2.83 -28.42 25.52
CA LEU F 226 -1.68 -29.28 25.27
C LEU F 226 -0.84 -28.60 24.19
N LEU F 227 0.23 -27.93 24.61
CA LEU F 227 1.13 -27.32 23.66
C LEU F 227 1.89 -28.42 22.92
N LEU F 228 1.80 -28.40 21.60
CA LEU F 228 2.35 -29.47 20.77
C LEU F 228 3.53 -28.95 19.98
N ASN F 229 4.56 -29.79 19.85
CA ASN F 229 5.77 -29.46 19.10
C ASN F 229 6.39 -28.16 19.62
N GLY F 230 6.27 -27.92 20.93
CA GLY F 230 6.78 -26.71 21.52
C GLY F 230 8.20 -26.86 22.03
N SER F 231 8.76 -25.74 22.47
CA SER F 231 10.12 -25.73 22.99
C SER F 231 10.16 -26.24 24.41
N LEU F 232 11.04 -27.20 24.67
CA LEU F 232 11.15 -27.78 25.99
C LEU F 232 11.72 -26.77 26.97
N ALA F 233 11.39 -26.95 28.25
CA ALA F 233 12.07 -26.19 29.29
C ALA F 233 13.42 -26.83 29.57
N GLU F 234 14.16 -26.26 30.53
CA GLU F 234 15.47 -26.77 30.90
C GLU F 234 15.54 -26.96 32.40
N GLU F 235 16.37 -27.93 32.81
CA GLU F 235 16.52 -28.31 34.21
C GLU F 235 15.20 -28.77 34.79
N GLU F 236 14.47 -27.88 35.45
CA GLU F 236 13.25 -28.20 36.16
C GLU F 236 12.04 -27.68 35.41
N ILE F 237 10.86 -27.80 36.03
CA ILE F 237 9.60 -27.35 35.44
C ILE F 237 9.23 -26.00 36.03
N ILE F 238 8.75 -25.10 35.18
CA ILE F 238 8.48 -23.72 35.55
C ILE F 238 6.98 -23.47 35.49
N ILE F 239 6.52 -22.51 36.28
CA ILE F 239 5.12 -22.12 36.35
C ILE F 239 5.01 -20.64 36.04
N ARG F 240 4.10 -20.28 35.13
CA ARG F 240 3.94 -18.89 34.73
C ARG F 240 2.48 -18.49 34.85
N SER F 241 2.22 -17.40 35.55
CA SER F 241 0.85 -16.97 35.80
C SER F 241 0.84 -15.53 36.29
N GLU F 242 -0.08 -14.73 35.74
CA GLU F 242 -0.18 -13.32 36.09
C GLU F 242 -0.14 -13.10 37.60
N ASN F 243 -1.12 -13.66 38.30
CA ASN F 243 -1.20 -13.54 39.75
C ASN F 243 -1.71 -14.88 40.26
N LEU F 244 -0.87 -15.58 41.02
CA LEU F 244 -1.28 -16.88 41.54
C LEU F 244 -2.47 -16.76 42.48
N THR F 245 -2.69 -15.59 43.07
CA THR F 245 -3.87 -15.37 43.89
C THR F 245 -5.14 -15.23 43.04
N ASP F 246 -5.03 -14.61 41.88
CA ASP F 246 -6.18 -14.43 40.99
C ASP F 246 -6.58 -15.76 40.36
N ASN F 247 -7.85 -15.87 40.02
CA ASN F 247 -8.41 -17.09 39.44
C ASN F 247 -8.65 -17.00 37.94
N ALA F 248 -9.02 -15.83 37.43
CA ALA F 248 -9.38 -15.70 36.03
C ALA F 248 -8.17 -15.69 35.10
N LYS F 249 -6.99 -15.38 35.60
CA LYS F 249 -5.80 -15.31 34.77
C LYS F 249 -5.26 -16.72 34.51
N THR F 250 -4.83 -16.95 33.28
CA THR F 250 -4.44 -18.29 32.86
C THR F 250 -3.16 -18.74 33.58
N ILE F 251 -2.85 -20.01 33.42
CA ILE F 251 -1.62 -20.60 33.97
C ILE F 251 -0.95 -21.44 32.90
N ILE F 252 0.36 -21.27 32.73
CA ILE F 252 1.13 -22.02 31.76
C ILE F 252 2.20 -22.82 32.51
N VAL F 253 2.40 -24.07 32.10
CA VAL F 253 3.40 -24.94 32.71
C VAL F 253 4.21 -25.58 31.59
N HIS F 254 5.53 -25.38 31.62
CA HIS F 254 6.41 -26.10 30.72
C HIS F 254 6.71 -27.49 31.27
N LEU F 255 7.29 -28.32 30.41
CA LEU F 255 7.56 -29.72 30.74
C LEU F 255 9.06 -29.99 30.74
N ASN F 256 9.51 -30.65 31.81
CA ASN F 256 10.89 -31.09 31.91
C ASN F 256 11.27 -31.96 30.72
N GLU F 257 10.40 -32.89 30.36
CA GLU F 257 10.61 -33.77 29.22
C GLU F 257 9.32 -33.89 28.43
N SER F 258 9.44 -33.86 27.11
CA SER F 258 8.29 -34.01 26.22
C SER F 258 7.60 -35.34 26.47
N VAL F 259 6.27 -35.33 26.39
CA VAL F 259 5.47 -36.54 26.46
C VAL F 259 4.97 -36.85 25.06
N GLU F 260 5.39 -37.98 24.51
CA GLU F 260 5.03 -38.31 23.13
C GLU F 260 3.53 -38.56 23.02
N ILE F 261 2.93 -38.04 21.97
CA ILE F 261 1.52 -38.23 21.68
C ILE F 261 1.39 -38.63 20.22
N ASN F 262 0.55 -39.63 19.96
CA ASN F 262 0.44 -40.23 18.63
C ASN F 262 -1.04 -40.37 18.32
N CYS F 263 -1.55 -39.55 17.41
CA CYS F 263 -2.99 -39.44 17.21
C CYS F 263 -3.31 -39.76 15.76
N THR F 264 -4.28 -40.65 15.55
CA THR F 264 -4.54 -41.24 14.25
C THR F 264 -6.02 -41.16 13.91
N ARG F 265 -6.31 -40.94 12.62
CA ARG F 265 -7.67 -41.07 12.10
C ARG F 265 -7.69 -42.25 11.14
N PRO F 266 -8.15 -43.43 11.58
CA PRO F 266 -7.99 -44.66 10.80
C PRO F 266 -9.18 -44.95 9.89
N ASN F 267 -9.35 -44.13 8.85
CA ASN F 267 -10.35 -44.36 7.83
C ASN F 267 -9.76 -44.01 6.48
N ASN F 268 -10.39 -44.50 5.42
CA ASN F 268 -10.00 -44.17 4.04
C ASN F 268 -11.22 -43.52 3.39
N MET F 269 -11.16 -42.22 3.18
CA MET F 269 -12.30 -41.45 2.74
C MET F 269 -12.06 -40.86 1.34
N THR F 270 -13.13 -40.80 0.57
CA THR F 270 -13.10 -40.34 -0.82
C THR F 270 -13.45 -38.86 -0.89
N ARG F 271 -12.83 -38.16 -1.83
CA ARG F 271 -13.00 -36.72 -1.98
C ARG F 271 -13.79 -36.45 -3.25
N LYS F 272 -15.05 -36.04 -3.10
CA LYS F 272 -15.90 -35.70 -4.23
C LYS F 272 -15.60 -34.28 -4.67
N SER F 273 -14.97 -34.14 -5.84
CA SER F 273 -14.78 -32.84 -6.45
C SER F 273 -16.09 -32.48 -7.15
N ILE F 274 -16.81 -31.52 -6.59
CA ILE F 274 -18.13 -31.17 -7.09
C ILE F 274 -18.12 -29.72 -7.53
N ARG F 275 -18.93 -29.42 -8.53
CA ARG F 275 -18.99 -28.07 -9.04
C ARG F 275 -20.03 -27.30 -8.24
N ILE F 276 -19.78 -26.00 -8.14
CA ILE F 276 -20.62 -25.06 -7.42
C ILE F 276 -20.03 -23.72 -7.82
N GLY F 277 -20.74 -22.98 -8.65
CA GLY F 277 -20.19 -21.80 -9.30
C GLY F 277 -19.20 -22.01 -10.44
N PRO F 278 -19.31 -21.21 -11.50
CA PRO F 278 -18.38 -21.34 -12.62
C PRO F 278 -16.98 -21.08 -12.13
N GLY F 279 -16.21 -22.13 -11.90
CA GLY F 279 -14.86 -21.97 -11.40
C GLY F 279 -14.88 -22.03 -9.88
N GLN F 280 -15.95 -22.63 -9.34
CA GLN F 280 -16.14 -22.77 -7.90
C GLN F 280 -16.29 -24.27 -7.62
N THR F 281 -15.21 -24.87 -7.15
CA THR F 281 -15.21 -26.30 -6.85
C THR F 281 -15.21 -26.49 -5.34
N PHE F 282 -16.13 -27.32 -4.86
CA PHE F 282 -16.29 -27.63 -3.45
C PHE F 282 -15.99 -29.11 -3.22
N TYR F 283 -15.23 -29.42 -2.17
CA TYR F 283 -14.76 -30.78 -1.92
C TYR F 283 -15.47 -31.37 -0.71
N ALA F 284 -16.26 -32.40 -0.91
CA ALA F 284 -17.00 -33.05 0.16
C ALA F 284 -16.58 -34.50 0.31
N LEU F 285 -16.80 -35.04 1.50
CA LEU F 285 -16.54 -36.45 1.74
C LEU F 285 -17.34 -37.30 0.77
N GLY F 286 -16.68 -38.29 0.17
CA GLY F 286 -17.34 -39.12 -0.81
C GLY F 286 -17.91 -40.41 -0.25
N ASP F 287 -17.07 -41.16 0.45
CA ASP F 287 -17.45 -42.45 1.03
C ASP F 287 -16.30 -42.97 1.88
N ILE F 288 -16.58 -43.90 2.78
CA ILE F 288 -15.57 -44.50 3.63
C ILE F 288 -15.38 -45.94 3.18
N ILE F 289 -14.17 -46.26 2.75
CA ILE F 289 -13.85 -47.59 2.22
C ILE F 289 -13.17 -48.38 3.33
N GLY F 290 -13.86 -49.41 3.83
CA GLY F 290 -13.31 -50.26 4.86
C GLY F 290 -14.14 -50.25 6.13
N ASP F 291 -13.46 -50.33 7.28
CA ASP F 291 -14.13 -50.33 8.58
C ASP F 291 -14.31 -48.90 9.08
N ILE F 292 -15.35 -48.72 9.90
CA ILE F 292 -15.67 -47.42 10.48
C ILE F 292 -15.14 -47.45 11.91
N ARG F 293 -14.00 -46.82 12.14
CA ARG F 293 -13.40 -46.73 13.46
C ARG F 293 -13.59 -45.32 14.01
N GLN F 294 -12.97 -45.09 15.15
CA GLN F 294 -13.06 -43.80 15.79
C GLN F 294 -11.71 -43.15 15.70
N PRO F 295 -11.67 -41.84 15.57
CA PRO F 295 -10.40 -41.14 15.53
C PRO F 295 -9.90 -41.17 16.96
N HIS F 296 -8.61 -41.35 17.20
CA HIS F 296 -8.20 -41.41 18.60
C HIS F 296 -6.75 -41.02 18.76
N CYS F 297 -6.43 -40.53 19.96
CA CYS F 297 -5.09 -40.15 20.37
C CYS F 297 -4.50 -41.22 21.30
N ASN F 298 -3.18 -41.30 21.34
CA ASN F 298 -2.48 -42.27 22.18
C ASN F 298 -1.39 -41.54 22.97
N ILE F 299 -1.28 -41.88 24.26
CA ILE F 299 -0.28 -41.31 25.14
C ILE F 299 0.30 -42.43 25.99
N SER F 300 1.59 -42.33 26.33
CA SER F 300 2.17 -43.31 27.25
C SER F 300 1.70 -43.04 28.67
N GLU F 301 0.87 -43.95 29.21
CA GLU F 301 0.25 -43.72 30.51
C GLU F 301 1.28 -43.68 31.63
N ALA F 302 2.32 -44.51 31.54
CA ALA F 302 3.39 -44.45 32.54
C ALA F 302 4.13 -43.12 32.44
N LYS F 303 4.49 -42.71 31.22
CA LYS F 303 5.18 -41.43 31.05
C LYS F 303 4.31 -40.29 31.50
N TRP F 304 3.02 -40.32 31.17
CA TRP F 304 2.13 -39.24 31.59
C TRP F 304 1.95 -39.23 33.10
N ASN F 305 1.90 -40.40 33.73
CA ASN F 305 1.77 -40.45 35.18
C ASN F 305 3.01 -39.85 35.84
N LYS F 306 4.20 -40.20 35.34
CA LYS F 306 5.42 -39.60 35.88
C LYS F 306 5.43 -38.10 35.69
N THR F 307 5.06 -37.63 34.50
CA THR F 307 5.03 -36.21 34.22
C THR F 307 4.05 -35.49 35.13
N LEU F 308 2.86 -36.07 35.32
CA LEU F 308 1.86 -35.46 36.19
C LEU F 308 2.34 -35.41 37.63
N GLN F 309 2.99 -36.48 38.11
CA GLN F 309 3.53 -36.46 39.45
C GLN F 309 4.56 -35.35 39.60
N ARG F 310 5.47 -35.23 38.64
CA ARG F 310 6.50 -34.20 38.72
C ARG F 310 5.90 -32.80 38.69
N VAL F 311 4.91 -32.57 37.83
CA VAL F 311 4.36 -31.22 37.73
C VAL F 311 3.57 -30.87 38.98
N LYS F 312 2.80 -31.82 39.51
CA LYS F 312 2.07 -31.51 40.74
C LYS F 312 3.02 -31.31 41.91
N LYS F 313 4.16 -32.01 41.91
CA LYS F 313 5.19 -31.73 42.90
C LYS F 313 5.71 -30.30 42.76
N LYS F 314 5.95 -29.87 41.53
CA LYS F 314 6.44 -28.51 41.30
C LYS F 314 5.42 -27.48 41.76
N LEU F 315 4.13 -27.73 41.49
CA LEU F 315 3.11 -26.78 41.92
C LEU F 315 2.91 -26.80 43.43
N LYS F 316 3.03 -27.96 44.07
CA LYS F 316 2.99 -27.98 45.53
C LYS F 316 4.21 -27.29 46.12
N GLU F 317 5.30 -27.19 45.35
CA GLU F 317 6.41 -26.34 45.77
C GLU F 317 5.99 -24.88 45.88
N HIS F 318 5.02 -24.46 45.05
CA HIS F 318 4.55 -23.09 45.02
C HIS F 318 3.44 -22.81 46.04
N PHE F 319 2.97 -23.83 46.75
CA PHE F 319 1.88 -23.66 47.70
C PHE F 319 2.27 -24.26 49.04
N PRO F 320 1.67 -23.78 50.13
CA PRO F 320 2.08 -24.27 51.46
C PRO F 320 1.66 -25.70 51.73
N ASN F 321 2.31 -26.65 51.07
CA ASN F 321 2.07 -28.09 51.28
C ASN F 321 0.60 -28.43 51.13
N LYS F 322 -0.03 -27.86 50.11
CA LYS F 322 -1.45 -28.02 49.87
C LYS F 322 -1.72 -29.16 48.89
N THR F 323 -2.65 -30.03 49.23
CA THR F 323 -3.04 -31.11 48.33
C THR F 323 -3.71 -30.52 47.10
N ILE F 324 -3.33 -31.03 45.93
CA ILE F 324 -3.77 -30.48 44.65
C ILE F 324 -4.44 -31.59 43.85
N LYS F 325 -5.61 -31.29 43.28
CA LYS F 325 -6.36 -32.23 42.48
C LYS F 325 -6.61 -31.65 41.10
N PHE F 326 -6.79 -32.54 40.12
CA PHE F 326 -7.05 -32.18 38.74
C PHE F 326 -8.46 -32.60 38.36
N ALA F 327 -9.17 -31.71 37.65
CA ALA F 327 -10.50 -32.00 37.15
C ALA F 327 -10.64 -31.50 35.73
N PRO F 328 -11.46 -32.15 34.90
CA PRO F 328 -11.63 -31.69 33.52
C PRO F 328 -12.40 -30.39 33.41
N SER F 329 -12.68 -29.95 32.19
CA SER F 329 -13.38 -28.70 31.98
C SER F 329 -14.82 -28.78 32.47
N SER F 330 -15.41 -27.62 32.71
CA SER F 330 -16.73 -27.57 33.35
C SER F 330 -17.88 -27.48 32.36
N GLY F 331 -17.94 -26.42 31.57
CA GLY F 331 -19.10 -26.20 30.73
C GLY F 331 -18.87 -25.47 29.43
N GLY F 332 -17.62 -25.41 28.97
CA GLY F 332 -17.29 -24.62 27.82
C GLY F 332 -17.77 -25.25 26.52
N ASP F 333 -17.31 -24.67 25.42
CA ASP F 333 -17.65 -25.14 24.09
C ASP F 333 -16.64 -26.18 23.61
N LEU F 334 -16.95 -26.83 22.49
CA LEU F 334 -16.09 -27.93 22.03
C LEU F 334 -14.70 -27.45 21.66
N GLU F 335 -14.51 -26.16 21.45
CA GLU F 335 -13.18 -25.63 21.19
C GLU F 335 -12.36 -25.44 22.46
N ILE F 336 -12.97 -25.52 23.63
CA ILE F 336 -12.31 -25.25 24.90
C ILE F 336 -12.19 -26.52 25.74
N THR F 337 -13.28 -27.27 25.87
CA THR F 337 -13.25 -28.44 26.75
C THR F 337 -12.39 -29.57 26.21
N THR F 338 -11.92 -29.49 24.98
CA THR F 338 -11.20 -30.59 24.37
C THR F 338 -9.86 -30.11 23.81
N HIS F 339 -8.93 -31.05 23.71
CA HIS F 339 -7.59 -30.78 23.18
C HIS F 339 -7.72 -30.55 21.68
N SER F 340 -8.12 -29.34 21.33
CA SER F 340 -8.32 -28.98 19.93
C SER F 340 -6.98 -28.76 19.28
N PHE F 341 -6.71 -29.49 18.19
CA PHE F 341 -5.45 -29.28 17.49
C PHE F 341 -5.61 -29.59 16.01
N ASN F 342 -4.56 -29.27 15.26
CA ASN F 342 -4.57 -29.34 13.81
C ASN F 342 -3.56 -30.39 13.36
N CYS F 343 -4.05 -31.48 12.81
CA CYS F 343 -3.21 -32.54 12.27
C CYS F 343 -2.95 -32.26 10.80
N ARG F 344 -2.45 -33.25 10.07
CA ARG F 344 -2.07 -33.03 8.69
C ARG F 344 -3.30 -32.81 7.83
N GLY F 345 -3.94 -31.65 7.99
CA GLY F 345 -5.08 -31.25 7.18
C GLY F 345 -6.42 -31.27 7.90
N GLU F 346 -6.53 -32.00 9.00
CA GLU F 346 -7.80 -32.15 9.69
C GLU F 346 -7.73 -31.49 11.07
N PHE F 347 -8.91 -31.29 11.65
CA PHE F 347 -9.06 -30.58 12.91
C PHE F 347 -9.66 -31.55 13.94
N PHE F 348 -8.85 -31.92 14.93
CA PHE F 348 -9.21 -32.90 15.93
C PHE F 348 -9.63 -32.20 17.23
N TYR F 349 -10.57 -32.83 17.93
CA TYR F 349 -11.02 -32.36 19.24
C TYR F 349 -11.13 -33.57 20.14
N CYS F 350 -10.27 -33.65 21.16
CA CYS F 350 -10.13 -34.84 21.98
C CYS F 350 -10.60 -34.57 23.41
N ASN F 351 -11.51 -35.40 23.90
CA ASN F 351 -12.00 -35.32 25.27
C ASN F 351 -10.92 -35.86 26.20
N THR F 352 -10.17 -34.96 26.85
CA THR F 352 -9.02 -35.35 27.65
C THR F 352 -9.38 -35.71 29.07
N SER F 353 -10.62 -36.11 29.33
CA SER F 353 -11.02 -36.44 30.69
C SER F 353 -10.26 -37.65 31.24
N LYS F 354 -9.64 -38.44 30.37
CA LYS F 354 -8.96 -39.64 30.84
C LYS F 354 -7.67 -39.31 31.57
N LEU F 355 -6.88 -38.39 31.03
CA LEU F 355 -5.60 -38.05 31.66
C LEU F 355 -5.80 -37.46 33.04
N PHE F 356 -6.79 -36.58 33.19
CA PHE F 356 -7.00 -35.82 34.41
C PHE F 356 -8.10 -36.40 35.29
N ASN F 357 -8.58 -37.61 34.98
CA ASN F 357 -9.59 -38.29 35.77
C ASN F 357 -10.82 -37.43 36.04
N ASN F 366 3.67 -49.71 30.52
CA ASN F 366 3.56 -50.55 29.34
C ASN F 366 2.17 -50.42 28.72
N SER F 367 1.24 -49.88 29.49
CA SER F 367 -0.15 -49.72 29.05
C SER F 367 -0.33 -48.30 28.53
N THR F 368 -0.81 -48.18 27.29
CA THR F 368 -1.09 -46.87 26.72
C THR F 368 -2.44 -46.36 27.21
N ILE F 369 -2.65 -45.05 27.04
CA ILE F 369 -3.92 -44.41 27.33
C ILE F 369 -4.47 -43.85 26.02
N THR F 370 -5.74 -44.12 25.77
CA THR F 370 -6.42 -43.77 24.53
C THR F 370 -7.38 -42.62 24.77
N LEU F 371 -7.36 -41.62 23.89
CA LEU F 371 -8.27 -40.51 23.93
C LEU F 371 -9.24 -40.58 22.76
N PRO F 372 -10.55 -40.60 23.00
CA PRO F 372 -11.50 -40.53 21.87
C PRO F 372 -11.58 -39.11 21.33
N CYS F 373 -11.38 -38.97 20.02
CA CYS F 373 -11.30 -37.67 19.36
C CYS F 373 -12.32 -37.59 18.25
N ARG F 374 -13.12 -36.52 18.26
CA ARG F 374 -14.06 -36.21 17.20
C ARG F 374 -13.44 -35.19 16.26
N ILE F 375 -13.66 -35.37 14.96
CA ILE F 375 -13.07 -34.50 13.95
C ILE F 375 -14.13 -33.54 13.46
N LYS F 376 -13.79 -32.26 13.35
CA LYS F 376 -14.74 -31.26 12.89
C LYS F 376 -14.28 -30.66 11.57
N GLN F 377 -15.22 -30.11 10.81
CA GLN F 377 -14.91 -29.57 9.50
C GLN F 377 -15.11 -28.06 9.41
N ILE F 378 -16.30 -27.54 9.66
CA ILE F 378 -16.49 -26.09 9.65
C ILE F 378 -16.25 -25.57 11.06
N ILE F 379 -15.09 -24.95 11.26
CA ILE F 379 -14.65 -24.53 12.58
C ILE F 379 -14.61 -23.02 12.64
N ASN F 380 -14.87 -22.49 13.83
CA ASN F 380 -14.74 -21.07 14.14
C ASN F 380 -13.53 -20.94 15.05
N MET F 381 -12.35 -20.86 14.45
CA MET F 381 -11.09 -20.96 15.18
C MET F 381 -10.46 -19.58 15.32
N TRP F 382 -9.99 -19.28 16.53
CA TRP F 382 -9.69 -17.96 17.10
C TRP F 382 -10.95 -17.26 17.57
N GLN F 383 -12.13 -17.88 17.42
CA GLN F 383 -13.39 -17.37 17.96
C GLN F 383 -13.68 -15.95 17.48
N GLU F 384 -13.85 -15.82 16.17
CA GLU F 384 -14.22 -14.57 15.54
C GLU F 384 -15.69 -14.56 15.17
N VAL F 385 -16.28 -13.38 15.21
CA VAL F 385 -17.63 -13.15 14.72
C VAL F 385 -17.49 -12.69 13.28
N GLY F 386 -17.89 -13.54 12.34
CA GLY F 386 -17.68 -13.27 10.93
C GLY F 386 -16.69 -14.20 10.26
N ARG F 387 -16.10 -15.16 10.96
CA ARG F 387 -15.13 -16.07 10.38
C ARG F 387 -15.44 -17.51 10.75
N CYS F 388 -15.37 -18.39 9.75
CA CYS F 388 -15.18 -19.80 9.96
C CYS F 388 -14.33 -20.30 8.80
N MET F 389 -14.22 -21.61 8.61
CA MET F 389 -13.47 -22.16 7.49
C MET F 389 -13.88 -23.60 7.26
N TYR F 390 -13.95 -23.99 6.00
CA TYR F 390 -14.24 -25.37 5.63
C TYR F 390 -12.91 -26.05 5.33
N ALA F 391 -12.63 -27.15 6.05
CA ALA F 391 -11.39 -27.88 5.84
C ALA F 391 -11.65 -29.04 4.89
N PRO F 392 -11.15 -29.00 3.66
CA PRO F 392 -11.38 -30.09 2.74
C PRO F 392 -10.78 -31.37 3.29
N PRO F 393 -11.41 -32.51 3.06
CA PRO F 393 -10.92 -33.75 3.64
C PRO F 393 -9.58 -34.16 3.04
N ILE F 394 -8.81 -34.87 3.83
CA ILE F 394 -7.60 -35.51 3.33
C ILE F 394 -7.95 -36.93 2.95
N ALA F 395 -7.23 -37.49 1.99
CA ALA F 395 -7.57 -38.80 1.45
C ALA F 395 -7.16 -39.93 2.39
N GLY F 396 -7.71 -39.94 3.59
CA GLY F 396 -7.60 -41.08 4.49
C GLY F 396 -6.23 -41.36 5.07
N ASN F 397 -6.22 -42.15 6.15
CA ASN F 397 -5.00 -42.68 6.75
C ASN F 397 -4.02 -41.57 7.12
N ILE F 398 -4.45 -40.75 8.08
CA ILE F 398 -3.65 -39.63 8.57
C ILE F 398 -3.23 -39.90 10.00
N THR F 399 -1.97 -39.58 10.29
CA THR F 399 -1.37 -39.76 11.60
C THR F 399 -0.58 -38.52 11.95
N CYS F 400 -0.54 -38.20 13.24
CA CYS F 400 0.23 -37.07 13.72
C CYS F 400 0.99 -37.52 14.96
N LYS F 401 2.33 -37.47 14.90
CA LYS F 401 3.18 -37.78 16.03
C LYS F 401 3.80 -36.47 16.52
N SER F 402 3.61 -36.15 17.78
CA SER F 402 4.07 -34.87 18.30
C SER F 402 4.45 -35.02 19.75
N ASN F 403 4.96 -33.94 20.33
CA ASN F 403 5.38 -33.92 21.72
C ASN F 403 4.59 -32.91 22.52
N ILE F 404 3.91 -33.38 23.55
CA ILE F 404 3.28 -32.52 24.54
C ILE F 404 4.40 -31.89 25.33
N THR F 405 4.46 -30.55 25.33
CA THR F 405 5.48 -29.82 26.06
C THR F 405 4.92 -28.72 26.93
N GLY F 406 3.59 -28.58 27.02
CA GLY F 406 3.01 -27.50 27.78
C GLY F 406 1.63 -27.83 28.26
N LEU F 407 1.26 -27.24 29.40
CA LEU F 407 -0.04 -27.47 30.02
C LEU F 407 -0.66 -26.11 30.34
N LEU F 408 -1.90 -25.93 29.93
CA LEU F 408 -2.64 -24.69 30.16
C LEU F 408 -3.66 -24.95 31.25
N LEU F 409 -3.36 -24.52 32.47
CA LEU F 409 -4.13 -24.84 33.65
C LEU F 409 -4.76 -23.57 34.23
N THR F 410 -5.97 -23.73 34.75
CA THR F 410 -6.67 -22.68 35.47
C THR F 410 -7.37 -23.28 36.67
N ARG F 411 -7.58 -22.48 37.71
CA ARG F 411 -8.28 -22.95 38.90
C ARG F 411 -9.43 -22.00 39.22
N ASP F 412 -10.46 -22.56 39.87
CA ASP F 412 -11.71 -21.86 40.10
C ASP F 412 -12.03 -21.83 41.59
N GLY F 413 -12.83 -20.84 41.96
CA GLY F 413 -13.24 -20.68 43.35
C GLY F 413 -12.32 -19.80 44.16
N ASN F 418 -12.61 -25.22 49.68
CA ASN F 418 -12.05 -25.55 50.99
C ASN F 418 -10.53 -25.57 50.96
N ASN F 419 -9.94 -26.50 51.71
CA ASN F 419 -8.49 -26.61 51.79
C ASN F 419 -7.94 -27.51 50.69
N THR F 420 -8.29 -27.21 49.44
CA THR F 420 -7.78 -27.96 48.30
C THR F 420 -7.83 -27.06 47.08
N GLU F 421 -6.90 -27.29 46.14
CA GLU F 421 -6.81 -26.53 44.90
C GLU F 421 -7.03 -27.47 43.73
N THR F 422 -7.97 -27.13 42.86
CA THR F 422 -8.35 -27.95 41.72
C THR F 422 -7.96 -27.24 40.43
N PHE F 423 -7.22 -27.94 39.58
CA PHE F 423 -6.71 -27.40 38.33
C PHE F 423 -7.38 -28.08 37.15
N ARG F 424 -7.76 -27.29 36.15
CA ARG F 424 -8.43 -27.78 34.96
C ARG F 424 -7.72 -27.25 33.73
N PRO F 425 -7.60 -28.04 32.68
CA PRO F 425 -7.17 -27.49 31.40
C PRO F 425 -8.13 -26.40 30.94
N GLY F 426 -7.58 -25.34 30.38
CA GLY F 426 -8.38 -24.21 30.00
C GLY F 426 -7.75 -23.31 28.95
N GLY F 427 -8.50 -23.01 27.90
CA GLY F 427 -7.97 -22.18 26.84
C GLY F 427 -8.74 -20.89 26.67
N GLY F 428 -9.35 -20.70 25.51
CA GLY F 428 -10.06 -19.47 25.22
C GLY F 428 -9.19 -18.45 24.52
N ASP F 429 -8.25 -17.86 25.24
CA ASP F 429 -7.36 -16.88 24.65
C ASP F 429 -6.22 -17.61 23.95
N MET F 430 -6.12 -17.42 22.64
CA MET F 430 -5.09 -18.08 21.85
C MET F 430 -3.72 -17.48 22.07
N ARG F 431 -3.64 -16.22 22.50
CA ARG F 431 -2.36 -15.56 22.64
C ARG F 431 -1.40 -16.34 23.53
N ASP F 432 -1.93 -17.02 24.56
CA ASP F 432 -1.06 -17.75 25.48
C ASP F 432 -0.20 -18.77 24.74
N ASN F 433 -0.72 -19.34 23.65
CA ASN F 433 0.07 -20.31 22.91
C ASN F 433 1.34 -19.68 22.36
N TRP F 434 1.26 -18.44 21.86
CA TRP F 434 2.49 -17.77 21.46
C TRP F 434 3.32 -17.34 22.66
N ARG F 435 2.67 -17.08 23.80
CA ARG F 435 3.41 -16.62 24.96
C ARG F 435 4.34 -17.68 25.51
N SER F 436 4.08 -18.95 25.23
CA SER F 436 4.91 -20.01 25.78
C SER F 436 6.27 -20.10 25.09
N GLU F 437 6.41 -19.52 23.91
CA GLU F 437 7.68 -19.54 23.20
C GLU F 437 8.42 -18.21 23.31
N LEU F 438 7.72 -17.09 23.19
CA LEU F 438 8.34 -15.78 23.25
C LEU F 438 8.49 -15.27 24.67
N TYR F 439 8.57 -16.17 25.64
CA TYR F 439 8.71 -15.75 27.03
C TYR F 439 10.07 -15.17 27.35
N LYS F 440 11.04 -15.34 26.46
CA LYS F 440 12.40 -14.85 26.66
C LYS F 440 12.82 -13.92 25.53
N TYR F 441 11.99 -12.93 25.23
CA TYR F 441 12.32 -11.95 24.21
C TYR F 441 11.69 -10.61 24.55
N LYS F 442 12.48 -9.54 24.49
CA LYS F 442 11.95 -8.19 24.54
C LYS F 442 12.63 -7.35 23.47
N VAL F 443 11.93 -6.31 23.00
CA VAL F 443 12.44 -5.43 21.95
C VAL F 443 12.86 -4.13 22.61
N VAL F 444 14.05 -3.63 22.27
CA VAL F 444 14.55 -2.39 22.82
C VAL F 444 15.18 -1.55 21.72
N GLU F 445 14.90 -0.24 21.76
CA GLU F 445 15.53 0.71 20.85
C GLU F 445 16.81 1.26 21.46
N ILE F 446 17.78 1.53 20.60
CA ILE F 446 19.09 1.98 21.03
C ILE F 446 19.10 3.49 21.13
N LYS F 447 19.74 4.02 22.17
CA LYS F 447 19.94 5.45 22.29
C LYS F 447 21.42 5.76 22.13
N PRO F 448 21.91 5.90 20.89
CA PRO F 448 23.36 6.02 20.70
C PRO F 448 23.95 7.31 21.23
N LEU F 449 23.17 8.36 21.44
CA LEU F 449 23.71 9.65 21.86
C LEU F 449 23.86 9.65 23.37
N GLY F 450 25.10 9.67 23.85
CA GLY F 450 25.38 9.77 25.27
C GLY F 450 26.16 11.02 25.57
N ILE F 451 26.03 11.50 26.81
CA ILE F 451 26.66 12.74 27.25
C ILE F 451 27.37 12.48 28.58
N ALA F 452 28.61 12.95 28.70
CA ALA F 452 29.41 12.64 29.87
C ALA F 452 30.54 13.66 30.00
N PRO F 453 31.09 13.86 31.20
CA PRO F 453 32.10 14.90 31.38
C PRO F 453 33.53 14.42 31.22
N THR F 454 34.37 15.32 30.72
CA THR F 454 35.81 15.09 30.66
C THR F 454 36.51 16.42 30.41
N LYS F 455 37.84 16.39 30.55
CA LYS F 455 38.66 17.56 30.29
C LYS F 455 38.92 17.74 28.80
N CYS F 456 38.01 18.43 28.11
CA CYS F 456 38.14 18.67 26.68
C CYS F 456 37.62 20.06 26.36
N ASN F 457 38.44 20.88 25.74
CA ASN F 457 38.08 22.23 25.35
C ASN F 457 38.16 22.38 23.84
N ARG F 458 37.59 23.47 23.34
CA ARG F 458 37.60 23.76 21.91
C ARG F 458 38.12 25.17 21.63
C1 NAG G . 4.74 1.46 -41.84
C2 NAG G . 4.04 2.42 -40.85
C3 NAG G . 5.04 3.26 -40.02
C4 NAG G . 6.13 3.89 -40.89
C5 NAG G . 5.90 3.55 -42.35
C6 NAG G . 7.00 4.06 -43.26
C7 NAG G . 1.77 3.32 -41.12
C8 NAG G . 1.39 2.45 -39.97
N2 NAG G . 3.05 3.27 -41.50
O3 NAG G . 5.63 2.44 -39.03
O4 NAG G . 6.13 5.30 -40.71
O5 NAG G . 5.87 2.13 -42.46
O6 NAG G . 7.29 5.42 -42.98
O7 NAG G . 0.95 4.04 -41.69
C1 NAG G . 6.60 6.26 -43.93
C2 NAG G . 6.53 7.69 -43.36
C3 NAG G . 5.93 8.67 -44.37
C4 NAG G . 6.63 8.55 -45.72
C5 NAG G . 6.63 7.09 -46.18
C6 NAG G . 7.38 6.88 -47.47
C7 NAG G . 4.58 7.51 -41.74
C8 NAG G . 3.66 7.04 -42.83
N2 NAG G . 5.86 7.78 -42.06
O3 NAG G . 6.05 10.00 -43.88
O4 NAG G . 5.96 9.35 -46.69
O5 NAG G . 7.27 6.28 -45.19
O6 NAG G . 8.06 5.64 -47.48
O7 NAG G . 4.18 7.63 -40.58
C1 NAG H . -24.22 28.85 18.98
C2 NAG H . -23.59 27.53 19.50
C3 NAG H . -22.07 27.66 19.75
C4 NAG H . -21.71 28.91 20.54
C5 NAG H . -22.97 29.69 20.90
C6 NAG H . -22.67 31.00 21.60
C7 NAG H . -24.80 25.79 20.74
C8 NAG H . -24.64 24.94 19.51
N2 NAG H . -24.27 27.01 20.68
O3 NAG H . -21.40 27.66 18.51
O4 NAG H . -21.00 28.56 21.72
O5 NAG H . -23.65 29.99 19.69
O6 NAG H . -21.73 30.82 22.65
O7 NAG H . -25.38 25.37 21.73
C1 NAG H . -22.43 30.71 23.91
C2 NAG H . -21.49 30.06 24.94
C3 NAG H . -22.12 30.04 26.34
C4 NAG H . -22.64 31.42 26.71
C5 NAG H . -23.56 31.95 25.62
C6 NAG H . -24.04 33.36 25.89
C7 NAG H . -21.69 27.60 24.34
C8 NAG H . -23.19 27.63 24.52
N2 NAG H . -21.00 28.73 24.54
O3 NAG H . -21.16 29.60 27.29
O4 NAG H . -23.36 31.35 27.93
O5 NAG H . -22.85 31.99 24.38
O6 NAG H . -24.14 34.12 24.69
O7 NAG H . -21.13 26.57 24.00
C1 NAG I . 9.87 -35.47 20.58
C2 NAG I . 10.05 -35.06 19.10
C3 NAG I . 11.20 -34.05 18.89
C4 NAG I . 12.47 -34.47 19.61
C5 NAG I . 12.27 -35.81 20.31
C6 NAG I . 13.47 -36.24 21.12
C7 NAG I . 9.38 -36.43 17.17
C8 NAG I . 8.31 -35.40 16.94
N2 NAG I . 10.18 -36.20 18.22
O3 NAG I . 10.79 -32.77 19.36
O4 NAG I . 13.55 -34.57 18.68
O5 NAG I . 11.19 -35.67 21.21
O6 NAG I . 14.67 -36.11 20.36
O7 NAG I . 9.52 -37.40 16.44
C1 NAG I . 15.03 -37.39 19.81
C2 NAG I . 16.02 -37.17 18.65
C3 NAG I . 16.55 -38.50 18.10
C4 NAG I . 17.07 -39.38 19.23
C5 NAG I . 16.01 -39.53 20.31
C6 NAG I . 16.48 -40.32 21.51
C7 NAG I . 14.45 -36.52 16.76
C8 NAG I . 13.66 -37.80 16.92
N2 NAG I . 15.50 -36.31 17.59
O3 NAG I . 17.58 -38.24 17.16
O4 NAG I . 17.40 -40.66 18.73
O5 NAG I . 15.64 -38.23 20.80
O6 NAG I . 15.95 -39.81 22.72
O7 NAG I . 14.13 -35.69 15.91
C1 NAG J . 47.00 -11.08 3.49
C2 NAG J . 47.08 -11.42 4.97
C3 NAG J . 46.76 -12.90 5.19
C4 NAG J . 47.56 -13.81 4.27
C5 NAG J . 47.59 -13.31 2.83
C6 NAG J . 46.30 -13.53 2.08
C7 NAG J . 48.59 -10.29 6.55
C8 NAG J . 50.01 -10.07 6.97
N2 NAG J . 48.40 -11.11 5.51
O3 NAG J . 45.36 -13.11 5.01
O4 NAG J . 48.90 -13.93 4.75
O5 NAG J . 47.88 -11.90 2.76
O6 NAG J . 45.54 -14.59 2.64
O7 NAG J . 47.65 -9.76 7.13
C1 NAG K . 19.65 24.53 36.21
C2 NAG K . 19.35 25.99 35.97
C3 NAG K . 18.07 26.39 36.70
C4 NAG K . 18.09 25.97 38.16
C5 NAG K . 18.60 24.54 38.36
C6 NAG K . 17.59 23.48 37.98
C7 NAG K . 20.84 27.92 35.69
C8 NAG K . 22.01 28.67 36.26
N2 NAG K . 20.45 26.84 36.38
O3 NAG K . 16.94 25.83 36.03
O4 NAG K . 18.90 26.86 38.91
O5 NAG K . 19.78 24.29 37.59
O6 NAG K . 16.26 23.98 38.03
O7 NAG K . 20.28 28.28 34.67
C1 NAG L . 18.03 -4.82 -46.77
C2 NAG L . 18.66 -5.87 -47.69
C3 NAG L . 19.66 -5.23 -48.64
C4 NAG L . 19.02 -4.08 -49.40
C5 NAG L . 18.39 -3.09 -48.42
C6 NAG L . 17.62 -1.98 -49.10
C7 NAG L . 18.61 -7.96 -46.41
C8 NAG L . 19.43 -8.96 -45.64
N2 NAG L . 19.29 -6.93 -46.92
O3 NAG L . 20.14 -6.20 -49.56
O4 NAG L . 19.99 -3.39 -50.18
O5 NAG L . 17.44 -3.78 -47.56
O6 NAG L . 18.02 -1.83 -50.46
O7 NAG L . 17.41 -8.08 -46.55
C1 NAG M . -8.49 -6.33 -49.60
C2 NAG M . -9.35 -5.07 -49.63
C3 NAG M . -10.57 -5.28 -50.52
C4 NAG M . -10.14 -5.76 -51.89
C5 NAG M . -9.26 -7.00 -51.77
C6 NAG M . -8.72 -7.48 -53.09
C7 NAG M . -9.47 -3.52 -47.73
C8 NAG M . -8.69 -2.56 -48.59
N2 NAG M . -9.76 -4.70 -48.28
O3 NAG M . -11.28 -4.06 -50.64
O4 NAG M . -11.29 -6.09 -52.68
O5 NAG M . -8.13 -6.69 -50.94
O6 NAG M . -9.73 -8.11 -53.86
O7 NAG M . -9.82 -3.23 -46.59
C1 NAG N . -36.53 -21.53 -29.05
C2 NAG N . -37.87 -21.41 -28.34
C3 NAG N . -38.88 -22.33 -28.98
C4 NAG N . -39.01 -21.93 -30.44
C5 NAG N . -37.61 -21.96 -31.05
C6 NAG N . -37.64 -21.61 -32.55
C7 NAG N . -37.49 -23.00 -26.60
C8 NAG N . -37.53 -23.28 -25.13
N2 NAG N . -37.74 -21.75 -26.94
O3 NAG N . -40.09 -22.22 -28.23
O4 NAG N . -39.86 -22.81 -31.18
O5 NAG N . -36.73 -21.06 -30.36
O6 NAG N . -38.50 -22.54 -33.21
O7 NAG N . -37.26 -23.85 -27.43
C1 NAG O . -37.32 -18.12 -20.20
C2 NAG O . -37.56 -19.59 -19.97
C3 NAG O . -38.60 -20.08 -20.94
C4 NAG O . -39.87 -19.27 -20.72
C5 NAG O . -39.52 -17.81 -20.93
C6 NAG O . -40.75 -16.91 -20.79
C7 NAG O . -36.08 -20.76 -21.45
C8 NAG O . -36.36 -22.21 -21.65
N2 NAG O . -36.33 -20.30 -20.23
O3 NAG O . -38.79 -21.48 -20.70
O4 NAG O . -40.91 -19.63 -21.64
O5 NAG O . -38.52 -17.40 -20.01
O6 NAG O . -41.52 -17.00 -21.99
O7 NAG O . -35.65 -20.06 -22.35
C1 NAG P . 26.81 36.08 -18.19
C2 NAG P . 27.68 35.25 -19.10
C3 NAG P . 27.01 35.05 -20.46
C4 NAG P . 26.52 36.37 -21.05
C5 NAG P . 25.81 37.26 -20.03
C6 NAG P . 24.41 36.78 -19.69
C7 NAG P . 30.13 35.21 -19.01
C8 NAG P . 31.39 36.00 -19.23
N2 NAG P . 28.98 35.86 -19.27
O3 NAG P . 25.93 34.14 -20.34
O4 NAG P . 27.62 37.09 -21.59
O5 NAG P . 26.53 37.33 -18.79
O6 NAG P . 23.86 35.99 -20.74
O7 NAG P . 30.15 34.05 -18.61
C1 NAG Q . -21.93 43.25 13.70
C2 NAG Q . -22.60 44.48 13.06
C3 NAG Q . -22.33 45.72 13.92
C4 NAG Q . -22.75 45.47 15.36
C5 NAG Q . -22.08 44.22 15.89
C6 NAG Q . -22.54 43.84 17.28
C7 NAG Q . -22.65 44.03 10.65
C8 NAG Q . -22.06 44.37 9.31
N2 NAG Q . -22.13 44.68 11.70
O3 NAG Q . -23.07 46.81 13.38
O4 NAG Q . -22.38 46.59 16.17
O5 NAG Q . -22.38 43.10 15.05
O6 NAG Q . -23.12 44.95 17.95
O7 NAG Q . -23.55 43.21 10.78
C1 NAG R . -40.82 24.71 17.28
C2 NAG R . -40.85 23.84 18.53
C3 NAG R . -42.28 23.47 18.91
C4 NAG R . -43.14 24.72 19.02
C5 NAG R . -43.03 25.55 17.74
C6 NAG R . -43.77 26.86 17.81
C7 NAG R . -39.01 22.32 19.10
C8 NAG R . -38.69 23.27 20.22
N2 NAG R . -40.05 22.64 18.33
O3 NAG R . -42.28 22.78 20.14
O4 NAG R . -44.49 24.38 19.23
O5 NAG R . -41.65 25.86 17.49
O6 NAG R . -45.17 26.65 17.72
O7 NAG R . -38.35 21.30 18.91
C1 NAG S . -50.92 -6.82 -1.27
C2 NAG S . -51.23 -8.30 -1.28
C3 NAG S . -52.67 -8.53 -1.69
C4 NAG S . -53.54 -7.82 -0.67
C5 NAG S . -53.10 -6.35 -0.62
C6 NAG S . -53.97 -5.53 0.33
C7 NAG S . -50.51 -8.79 -3.50
C8 NAG S . -49.68 -9.67 -4.40
N2 NAG S . -50.37 -9.00 -2.22
O3 NAG S . -52.87 -9.94 -1.74
O4 NAG S . -54.94 -7.87 -1.02
O5 NAG S . -51.73 -6.25 -0.26
O6 NAG S . -55.34 -5.64 -0.08
O7 NAG S . -51.28 -7.95 -3.94
C1 NAG T . -44.10 -13.41 -1.98
C2 NAG T . -44.71 -13.48 -3.35
C3 NAG T . -46.22 -13.60 -3.23
C4 NAG T . -46.50 -14.86 -2.42
C5 NAG T . -45.82 -14.73 -1.08
C6 NAG T . -46.11 -15.92 -0.18
C7 NAG T . -45.28 -11.23 -3.96
C8 NAG T . -46.20 -11.07 -5.13
N2 NAG T . -44.43 -12.24 -4.03
O3 NAG T . -46.76 -13.65 -4.55
O4 NAG T . -47.91 -15.05 -2.20
O5 NAG T . -44.42 -14.58 -1.25
O6 NAG T . -47.42 -15.77 0.37
O7 NAG T . -45.31 -10.47 -2.99
C1 NAG U . 13.91 -33.11 35.37
C2 NAG U . 13.61 -33.47 36.83
C3 NAG U . 14.86 -34.00 37.51
C4 NAG U . 15.45 -35.15 36.72
C5 NAG U . 15.69 -34.73 35.27
C6 NAG U . 16.17 -35.86 34.39
C7 NAG U . 11.78 -31.98 37.51
C8 NAG U . 11.40 -30.78 38.32
N2 NAG U . 13.07 -32.33 37.56
O3 NAG U . 14.52 -34.45 38.83
O4 NAG U . 16.69 -35.56 37.29
O5 NAG U . 14.47 -34.24 34.70
O6 NAG U . 16.73 -36.91 35.16
O7 NAG U . 10.96 -32.60 36.84
C1 NAG V . -3.23 -46.57 19.95
C2 NAG V . -2.79 -47.18 18.61
C3 NAG V . -3.58 -48.46 18.33
C4 NAG V . -3.50 -49.42 19.50
C5 NAG V . -3.93 -48.70 20.78
C6 NAG V . -3.79 -49.58 22.01
C7 NAG V . -1.94 -45.83 16.77
C8 NAG V . -0.60 -46.43 17.08
N2 NAG V . -2.95 -46.23 17.54
O3 NAG V . -3.06 -49.08 17.16
O4 NAG V . -4.35 -50.54 19.28
O5 NAG V . -3.12 -47.55 20.98
O6 NAG V . -4.80 -50.57 22.06
O7 NAG V . -2.09 -45.02 15.86
C1 NAG W . -35.19 -37.47 1.58
C2 NAG W . -36.01 -37.44 0.32
C3 NAG W . -37.26 -38.27 0.49
C4 NAG W . -36.83 -39.69 0.79
C5 NAG W . -35.90 -39.65 2.01
C6 NAG W . -35.44 -41.04 2.43
C7 NAG W . -37.25 -35.45 0.77
C8 NAG W . -37.70 -34.11 0.27
N2 NAG W . -36.39 -36.09 0.00
O3 NAG W . -38.02 -38.14 -0.72
O4 NAG W . -37.94 -40.55 1.09
O5 NAG W . -34.77 -38.82 1.75
O6 NAG W . -36.60 -41.84 2.71
O7 NAG W . -37.65 -35.94 1.80
C1 NAG X . -34.26 -30.56 -4.88
C2 NAG X . -35.58 -30.19 -4.25
C3 NAG X . -36.48 -31.41 -4.21
C4 NAG X . -36.66 -31.89 -5.64
C5 NAG X . -35.29 -32.19 -6.21
C6 NAG X . -35.36 -32.75 -7.63
C7 NAG X . -35.37 -30.68 -1.91
C8 NAG X . -36.65 -30.71 -1.12
N2 NAG X . -35.33 -29.78 -2.89
O3 NAG X . -37.70 -31.02 -3.60
O4 NAG X . -37.45 -33.08 -5.72
O5 NAG X . -34.48 -31.03 -6.19
O6 NAG X . -35.74 -34.12 -7.56
O7 NAG X . -34.43 -31.42 -1.66
#